data_3DM8
# 
_entry.id   3DM8 
# 
_audit.revision_id     1 
_audit.creation_date   2008-06-30 
_audit.update_record   'initial release' 
# 
_audit_conform.dict_name       mmcif_pdbx.dic 
_audit_conform.dict_version    5.387 
_audit_conform.dict_location   http://mmcif.pdb.org/dictionaries/ascii/mmcif_pdbx.dic 
# 
loop_
_database_2.database_id 
_database_2.database_code 
_database_2.pdbx_database_accession 
_database_2.pdbx_DOI 
PDB   3DM8         pdb_00003dm8 10.2210/pdb3dm8/pdb 
RCSB  RCSB048213   ?            ?                   
WWPDB D_1000048213 ?            ?                   
# 
loop_
_pdbx_audit_revision_history.ordinal 
_pdbx_audit_revision_history.data_content_type 
_pdbx_audit_revision_history.major_revision 
_pdbx_audit_revision_history.minor_revision 
_pdbx_audit_revision_history.revision_date 
1 'Structure model' 1 0 2008-08-05 
2 'Structure model' 1 1 2011-07-13 
3 'Structure model' 1 2 2022-04-13 
4 'Structure model' 1 3 2024-02-21 
# 
_pdbx_audit_revision_details.ordinal             1 
_pdbx_audit_revision_details.revision_ordinal    1 
_pdbx_audit_revision_details.data_content_type   'Structure model' 
_pdbx_audit_revision_details.provider            repository 
_pdbx_audit_revision_details.type                'Initial release' 
_pdbx_audit_revision_details.description         ? 
_pdbx_audit_revision_details.details             ? 
# 
loop_
_pdbx_audit_revision_group.ordinal 
_pdbx_audit_revision_group.revision_ordinal 
_pdbx_audit_revision_group.data_content_type 
_pdbx_audit_revision_group.group 
1 2 'Structure model' Advisory                    
2 2 'Structure model' 'Version format compliance' 
3 3 'Structure model' 'Database references'       
4 3 'Structure model' 'Derived calculations'      
5 3 'Structure model' 'Structure summary'         
6 4 'Structure model' 'Data collection'           
# 
loop_
_pdbx_audit_revision_category.ordinal 
_pdbx_audit_revision_category.revision_ordinal 
_pdbx_audit_revision_category.data_content_type 
_pdbx_audit_revision_category.category 
1 3 'Structure model' audit_author    
2 3 'Structure model' citation_author 
3 3 'Structure model' database_2      
4 3 'Structure model' struct_site     
5 4 'Structure model' chem_comp_atom  
6 4 'Structure model' chem_comp_bond  
# 
loop_
_pdbx_audit_revision_item.ordinal 
_pdbx_audit_revision_item.revision_ordinal 
_pdbx_audit_revision_item.data_content_type 
_pdbx_audit_revision_item.item 
1 3 'Structure model' '_audit_author.identifier_ORCID'      
2 3 'Structure model' '_citation_author.identifier_ORCID'   
3 3 'Structure model' '_database_2.pdbx_DOI'                
4 3 'Structure model' '_database_2.pdbx_database_accession' 
5 3 'Structure model' '_struct_site.pdbx_auth_asym_id'      
6 3 'Structure model' '_struct_site.pdbx_auth_comp_id'      
7 3 'Structure model' '_struct_site.pdbx_auth_seq_id'       
# 
_pdbx_database_status.entry_id                        3DM8 
_pdbx_database_status.deposit_site                    RCSB 
_pdbx_database_status.process_site                    RCSB 
_pdbx_database_status.recvd_initial_deposition_date   2008-06-30 
_pdbx_database_status.status_code                     REL 
_pdbx_database_status.status_code_sf                  REL 
_pdbx_database_status.status_code_mr                  ? 
_pdbx_database_status.SG_entry                        Y 
_pdbx_database_status.pdb_format_compatible           Y 
_pdbx_database_status.status_code_cs                  ? 
_pdbx_database_status.status_code_nmr_data            ? 
_pdbx_database_status.methods_development_category    ? 
# 
_pdbx_database_related.db_name        TargetDB 
_pdbx_database_related.db_id          APC6271 
_pdbx_database_related.details        . 
_pdbx_database_related.content_type   unspecified 
# 
loop_
_audit_author.name 
_audit_author.pdbx_ordinal 
_audit_author.identifier_ORCID 
'Cymborowski, M.'                               1 ?                   
'Chruszcz, M.'                                  2 ?                   
'Skarina, T.'                                   3 ?                   
'Kagan, O.'                                     4 ?                   
'Savchenko, A.'                                 5 ?                   
'Edwards, A.M.'                                 6 ?                   
'Joachimiak, A.'                                7 ?                   
'Minor, W.'                                     8 0000-0001-7075-7090 
'Midwest Center for Structural Genomics (MCSG)' 9 ?                   
# 
_citation.id                        primary 
_citation.title                     'Crystal Structure of Putative Isomerase from Rhodopseudomonas palustris' 
_citation.journal_abbrev            'To be Published' 
_citation.journal_volume            ? 
_citation.page_first                ? 
_citation.page_last                 ? 
_citation.year                      ? 
_citation.journal_id_ASTM           ? 
_citation.country                   ? 
_citation.journal_id_ISSN           ? 
_citation.journal_id_CSD            0353 
_citation.book_publisher            ? 
_citation.pdbx_database_id_PubMed   ? 
_citation.pdbx_database_id_DOI      ? 
# 
loop_
_citation_author.citation_id 
_citation_author.name 
_citation_author.ordinal 
_citation_author.identifier_ORCID 
primary 'Cymborowski, M.' 1 ?                   
primary 'Minor, W.'       2 0000-0001-7075-7090 
# 
loop_
_entity.id 
_entity.type 
_entity.src_method 
_entity.pdbx_description 
_entity.formula_weight 
_entity.pdbx_number_of_molecules 
_entity.pdbx_ec 
_entity.pdbx_mutation 
_entity.pdbx_fragment 
_entity.details 
1 polymer     man 'uncharacterized protein RPA4348'    16360.834 1   ? ? ? ? 
2 non-polymer syn 'DODECYL NONA ETHYLENE GLYCOL ETHER' 582.807   1   ? ? ? ? 
3 water       nat water                                18.015    174 ? ? ? ? 
# 
_entity_poly.entity_id                      1 
_entity_poly.type                           'polypeptide(L)' 
_entity_poly.nstd_linkage                   no 
_entity_poly.nstd_monomer                   no 
_entity_poly.pdbx_seq_one_letter_code       
;MTEHSLWRFSRALHRALNDRQTEELATIIDDNIDWAIYGPIDMFPFFGARQGKAAVLEVCRQIADSVRIYRYHRESVMLG
IDSAASMVRYSLTAAGTNRPISVRMALFTQFQNGRLTNLRMVLDTFDLVEQALGRPIHLPKIA
;
_entity_poly.pdbx_seq_one_letter_code_can   
;MTEHSLWRFSRALHRALNDRQTEELATIIDDNIDWAIYGPIDMFPFFGARQGKAAVLEVCRQIADSVRIYRYHRESVMLG
IDSAASMVRYSLTAAGTNRPISVRMALFTQFQNGRLTNLRMVLDTFDLVEQALGRPIHLPKIA
;
_entity_poly.pdbx_strand_id                 A 
_entity_poly.pdbx_target_identifier         APC6271 
# 
loop_
_pdbx_entity_nonpoly.entity_id 
_pdbx_entity_nonpoly.name 
_pdbx_entity_nonpoly.comp_id 
2 'DODECYL NONA ETHYLENE GLYCOL ETHER' CE9 
3 water                                HOH 
# 
loop_
_entity_poly_seq.entity_id 
_entity_poly_seq.num 
_entity_poly_seq.mon_id 
_entity_poly_seq.hetero 
1 1   MET n 
1 2   THR n 
1 3   GLU n 
1 4   HIS n 
1 5   SER n 
1 6   LEU n 
1 7   TRP n 
1 8   ARG n 
1 9   PHE n 
1 10  SER n 
1 11  ARG n 
1 12  ALA n 
1 13  LEU n 
1 14  HIS n 
1 15  ARG n 
1 16  ALA n 
1 17  LEU n 
1 18  ASN n 
1 19  ASP n 
1 20  ARG n 
1 21  GLN n 
1 22  THR n 
1 23  GLU n 
1 24  GLU n 
1 25  LEU n 
1 26  ALA n 
1 27  THR n 
1 28  ILE n 
1 29  ILE n 
1 30  ASP n 
1 31  ASP n 
1 32  ASN n 
1 33  ILE n 
1 34  ASP n 
1 35  TRP n 
1 36  ALA n 
1 37  ILE n 
1 38  TYR n 
1 39  GLY n 
1 40  PRO n 
1 41  ILE n 
1 42  ASP n 
1 43  MET n 
1 44  PHE n 
1 45  PRO n 
1 46  PHE n 
1 47  PHE n 
1 48  GLY n 
1 49  ALA n 
1 50  ARG n 
1 51  GLN n 
1 52  GLY n 
1 53  LYS n 
1 54  ALA n 
1 55  ALA n 
1 56  VAL n 
1 57  LEU n 
1 58  GLU n 
1 59  VAL n 
1 60  CYS n 
1 61  ARG n 
1 62  GLN n 
1 63  ILE n 
1 64  ALA n 
1 65  ASP n 
1 66  SER n 
1 67  VAL n 
1 68  ARG n 
1 69  ILE n 
1 70  TYR n 
1 71  ARG n 
1 72  TYR n 
1 73  HIS n 
1 74  ARG n 
1 75  GLU n 
1 76  SER n 
1 77  VAL n 
1 78  MET n 
1 79  LEU n 
1 80  GLY n 
1 81  ILE n 
1 82  ASP n 
1 83  SER n 
1 84  ALA n 
1 85  ALA n 
1 86  SER n 
1 87  MET n 
1 88  VAL n 
1 89  ARG n 
1 90  TYR n 
1 91  SER n 
1 92  LEU n 
1 93  THR n 
1 94  ALA n 
1 95  ALA n 
1 96  GLY n 
1 97  THR n 
1 98  ASN n 
1 99  ARG n 
1 100 PRO n 
1 101 ILE n 
1 102 SER n 
1 103 VAL n 
1 104 ARG n 
1 105 MET n 
1 106 ALA n 
1 107 LEU n 
1 108 PHE n 
1 109 THR n 
1 110 GLN n 
1 111 PHE n 
1 112 GLN n 
1 113 ASN n 
1 114 GLY n 
1 115 ARG n 
1 116 LEU n 
1 117 THR n 
1 118 ASN n 
1 119 LEU n 
1 120 ARG n 
1 121 MET n 
1 122 VAL n 
1 123 LEU n 
1 124 ASP n 
1 125 THR n 
1 126 PHE n 
1 127 ASP n 
1 128 LEU n 
1 129 VAL n 
1 130 GLU n 
1 131 GLN n 
1 132 ALA n 
1 133 LEU n 
1 134 GLY n 
1 135 ARG n 
1 136 PRO n 
1 137 ILE n 
1 138 HIS n 
1 139 LEU n 
1 140 PRO n 
1 141 LYS n 
1 142 ILE n 
1 143 ALA n 
# 
_entity_src_gen.entity_id                          1 
_entity_src_gen.pdbx_src_id                        1 
_entity_src_gen.pdbx_alt_source_flag               sample 
_entity_src_gen.pdbx_seq_type                      ? 
_entity_src_gen.pdbx_beg_seq_num                   ? 
_entity_src_gen.pdbx_end_seq_num                   ? 
_entity_src_gen.gene_src_common_name               ? 
_entity_src_gen.gene_src_genus                     ? 
_entity_src_gen.pdbx_gene_src_gene                 RPA4348 
_entity_src_gen.gene_src_species                   ? 
_entity_src_gen.gene_src_strain                    ? 
_entity_src_gen.gene_src_tissue                    ? 
_entity_src_gen.gene_src_tissue_fraction           ? 
_entity_src_gen.gene_src_details                   ? 
_entity_src_gen.pdbx_gene_src_fragment             ? 
_entity_src_gen.pdbx_gene_src_scientific_name      'Rhodopseudomonas palustris' 
_entity_src_gen.pdbx_gene_src_ncbi_taxonomy_id     1076 
_entity_src_gen.pdbx_gene_src_variant              ? 
_entity_src_gen.pdbx_gene_src_cell_line            ? 
_entity_src_gen.pdbx_gene_src_atcc                 ? 
_entity_src_gen.pdbx_gene_src_organ                ? 
_entity_src_gen.pdbx_gene_src_organelle            ? 
_entity_src_gen.pdbx_gene_src_cell                 ? 
_entity_src_gen.pdbx_gene_src_cellular_location    ? 
_entity_src_gen.host_org_common_name               ? 
_entity_src_gen.pdbx_host_org_scientific_name      'ESCHERICHIA COLI' 
_entity_src_gen.pdbx_host_org_ncbi_taxonomy_id     ? 
_entity_src_gen.host_org_genus                     ? 
_entity_src_gen.pdbx_host_org_gene                 ? 
_entity_src_gen.pdbx_host_org_organ                ? 
_entity_src_gen.host_org_species                   ? 
_entity_src_gen.pdbx_host_org_tissue               ? 
_entity_src_gen.pdbx_host_org_tissue_fraction      ? 
_entity_src_gen.pdbx_host_org_strain               'BL21-CODONPLUS(DE3)-RP' 
_entity_src_gen.pdbx_host_org_variant              ? 
_entity_src_gen.pdbx_host_org_cell_line            ? 
_entity_src_gen.pdbx_host_org_atcc                 ? 
_entity_src_gen.pdbx_host_org_culture_collection   ? 
_entity_src_gen.pdbx_host_org_cell                 ? 
_entity_src_gen.pdbx_host_org_organelle            ? 
_entity_src_gen.pdbx_host_org_cellular_location    ? 
_entity_src_gen.pdbx_host_org_vector_type          PLASMID 
_entity_src_gen.pdbx_host_org_vector               ? 
_entity_src_gen.host_org_details                   ? 
_entity_src_gen.expression_system_id               ? 
_entity_src_gen.plasmid_name                       'P15TV LIC' 
_entity_src_gen.plasmid_details                    ? 
_entity_src_gen.pdbx_description                   ? 
# 
loop_
_chem_comp.id 
_chem_comp.type 
_chem_comp.mon_nstd_flag 
_chem_comp.name 
_chem_comp.pdbx_synonyms 
_chem_comp.formula 
_chem_comp.formula_weight 
ALA 'L-peptide linking' y ALANINE                              ?                     'C3 H7 N O2'     89.093  
ARG 'L-peptide linking' y ARGININE                             ?                     'C6 H15 N4 O2 1' 175.209 
ASN 'L-peptide linking' y ASPARAGINE                           ?                     'C4 H8 N2 O3'    132.118 
ASP 'L-peptide linking' y 'ASPARTIC ACID'                      ?                     'C4 H7 N O4'     133.103 
CE9 non-polymer         . 'DODECYL NONA ETHYLENE GLYCOL ETHER' 'POLYDOCANOL; THESIT' 'C30 H62 O10'    582.807 
CYS 'L-peptide linking' y CYSTEINE                             ?                     'C3 H7 N O2 S'   121.158 
GLN 'L-peptide linking' y GLUTAMINE                            ?                     'C5 H10 N2 O3'   146.144 
GLU 'L-peptide linking' y 'GLUTAMIC ACID'                      ?                     'C5 H9 N O4'     147.129 
GLY 'peptide linking'   y GLYCINE                              ?                     'C2 H5 N O2'     75.067  
HIS 'L-peptide linking' y HISTIDINE                            ?                     'C6 H10 N3 O2 1' 156.162 
HOH non-polymer         . WATER                                ?                     'H2 O'           18.015  
ILE 'L-peptide linking' y ISOLEUCINE                           ?                     'C6 H13 N O2'    131.173 
LEU 'L-peptide linking' y LEUCINE                              ?                     'C6 H13 N O2'    131.173 
LYS 'L-peptide linking' y LYSINE                               ?                     'C6 H15 N2 O2 1' 147.195 
MET 'L-peptide linking' y METHIONINE                           ?                     'C5 H11 N O2 S'  149.211 
PHE 'L-peptide linking' y PHENYLALANINE                        ?                     'C9 H11 N O2'    165.189 
PRO 'L-peptide linking' y PROLINE                              ?                     'C5 H9 N O2'     115.130 
SER 'L-peptide linking' y SERINE                               ?                     'C3 H7 N O3'     105.093 
THR 'L-peptide linking' y THREONINE                            ?                     'C4 H9 N O3'     119.119 
TRP 'L-peptide linking' y TRYPTOPHAN                           ?                     'C11 H12 N2 O2'  204.225 
TYR 'L-peptide linking' y TYROSINE                             ?                     'C9 H11 N O3'    181.189 
VAL 'L-peptide linking' y VALINE                               ?                     'C5 H11 N O2'    117.146 
# 
loop_
_pdbx_poly_seq_scheme.asym_id 
_pdbx_poly_seq_scheme.entity_id 
_pdbx_poly_seq_scheme.seq_id 
_pdbx_poly_seq_scheme.mon_id 
_pdbx_poly_seq_scheme.ndb_seq_num 
_pdbx_poly_seq_scheme.pdb_seq_num 
_pdbx_poly_seq_scheme.auth_seq_num 
_pdbx_poly_seq_scheme.pdb_mon_id 
_pdbx_poly_seq_scheme.auth_mon_id 
_pdbx_poly_seq_scheme.pdb_strand_id 
_pdbx_poly_seq_scheme.pdb_ins_code 
_pdbx_poly_seq_scheme.hetero 
A 1 1   MET 1   1   1   MET MET A . n 
A 1 2   THR 2   2   2   THR THR A . n 
A 1 3   GLU 3   3   3   GLU GLU A . n 
A 1 4   HIS 4   4   4   HIS HIS A . n 
A 1 5   SER 5   5   5   SER SER A . n 
A 1 6   LEU 6   6   6   LEU LEU A . n 
A 1 7   TRP 7   7   7   TRP TRP A . n 
A 1 8   ARG 8   8   8   ARG ARG A . n 
A 1 9   PHE 9   9   9   PHE PHE A . n 
A 1 10  SER 10  10  10  SER SER A . n 
A 1 11  ARG 11  11  11  ARG ARG A . n 
A 1 12  ALA 12  12  12  ALA ALA A . n 
A 1 13  LEU 13  13  13  LEU LEU A . n 
A 1 14  HIS 14  14  14  HIS HIS A . n 
A 1 15  ARG 15  15  15  ARG ARG A . n 
A 1 16  ALA 16  16  16  ALA ALA A . n 
A 1 17  LEU 17  17  17  LEU LEU A . n 
A 1 18  ASN 18  18  18  ASN ASN A . n 
A 1 19  ASP 19  19  19  ASP ASP A . n 
A 1 20  ARG 20  20  20  ARG ARG A . n 
A 1 21  GLN 21  21  21  GLN GLN A . n 
A 1 22  THR 22  22  22  THR THR A . n 
A 1 23  GLU 23  23  23  GLU GLU A . n 
A 1 24  GLU 24  24  24  GLU GLU A . n 
A 1 25  LEU 25  25  25  LEU LEU A . n 
A 1 26  ALA 26  26  26  ALA ALA A . n 
A 1 27  THR 27  27  27  THR THR A . n 
A 1 28  ILE 28  28  28  ILE ILE A . n 
A 1 29  ILE 29  29  29  ILE ILE A . n 
A 1 30  ASP 30  30  30  ASP ASP A . n 
A 1 31  ASP 31  31  31  ASP ASP A . n 
A 1 32  ASN 32  32  32  ASN ASN A . n 
A 1 33  ILE 33  33  33  ILE ILE A . n 
A 1 34  ASP 34  34  34  ASP ASP A . n 
A 1 35  TRP 35  35  35  TRP TRP A . n 
A 1 36  ALA 36  36  36  ALA ALA A . n 
A 1 37  ILE 37  37  37  ILE ILE A . n 
A 1 38  TYR 38  38  38  TYR TYR A . n 
A 1 39  GLY 39  39  39  GLY GLY A . n 
A 1 40  PRO 40  40  40  PRO PRO A . n 
A 1 41  ILE 41  41  41  ILE ILE A . n 
A 1 42  ASP 42  42  42  ASP ASP A . n 
A 1 43  MET 43  43  43  MET MET A . n 
A 1 44  PHE 44  44  44  PHE PHE A . n 
A 1 45  PRO 45  45  45  PRO PRO A . n 
A 1 46  PHE 46  46  46  PHE PHE A . n 
A 1 47  PHE 47  47  47  PHE PHE A . n 
A 1 48  GLY 48  48  48  GLY GLY A . n 
A 1 49  ALA 49  49  49  ALA ALA A . n 
A 1 50  ARG 50  50  50  ARG ARG A . n 
A 1 51  GLN 51  51  51  GLN GLN A . n 
A 1 52  GLY 52  52  52  GLY GLY A . n 
A 1 53  LYS 53  53  53  LYS LYS A . n 
A 1 54  ALA 54  54  54  ALA ALA A . n 
A 1 55  ALA 55  55  55  ALA ALA A . n 
A 1 56  VAL 56  56  56  VAL VAL A . n 
A 1 57  LEU 57  57  57  LEU LEU A . n 
A 1 58  GLU 58  58  58  GLU GLU A . n 
A 1 59  VAL 59  59  59  VAL VAL A . n 
A 1 60  CYS 60  60  60  CYS CYS A . n 
A 1 61  ARG 61  61  61  ARG ARG A . n 
A 1 62  GLN 62  62  62  GLN GLN A . n 
A 1 63  ILE 63  63  63  ILE ILE A . n 
A 1 64  ALA 64  64  64  ALA ALA A . n 
A 1 65  ASP 65  65  65  ASP ASP A . n 
A 1 66  SER 66  66  66  SER SER A . n 
A 1 67  VAL 67  67  67  VAL VAL A . n 
A 1 68  ARG 68  68  68  ARG ARG A . n 
A 1 69  ILE 69  69  69  ILE ILE A . n 
A 1 70  TYR 70  70  70  TYR TYR A . n 
A 1 71  ARG 71  71  71  ARG ARG A . n 
A 1 72  TYR 72  72  72  TYR TYR A . n 
A 1 73  HIS 73  73  73  HIS HIS A . n 
A 1 74  ARG 74  74  74  ARG ARG A . n 
A 1 75  GLU 75  75  75  GLU GLU A . n 
A 1 76  SER 76  76  76  SER SER A . n 
A 1 77  VAL 77  77  77  VAL VAL A . n 
A 1 78  MET 78  78  78  MET MET A . n 
A 1 79  LEU 79  79  79  LEU LEU A . n 
A 1 80  GLY 80  80  80  GLY GLY A . n 
A 1 81  ILE 81  81  81  ILE ILE A . n 
A 1 82  ASP 82  82  82  ASP ASP A . n 
A 1 83  SER 83  83  83  SER SER A . n 
A 1 84  ALA 84  84  84  ALA ALA A . n 
A 1 85  ALA 85  85  85  ALA ALA A . n 
A 1 86  SER 86  86  86  SER SER A . n 
A 1 87  MET 87  87  87  MET MET A . n 
A 1 88  VAL 88  88  88  VAL VAL A . n 
A 1 89  ARG 89  89  89  ARG ARG A . n 
A 1 90  TYR 90  90  90  TYR TYR A . n 
A 1 91  SER 91  91  91  SER SER A . n 
A 1 92  LEU 92  92  92  LEU LEU A . n 
A 1 93  THR 93  93  93  THR THR A . n 
A 1 94  ALA 94  94  94  ALA ALA A . n 
A 1 95  ALA 95  95  95  ALA ALA A . n 
A 1 96  GLY 96  96  96  GLY GLY A . n 
A 1 97  THR 97  97  97  THR THR A . n 
A 1 98  ASN 98  98  98  ASN ASN A . n 
A 1 99  ARG 99  99  99  ARG ARG A . n 
A 1 100 PRO 100 100 100 PRO PRO A . n 
A 1 101 ILE 101 101 101 ILE ILE A . n 
A 1 102 SER 102 102 102 SER SER A . n 
A 1 103 VAL 103 103 103 VAL VAL A . n 
A 1 104 ARG 104 104 104 ARG ARG A . n 
A 1 105 MET 105 105 105 MET MET A . n 
A 1 106 ALA 106 106 106 ALA ALA A . n 
A 1 107 LEU 107 107 107 LEU LEU A . n 
A 1 108 PHE 108 108 108 PHE PHE A . n 
A 1 109 THR 109 109 109 THR THR A . n 
A 1 110 GLN 110 110 110 GLN GLN A . n 
A 1 111 PHE 111 111 111 PHE PHE A . n 
A 1 112 GLN 112 112 112 GLN GLN A . n 
A 1 113 ASN 113 113 113 ASN ASN A . n 
A 1 114 GLY 114 114 114 GLY GLY A . n 
A 1 115 ARG 115 115 115 ARG ARG A . n 
A 1 116 LEU 116 116 116 LEU LEU A . n 
A 1 117 THR 117 117 117 THR THR A . n 
A 1 118 ASN 118 118 118 ASN ASN A . n 
A 1 119 LEU 119 119 119 LEU LEU A . n 
A 1 120 ARG 120 120 120 ARG ARG A . n 
A 1 121 MET 121 121 121 MET MET A . n 
A 1 122 VAL 122 122 122 VAL VAL A . n 
A 1 123 LEU 123 123 123 LEU LEU A . n 
A 1 124 ASP 124 124 124 ASP ASP A . n 
A 1 125 THR 125 125 125 THR THR A . n 
A 1 126 PHE 126 126 126 PHE PHE A . n 
A 1 127 ASP 127 127 127 ASP ASP A . n 
A 1 128 LEU 128 128 128 LEU LEU A . n 
A 1 129 VAL 129 129 129 VAL VAL A . n 
A 1 130 GLU 130 130 130 GLU GLU A . n 
A 1 131 GLN 131 131 131 GLN GLN A . n 
A 1 132 ALA 132 132 132 ALA ALA A . n 
A 1 133 LEU 133 133 133 LEU LEU A . n 
A 1 134 GLY 134 134 134 GLY GLY A . n 
A 1 135 ARG 135 135 135 ARG ARG A . n 
A 1 136 PRO 136 136 ?   ?   ?   A . n 
A 1 137 ILE 137 137 ?   ?   ?   A . n 
A 1 138 HIS 138 138 ?   ?   ?   A . n 
A 1 139 LEU 139 139 ?   ?   ?   A . n 
A 1 140 PRO 140 140 ?   ?   ?   A . n 
A 1 141 LYS 141 141 ?   ?   ?   A . n 
A 1 142 ILE 142 142 ?   ?   ?   A . n 
A 1 143 ALA 143 143 ?   ?   ?   A . n 
# 
loop_
_pdbx_nonpoly_scheme.asym_id 
_pdbx_nonpoly_scheme.entity_id 
_pdbx_nonpoly_scheme.mon_id 
_pdbx_nonpoly_scheme.ndb_seq_num 
_pdbx_nonpoly_scheme.pdb_seq_num 
_pdbx_nonpoly_scheme.auth_seq_num 
_pdbx_nonpoly_scheme.pdb_mon_id 
_pdbx_nonpoly_scheme.auth_mon_id 
_pdbx_nonpoly_scheme.pdb_strand_id 
_pdbx_nonpoly_scheme.pdb_ins_code 
B 2 CE9 1   144 1   CE9 CE9 A . 
C 3 HOH 1   145 2   HOH HOH A . 
C 3 HOH 2   146 3   HOH HOH A . 
C 3 HOH 3   147 4   HOH HOH A . 
C 3 HOH 4   148 5   HOH HOH A . 
C 3 HOH 5   149 7   HOH HOH A . 
C 3 HOH 6   150 8   HOH HOH A . 
C 3 HOH 7   151 9   HOH HOH A . 
C 3 HOH 8   152 10  HOH HOH A . 
C 3 HOH 9   153 11  HOH HOH A . 
C 3 HOH 10  154 12  HOH HOH A . 
C 3 HOH 11  155 13  HOH HOH A . 
C 3 HOH 12  156 14  HOH HOH A . 
C 3 HOH 13  157 15  HOH HOH A . 
C 3 HOH 14  158 16  HOH HOH A . 
C 3 HOH 15  159 17  HOH HOH A . 
C 3 HOH 16  160 18  HOH HOH A . 
C 3 HOH 17  161 20  HOH HOH A . 
C 3 HOH 18  162 21  HOH HOH A . 
C 3 HOH 19  163 22  HOH HOH A . 
C 3 HOH 20  164 23  HOH HOH A . 
C 3 HOH 21  165 24  HOH HOH A . 
C 3 HOH 22  166 25  HOH HOH A . 
C 3 HOH 23  167 27  HOH HOH A . 
C 3 HOH 24  168 28  HOH HOH A . 
C 3 HOH 25  169 29  HOH HOH A . 
C 3 HOH 26  170 31  HOH HOH A . 
C 3 HOH 27  171 33  HOH HOH A . 
C 3 HOH 28  172 34  HOH HOH A . 
C 3 HOH 29  173 35  HOH HOH A . 
C 3 HOH 30  174 37  HOH HOH A . 
C 3 HOH 31  175 38  HOH HOH A . 
C 3 HOH 32  176 39  HOH HOH A . 
C 3 HOH 33  177 40  HOH HOH A . 
C 3 HOH 34  178 41  HOH HOH A . 
C 3 HOH 35  179 42  HOH HOH A . 
C 3 HOH 36  180 43  HOH HOH A . 
C 3 HOH 37  181 44  HOH HOH A . 
C 3 HOH 38  182 45  HOH HOH A . 
C 3 HOH 39  183 46  HOH HOH A . 
C 3 HOH 40  184 47  HOH HOH A . 
C 3 HOH 41  185 48  HOH HOH A . 
C 3 HOH 42  186 51  HOH HOH A . 
C 3 HOH 43  187 52  HOH HOH A . 
C 3 HOH 44  188 54  HOH HOH A . 
C 3 HOH 45  189 55  HOH HOH A . 
C 3 HOH 46  190 56  HOH HOH A . 
C 3 HOH 47  191 57  HOH HOH A . 
C 3 HOH 48  192 58  HOH HOH A . 
C 3 HOH 49  193 61  HOH HOH A . 
C 3 HOH 50  194 62  HOH HOH A . 
C 3 HOH 51  195 63  HOH HOH A . 
C 3 HOH 52  196 64  HOH HOH A . 
C 3 HOH 53  197 65  HOH HOH A . 
C 3 HOH 54  198 67  HOH HOH A . 
C 3 HOH 55  199 68  HOH HOH A . 
C 3 HOH 56  200 69  HOH HOH A . 
C 3 HOH 57  201 70  HOH HOH A . 
C 3 HOH 58  202 71  HOH HOH A . 
C 3 HOH 59  203 72  HOH HOH A . 
C 3 HOH 60  204 74  HOH HOH A . 
C 3 HOH 61  205 75  HOH HOH A . 
C 3 HOH 62  206 76  HOH HOH A . 
C 3 HOH 63  207 77  HOH HOH A . 
C 3 HOH 64  208 78  HOH HOH A . 
C 3 HOH 65  209 79  HOH HOH A . 
C 3 HOH 66  210 80  HOH HOH A . 
C 3 HOH 67  211 81  HOH HOH A . 
C 3 HOH 68  212 82  HOH HOH A . 
C 3 HOH 69  213 83  HOH HOH A . 
C 3 HOH 70  214 84  HOH HOH A . 
C 3 HOH 71  215 85  HOH HOH A . 
C 3 HOH 72  216 86  HOH HOH A . 
C 3 HOH 73  217 87  HOH HOH A . 
C 3 HOH 74  218 88  HOH HOH A . 
C 3 HOH 75  219 91  HOH HOH A . 
C 3 HOH 76  220 93  HOH HOH A . 
C 3 HOH 77  221 94  HOH HOH A . 
C 3 HOH 78  222 98  HOH HOH A . 
C 3 HOH 79  223 99  HOH HOH A . 
C 3 HOH 80  224 100 HOH HOH A . 
C 3 HOH 81  225 101 HOH HOH A . 
C 3 HOH 82  226 103 HOH HOH A . 
C 3 HOH 83  227 104 HOH HOH A . 
C 3 HOH 84  228 106 HOH HOH A . 
C 3 HOH 85  229 107 HOH HOH A . 
C 3 HOH 86  230 111 HOH HOH A . 
C 3 HOH 87  231 112 HOH HOH A . 
C 3 HOH 88  232 114 HOH HOH A . 
C 3 HOH 89  233 115 HOH HOH A . 
C 3 HOH 90  234 116 HOH HOH A . 
C 3 HOH 91  235 117 HOH HOH A . 
C 3 HOH 92  236 118 HOH HOH A . 
C 3 HOH 93  237 119 HOH HOH A . 
C 3 HOH 94  238 120 HOH HOH A . 
C 3 HOH 95  239 121 HOH HOH A . 
C 3 HOH 96  240 122 HOH HOH A . 
C 3 HOH 97  241 123 HOH HOH A . 
C 3 HOH 98  242 124 HOH HOH A . 
C 3 HOH 99  243 125 HOH HOH A . 
C 3 HOH 100 244 129 HOH HOH A . 
C 3 HOH 101 245 131 HOH HOH A . 
C 3 HOH 102 246 133 HOH HOH A . 
C 3 HOH 103 247 135 HOH HOH A . 
C 3 HOH 104 248 136 HOH HOH A . 
C 3 HOH 105 249 137 HOH HOH A . 
C 3 HOH 106 250 138 HOH HOH A . 
C 3 HOH 107 251 139 HOH HOH A . 
C 3 HOH 108 252 140 HOH HOH A . 
C 3 HOH 109 253 141 HOH HOH A . 
C 3 HOH 110 254 142 HOH HOH A . 
C 3 HOH 111 255 143 HOH HOH A . 
C 3 HOH 112 256 144 HOH HOH A . 
C 3 HOH 113 257 146 HOH HOH A . 
C 3 HOH 114 258 147 HOH HOH A . 
C 3 HOH 115 259 149 HOH HOH A . 
C 3 HOH 116 260 150 HOH HOH A . 
C 3 HOH 117 261 151 HOH HOH A . 
C 3 HOH 118 262 152 HOH HOH A . 
C 3 HOH 119 263 153 HOH HOH A . 
C 3 HOH 120 264 154 HOH HOH A . 
C 3 HOH 121 265 155 HOH HOH A . 
C 3 HOH 122 266 156 HOH HOH A . 
C 3 HOH 123 267 157 HOH HOH A . 
C 3 HOH 124 268 158 HOH HOH A . 
C 3 HOH 125 269 159 HOH HOH A . 
C 3 HOH 126 270 160 HOH HOH A . 
C 3 HOH 127 271 161 HOH HOH A . 
C 3 HOH 128 272 162 HOH HOH A . 
C 3 HOH 129 273 163 HOH HOH A . 
C 3 HOH 130 274 164 HOH HOH A . 
C 3 HOH 131 275 165 HOH HOH A . 
C 3 HOH 132 276 166 HOH HOH A . 
C 3 HOH 133 277 167 HOH HOH A . 
C 3 HOH 134 278 168 HOH HOH A . 
C 3 HOH 135 279 169 HOH HOH A . 
C 3 HOH 136 280 170 HOH HOH A . 
C 3 HOH 137 281 171 HOH HOH A . 
C 3 HOH 138 282 172 HOH HOH A . 
C 3 HOH 139 283 173 HOH HOH A . 
C 3 HOH 140 284 174 HOH HOH A . 
C 3 HOH 141 285 175 HOH HOH A . 
C 3 HOH 142 286 176 HOH HOH A . 
C 3 HOH 143 287 177 HOH HOH A . 
C 3 HOH 144 288 178 HOH HOH A . 
C 3 HOH 145 289 179 HOH HOH A . 
C 3 HOH 146 290 180 HOH HOH A . 
C 3 HOH 147 291 181 HOH HOH A . 
C 3 HOH 148 292 182 HOH HOH A . 
C 3 HOH 149 293 183 HOH HOH A . 
C 3 HOH 150 294 184 HOH HOH A . 
C 3 HOH 151 295 185 HOH HOH A . 
C 3 HOH 152 296 186 HOH HOH A . 
C 3 HOH 153 297 187 HOH HOH A . 
C 3 HOH 154 298 188 HOH HOH A . 
C 3 HOH 155 299 189 HOH HOH A . 
C 3 HOH 156 300 190 HOH HOH A . 
C 3 HOH 157 301 191 HOH HOH A . 
C 3 HOH 158 302 192 HOH HOH A . 
C 3 HOH 159 303 194 HOH HOH A . 
C 3 HOH 160 304 195 HOH HOH A . 
C 3 HOH 161 305 196 HOH HOH A . 
C 3 HOH 162 306 197 HOH HOH A . 
C 3 HOH 163 307 199 HOH HOH A . 
C 3 HOH 164 308 200 HOH HOH A . 
C 3 HOH 165 309 201 HOH HOH A . 
C 3 HOH 166 310 202 HOH HOH A . 
C 3 HOH 167 311 203 HOH HOH A . 
C 3 HOH 168 312 204 HOH HOH A . 
C 3 HOH 169 313 205 HOH HOH A . 
C 3 HOH 170 314 206 HOH HOH A . 
C 3 HOH 171 315 207 HOH HOH A . 
C 3 HOH 172 316 208 HOH HOH A . 
C 3 HOH 173 317 209 HOH HOH A . 
C 3 HOH 174 318 210 HOH HOH A . 
# 
loop_
_pdbx_unobs_or_zero_occ_atoms.id 
_pdbx_unobs_or_zero_occ_atoms.PDB_model_num 
_pdbx_unobs_or_zero_occ_atoms.polymer_flag 
_pdbx_unobs_or_zero_occ_atoms.occupancy_flag 
_pdbx_unobs_or_zero_occ_atoms.auth_asym_id 
_pdbx_unobs_or_zero_occ_atoms.auth_comp_id 
_pdbx_unobs_or_zero_occ_atoms.auth_seq_id 
_pdbx_unobs_or_zero_occ_atoms.PDB_ins_code 
_pdbx_unobs_or_zero_occ_atoms.auth_atom_id 
_pdbx_unobs_or_zero_occ_atoms.label_alt_id 
_pdbx_unobs_or_zero_occ_atoms.label_asym_id 
_pdbx_unobs_or_zero_occ_atoms.label_comp_id 
_pdbx_unobs_or_zero_occ_atoms.label_seq_id 
_pdbx_unobs_or_zero_occ_atoms.label_atom_id 
1  1 Y 1 A ARG 71  ? NE  ? A ARG 71  NE  
2  1 Y 1 A ARG 71  ? CZ  ? A ARG 71  CZ  
3  1 Y 1 A ARG 71  ? NH1 ? A ARG 71  NH1 
4  1 Y 1 A ARG 71  ? NH2 ? A ARG 71  NH2 
5  1 Y 1 A GLN 112 ? CD  ? A GLN 112 CD  
6  1 Y 1 A GLN 112 ? OE1 ? A GLN 112 OE1 
7  1 Y 1 A GLN 112 ? NE2 ? A GLN 112 NE2 
8  1 N 1 A CE9 144 ? C1  ? B CE9 1   C1  
9  1 N 1 A CE9 144 ? C2  ? B CE9 1   C2  
10 1 N 1 A CE9 144 ? C3  ? B CE9 1   C3  
11 1 N 1 A CE9 144 ? C4  ? B CE9 1   C4  
12 1 N 1 A CE9 144 ? C5  ? B CE9 1   C5  
13 1 N 1 A CE9 144 ? C6  ? B CE9 1   C6  
14 1 N 1 A CE9 144 ? C7  ? B CE9 1   C7  
15 1 N 1 A CE9 144 ? C8  ? B CE9 1   C8  
16 1 N 1 A CE9 144 ? C9  ? B CE9 1   C9  
17 1 N 1 A CE9 144 ? C10 ? B CE9 1   C10 
18 1 N 1 A CE9 144 ? C11 ? B CE9 1   C11 
19 1 N 1 A CE9 144 ? C12 ? B CE9 1   C12 
20 1 N 1 A CE9 144 ? O13 ? B CE9 1   O13 
21 1 N 1 A CE9 144 ? C14 ? B CE9 1   C14 
22 1 N 1 A CE9 144 ? C15 ? B CE9 1   C15 
23 1 N 1 A CE9 144 ? O16 ? B CE9 1   O16 
24 1 N 1 A CE9 144 ? C17 ? B CE9 1   C17 
25 1 N 1 A CE9 144 ? C18 ? B CE9 1   C18 
26 1 N 1 A CE9 144 ? O19 ? B CE9 1   O19 
27 1 N 1 A CE9 144 ? C20 ? B CE9 1   C20 
28 1 N 1 A CE9 144 ? C21 ? B CE9 1   C21 
29 1 N 1 A CE9 144 ? O22 ? B CE9 1   O22 
30 1 N 1 A CE9 144 ? C23 ? B CE9 1   C23 
31 1 N 1 A CE9 144 ? C24 ? B CE9 1   C24 
32 1 N 1 A CE9 144 ? O25 ? B CE9 1   O25 
33 1 N 1 A CE9 144 ? C26 ? B CE9 1   C26 
34 1 N 1 A CE9 144 ? C27 ? B CE9 1   C27 
35 1 N 1 A CE9 144 ? O28 ? B CE9 1   O28 
# 
loop_
_software.name 
_software.classification 
_software.version 
_software.citation_id 
_software.pdbx_ordinal 
HKL-2000 'data collection' .        ? 1  
HKL-2000 'data reduction'  .        ? 2  
HKL-3000 phasing           .        ? 3  
MLPHARE  phasing           .        ? 4  
DM       'model building'  .        ? 5  
SHELXD   phasing           .        ? 6  
ARP/wARP 'model building'  .        ? 7  
Coot     'model building'  .        ? 8  
REFMAC   refinement        5.4.0069 ? 9  
HKL-2000 'data scaling'    .        ? 10 
DM       phasing           .        ? 11 
# 
_cell.entry_id           3DM8 
_cell.length_a           40.593 
_cell.length_b           84.071 
_cell.length_c           97.211 
_cell.angle_alpha        90.00 
_cell.angle_beta         90.00 
_cell.angle_gamma        90.00 
_cell.Z_PDB              8 
_cell.pdbx_unique_axis   ? 
_cell.length_a_esd       ? 
_cell.length_b_esd       ? 
_cell.length_c_esd       ? 
_cell.angle_alpha_esd    ? 
_cell.angle_beta_esd     ? 
_cell.angle_gamma_esd    ? 
# 
_symmetry.entry_id                         3DM8 
_symmetry.space_group_name_H-M             'C 2 2 21' 
_symmetry.pdbx_full_space_group_name_H-M   ? 
_symmetry.cell_setting                     ? 
_symmetry.Int_Tables_number                20 
_symmetry.space_group_name_Hall            ? 
# 
_exptl.entry_id          3DM8 
_exptl.method            'X-RAY DIFFRACTION' 
_exptl.crystals_number   1 
# 
_exptl_crystal.id                    1 
_exptl_crystal.density_meas          ? 
_exptl_crystal.density_Matthews      2.53 
_exptl_crystal.density_percent_sol   51.46 
_exptl_crystal.description           ? 
_exptl_crystal.F_000                 ? 
_exptl_crystal.preparation           ? 
# 
_exptl_crystal_grow.crystal_id      1 
_exptl_crystal_grow.method          'VAPOR DIFFUSION' 
_exptl_crystal_grow.temp            294 
_exptl_crystal_grow.temp_details    ? 
_exptl_crystal_grow.pH              7.5 
_exptl_crystal_grow.pdbx_details    'PEG400 15%, MgCl2 0.2M, 0.1M Hepes, pH 7.5, VAPOR DIFFUSION, temperature 294K' 
_exptl_crystal_grow.pdbx_pH_range   . 
# 
_diffrn.id                     1 
_diffrn.ambient_temp           100.0 
_diffrn.ambient_temp_details   ? 
_diffrn.crystal_id             1 
# 
_diffrn_detector.diffrn_id              1 
_diffrn_detector.detector               CCD 
_diffrn_detector.type                   APS-1 
_diffrn_detector.pdbx_collection_date   2007-02-08 
_diffrn_detector.details                MIRROR 
# 
_diffrn_radiation.diffrn_id                        1 
_diffrn_radiation.wavelength_id                    1 
_diffrn_radiation.pdbx_monochromatic_or_laue_m_l   M 
_diffrn_radiation.monochromator                    'SI-111 CHANNEL' 
_diffrn_radiation.pdbx_diffrn_protocol             'SINGLE WAVELENGTH' 
_diffrn_radiation.pdbx_scattering_type             x-ray 
# 
_diffrn_radiation_wavelength.id           1 
_diffrn_radiation_wavelength.wavelength   0.97912 
_diffrn_radiation_wavelength.wt           1.0 
# 
_diffrn_source.pdbx_wavelength             0.97912 
_diffrn_source.pdbx_wavelength_list        0.97912 
_diffrn_source.diffrn_id                   1 
_diffrn_source.source                      SYNCHROTRON 
_diffrn_source.type                        'APS BEAMLINE 19-BM' 
_diffrn_source.pdbx_synchrotron_site       APS 
_diffrn_source.pdbx_synchrotron_beamline   19-BM 
# 
_reflns.entry_id                     3DM8 
_reflns.observed_criterion_sigma_I   -3.000 
_reflns.observed_criterion_sigma_F   ? 
_reflns.d_resolution_low             48.620 
_reflns.d_resolution_high            1.800 
_reflns.number_obs                   15870 
_reflns.number_all                   15870 
_reflns.percent_possible_obs         99.9 
_reflns.pdbx_Rmerge_I_obs            0.057 
_reflns.pdbx_Rsym_value              0.057 
_reflns.pdbx_netI_over_sigmaI        35.0000 
_reflns.B_iso_Wilson_estimate        ? 
_reflns.pdbx_redundancy              7.500 
_reflns.R_free_details               ? 
_reflns.limit_h_max                  ? 
_reflns.limit_h_min                  ? 
_reflns.limit_k_max                  ? 
_reflns.limit_k_min                  ? 
_reflns.limit_l_max                  ? 
_reflns.limit_l_min                  ? 
_reflns.observed_criterion_F_max     ? 
_reflns.observed_criterion_F_min     ? 
_reflns.pdbx_chi_squared             ? 
_reflns.pdbx_scaling_rejects         ? 
_reflns.pdbx_ordinal                 1 
_reflns.pdbx_diffrn_id               1 
# 
_reflns_shell.d_res_high             1.80 
_reflns_shell.d_res_low              1.86 
_reflns_shell.percent_possible_all   96.3 
_reflns_shell.Rmerge_I_obs           0.322 
_reflns_shell.pdbx_Rsym_value        0.322 
_reflns_shell.meanI_over_sigI_obs    6.200 
_reflns_shell.pdbx_redundancy        7.10 
_reflns_shell.percent_possible_obs   ? 
_reflns_shell.number_unique_all      ? 
_reflns_shell.number_measured_all    ? 
_reflns_shell.number_measured_obs    ? 
_reflns_shell.number_unique_obs      ? 
_reflns_shell.pdbx_chi_squared       ? 
_reflns_shell.pdbx_ordinal           1 
_reflns_shell.pdbx_diffrn_id         1 
# 
_refine.entry_id                                 3DM8 
_refine.ls_number_reflns_obs                     15828 
_refine.ls_number_reflns_all                     15828 
_refine.pdbx_ls_sigma_I                          ? 
_refine.pdbx_ls_sigma_F                          0.000 
_refine.pdbx_data_cutoff_high_absF               ? 
_refine.pdbx_data_cutoff_low_absF                ? 
_refine.pdbx_data_cutoff_high_rms_absF           ? 
_refine.ls_d_res_low                             48.62 
_refine.ls_d_res_high                            1.80 
_refine.ls_percent_reflns_obs                    ? 
_refine.ls_R_factor_obs                          0.18 
_refine.ls_R_factor_all                          0.18 
_refine.ls_R_factor_R_work                       0.178 
_refine.ls_R_factor_R_free                       0.216 
_refine.ls_R_factor_R_free_error                 ? 
_refine.ls_R_factor_R_free_error_details         ? 
_refine.ls_percent_reflns_R_free                 5.000 
_refine.ls_number_reflns_R_free                  790 
_refine.ls_number_parameters                     ? 
_refine.ls_number_restraints                     ? 
_refine.occupancy_min                            ? 
_refine.occupancy_max                            ? 
_refine.correlation_coeff_Fo_to_Fc               0.952 
_refine.correlation_coeff_Fo_to_Fc_free          0.935 
_refine.B_iso_mean                               15.62 
_refine.aniso_B[1][1]                            -0.08000 
_refine.aniso_B[2][2]                            0.32000 
_refine.aniso_B[3][3]                            -0.24000 
_refine.aniso_B[1][2]                            0.00000 
_refine.aniso_B[1][3]                            0.00000 
_refine.aniso_B[2][3]                            0.00000 
_refine.solvent_model_details                    'BABINET MODEL WITH MASK' 
_refine.solvent_model_param_ksol                 ? 
_refine.solvent_model_param_bsol                 ? 
_refine.pdbx_solvent_vdw_probe_radii             1.20 
_refine.pdbx_solvent_ion_probe_radii             0.80 
_refine.pdbx_solvent_shrinkage_radii             0.80 
_refine.pdbx_ls_cross_valid_method               THROUGHOUT 
_refine.details                                  'HYDROGENS HAVE BEEN ADDED IN THE RIDING POSITIONS' 
_refine.pdbx_starting_model                      ? 
_refine.pdbx_method_to_determine_struct          SIR/SIRAS 
_refine.pdbx_isotropic_thermal_model             ? 
_refine.pdbx_stereochemistry_target_values       'MAXIMUM LIKELIHOOD' 
_refine.pdbx_stereochem_target_val_spec_case     ? 
_refine.pdbx_R_Free_selection_details            RANDOM 
_refine.pdbx_overall_ESU_R                       0.117 
_refine.pdbx_overall_ESU_R_Free                  0.116 
_refine.overall_SU_ML                            0.072 
_refine.overall_SU_B                             4.219 
_refine.ls_redundancy_reflns_obs                 ? 
_refine.B_iso_min                                ? 
_refine.B_iso_max                                ? 
_refine.overall_SU_R_Cruickshank_DPI             ? 
_refine.overall_SU_R_free                        ? 
_refine.ls_wR_factor_R_free                      ? 
_refine.ls_wR_factor_R_work                      ? 
_refine.overall_FOM_free_R_set                   ? 
_refine.overall_FOM_work_R_set                   ? 
_refine.pdbx_overall_phase_error                 ? 
_refine.pdbx_refine_id                           'X-RAY DIFFRACTION' 
_refine.pdbx_TLS_residual_ADP_flag               'LIKELY RESIDUAL' 
_refine.pdbx_diffrn_id                           1 
_refine.pdbx_overall_SU_R_free_Cruickshank_DPI   ? 
_refine.pdbx_overall_SU_R_Blow_DPI               ? 
_refine.pdbx_overall_SU_R_free_Blow_DPI          ? 
# 
_refine_hist.pdbx_refine_id                   'X-RAY DIFFRACTION' 
_refine_hist.cycle_id                         LAST 
_refine_hist.pdbx_number_atoms_protein        1079 
_refine_hist.pdbx_number_atoms_nucleic_acid   0 
_refine_hist.pdbx_number_atoms_ligand         12 
_refine_hist.number_atoms_solvent             174 
_refine_hist.number_atoms_total               1265 
_refine_hist.d_res_high                       1.80 
_refine_hist.d_res_low                        48.62 
# 
loop_
_refine_ls_restr.type 
_refine_ls_restr.dev_ideal 
_refine_ls_restr.dev_ideal_target 
_refine_ls_restr.weight 
_refine_ls_restr.number 
_refine_ls_restr.pdbx_refine_id 
_refine_ls_restr.pdbx_restraint_function 
r_bond_refined_d             0.019  0.022  ? 1129 'X-RAY DIFFRACTION' ? 
r_bond_other_d               0.001  0.020  ? 782  'X-RAY DIFFRACTION' ? 
r_angle_refined_deg          1.705  1.947  ? 1528 'X-RAY DIFFRACTION' ? 
r_angle_other_deg            1.428  3.000  ? 1880 'X-RAY DIFFRACTION' ? 
r_dihedral_angle_1_deg       6.437  5.000  ? 142  'X-RAY DIFFRACTION' ? 
r_dihedral_angle_2_deg       32.408 22.143 ? 56   'X-RAY DIFFRACTION' ? 
r_dihedral_angle_3_deg       15.818 15.000 ? 192  'X-RAY DIFFRACTION' ? 
r_dihedral_angle_4_deg       17.454 15.000 ? 14   'X-RAY DIFFRACTION' ? 
r_chiral_restr               0.109  0.200  ? 171  'X-RAY DIFFRACTION' ? 
r_gen_planes_refined         0.008  0.020  ? 1262 'X-RAY DIFFRACTION' ? 
r_gen_planes_other           0.002  0.020  ? 258  'X-RAY DIFFRACTION' ? 
r_nbd_refined                ?      ?      ? ?    'X-RAY DIFFRACTION' ? 
r_nbd_other                  ?      ?      ? ?    'X-RAY DIFFRACTION' ? 
r_nbtor_refined              ?      ?      ? ?    'X-RAY DIFFRACTION' ? 
r_nbtor_other                ?      ?      ? ?    'X-RAY DIFFRACTION' ? 
r_xyhbond_nbd_refined        ?      ?      ? ?    'X-RAY DIFFRACTION' ? 
r_xyhbond_nbd_other          ?      ?      ? ?    'X-RAY DIFFRACTION' ? 
r_metal_ion_refined          ?      ?      ? ?    'X-RAY DIFFRACTION' ? 
r_metal_ion_other            ?      ?      ? ?    'X-RAY DIFFRACTION' ? 
r_symmetry_vdw_refined       ?      ?      ? ?    'X-RAY DIFFRACTION' ? 
r_symmetry_vdw_other         ?      ?      ? ?    'X-RAY DIFFRACTION' ? 
r_symmetry_hbond_refined     ?      ?      ? ?    'X-RAY DIFFRACTION' ? 
r_symmetry_hbond_other       ?      ?      ? ?    'X-RAY DIFFRACTION' ? 
r_symmetry_metal_ion_refined ?      ?      ? ?    'X-RAY DIFFRACTION' ? 
r_symmetry_metal_ion_other   ?      ?      ? ?    'X-RAY DIFFRACTION' ? 
r_mcbond_it                  1.001  1.500  ? 682  'X-RAY DIFFRACTION' ? 
r_mcbond_other               0.333  1.500  ? 277  'X-RAY DIFFRACTION' ? 
r_mcangle_it                 1.868  2.000  ? 1101 'X-RAY DIFFRACTION' ? 
r_scbond_it                  3.237  3.000  ? 447  'X-RAY DIFFRACTION' ? 
r_scangle_it                 5.083  4.500  ? 423  'X-RAY DIFFRACTION' ? 
r_rigid_bond_restr           ?      ?      ? ?    'X-RAY DIFFRACTION' ? 
r_sphericity_free            ?      ?      ? ?    'X-RAY DIFFRACTION' ? 
r_sphericity_bonded          ?      ?      ? ?    'X-RAY DIFFRACTION' ? 
# 
_refine_ls_shell.pdbx_total_number_of_bins_used   20 
_refine_ls_shell.d_res_high                       1.80 
_refine_ls_shell.d_res_low                        1.84 
_refine_ls_shell.number_reflns_R_work             1058 
_refine_ls_shell.R_factor_R_work                  0.193 
_refine_ls_shell.percent_reflns_obs               96.27 
_refine_ls_shell.R_factor_R_free                  0.226 
_refine_ls_shell.R_factor_R_free_error            ? 
_refine_ls_shell.percent_reflns_R_free            ? 
_refine_ls_shell.number_reflns_R_free             51 
_refine_ls_shell.number_reflns_obs                ? 
_refine_ls_shell.redundancy_reflns_obs            ? 
_refine_ls_shell.number_reflns_all                ? 
_refine_ls_shell.R_factor_all                     ? 
_refine_ls_shell.pdbx_refine_id                   'X-RAY DIFFRACTION' 
# 
_struct.entry_id                  3DM8 
_struct.title                     'Crystal Structure of Putative Isomerase from Rhodopseudomonas palustris' 
_struct.pdbx_model_details        ? 
_struct.pdbx_CASP_flag            ? 
_struct.pdbx_model_type_details   ? 
# 
_struct_keywords.entry_id        3DM8 
_struct_keywords.pdbx_keywords   'structural genomics, unknown function' 
_struct_keywords.text            
;SIRAS, Putative Isomerase, Structural Genomics, PSI-2, Protein Structure Initiative, Midwest Center for Structural Genomics, MCSG, unknown function
;
# 
loop_
_struct_asym.id 
_struct_asym.pdbx_blank_PDB_chainid_flag 
_struct_asym.pdbx_modified 
_struct_asym.entity_id 
_struct_asym.details 
A N N 1 ? 
B N N 2 ? 
C N N 3 ? 
# 
_struct_ref.id                         1 
_struct_ref.db_name                    UNP 
_struct_ref.db_code                    Q6N1Q6_RHOPA 
_struct_ref.pdbx_db_accession          Q6N1Q6 
_struct_ref.entity_id                  1 
_struct_ref.pdbx_seq_one_letter_code   
;MTEHSLWRFSRALHRALNDRQTEELATIIDDNIDWAIYGPIDMFPFFGARQGKAAVLEVCRQIADSVRIYRYHRESVMLG
IDSAASMVRYSLTAAGTNRPISVRMALFTQFQNGRLTNLRMVLDTFDLVEQALGRPIHLPKIA
;
_struct_ref.pdbx_align_begin           1 
_struct_ref.pdbx_db_isoform            ? 
# 
_struct_ref_seq.align_id                      1 
_struct_ref_seq.ref_id                        1 
_struct_ref_seq.pdbx_PDB_id_code              3DM8 
_struct_ref_seq.pdbx_strand_id                A 
_struct_ref_seq.seq_align_beg                 1 
_struct_ref_seq.pdbx_seq_align_beg_ins_code   ? 
_struct_ref_seq.seq_align_end                 143 
_struct_ref_seq.pdbx_seq_align_end_ins_code   ? 
_struct_ref_seq.pdbx_db_accession             Q6N1Q6 
_struct_ref_seq.db_align_beg                  1 
_struct_ref_seq.pdbx_db_align_beg_ins_code    ? 
_struct_ref_seq.db_align_end                  143 
_struct_ref_seq.pdbx_db_align_end_ins_code    ? 
_struct_ref_seq.pdbx_auth_seq_align_beg       1 
_struct_ref_seq.pdbx_auth_seq_align_end       143 
# 
_pdbx_struct_assembly.id                   1 
_pdbx_struct_assembly.details              author_and_software_defined_assembly 
_pdbx_struct_assembly.method_details       PISA 
_pdbx_struct_assembly.oligomeric_details   dimeric 
_pdbx_struct_assembly.oligomeric_count     2 
# 
loop_
_pdbx_struct_assembly_prop.biol_id 
_pdbx_struct_assembly_prop.type 
_pdbx_struct_assembly_prop.value 
_pdbx_struct_assembly_prop.details 
1 'ABSA (A^2)' 1810  ? 
1 MORE         -22   ? 
1 'SSA (A^2)'  13760 ? 
# 
_pdbx_struct_assembly_gen.assembly_id       1 
_pdbx_struct_assembly_gen.oper_expression   1,2 
_pdbx_struct_assembly_gen.asym_id_list      A,B,C 
# 
loop_
_pdbx_struct_oper_list.id 
_pdbx_struct_oper_list.type 
_pdbx_struct_oper_list.name 
_pdbx_struct_oper_list.symmetry_operation 
_pdbx_struct_oper_list.matrix[1][1] 
_pdbx_struct_oper_list.matrix[1][2] 
_pdbx_struct_oper_list.matrix[1][3] 
_pdbx_struct_oper_list.vector[1] 
_pdbx_struct_oper_list.matrix[2][1] 
_pdbx_struct_oper_list.matrix[2][2] 
_pdbx_struct_oper_list.matrix[2][3] 
_pdbx_struct_oper_list.vector[2] 
_pdbx_struct_oper_list.matrix[3][1] 
_pdbx_struct_oper_list.matrix[3][2] 
_pdbx_struct_oper_list.matrix[3][3] 
_pdbx_struct_oper_list.vector[3] 
1 'identity operation'         1_555 x,y,z       1.0000000000  0.0000000000 0.0000000000  0.0000000000  0.0000000000 1.0000000000  0.0000000000  0.0000000000  0.0000000000  0.0000000000  1.0000000000 0.0000000000 
2 'crystal symmetry operation' 4_566 x,-y+1,-z+1 -0.7537211761 0.1799397475 -0.6320807512 -7.1226568069 0.1799397475 -0.8685298548 -0.4618198550 23.4312406765 -0.6320807512 -0.4618198550 0.6222510309 3.8951541947 
# 
_struct_biol.id   1 
# 
loop_
_struct_conf.conf_type_id 
_struct_conf.id 
_struct_conf.pdbx_PDB_helix_id 
_struct_conf.beg_label_comp_id 
_struct_conf.beg_label_asym_id 
_struct_conf.beg_label_seq_id 
_struct_conf.pdbx_beg_PDB_ins_code 
_struct_conf.end_label_comp_id 
_struct_conf.end_label_asym_id 
_struct_conf.end_label_seq_id 
_struct_conf.pdbx_end_PDB_ins_code 
_struct_conf.beg_auth_comp_id 
_struct_conf.beg_auth_asym_id 
_struct_conf.beg_auth_seq_id 
_struct_conf.end_auth_comp_id 
_struct_conf.end_auth_asym_id 
_struct_conf.end_auth_seq_id 
_struct_conf.pdbx_PDB_helix_class 
_struct_conf.details 
_struct_conf.pdbx_PDB_helix_length 
HELX_P HELX_P1 1 HIS A 4   ? ARG A 20  ? HIS A 4   ARG A 20  1 ? 17 
HELX_P HELX_P2 2 THR A 22  ? ILE A 28  ? THR A 22  ILE A 28  1 ? 7  
HELX_P HELX_P3 3 GLY A 52  ? SER A 66  ? GLY A 52  SER A 66  1 ? 15 
HELX_P HELX_P4 4 ASP A 124 ? GLY A 134 ? ASP A 124 GLY A 134 1 ? 11 
# 
_struct_conf_type.id          HELX_P 
_struct_conf_type.criteria    ? 
_struct_conf_type.reference   ? 
# 
_struct_sheet.id               A 
_struct_sheet.type             ? 
_struct_sheet.number_strands   6 
_struct_sheet.details          ? 
# 
loop_
_struct_sheet_order.sheet_id 
_struct_sheet_order.range_id_1 
_struct_sheet_order.range_id_2 
_struct_sheet_order.offset 
_struct_sheet_order.sense 
A 1 2 ? anti-parallel 
A 2 3 ? parallel      
A 3 4 ? anti-parallel 
A 4 5 ? anti-parallel 
A 5 6 ? anti-parallel 
# 
loop_
_struct_sheet_range.sheet_id 
_struct_sheet_range.id 
_struct_sheet_range.beg_label_comp_id 
_struct_sheet_range.beg_label_asym_id 
_struct_sheet_range.beg_label_seq_id 
_struct_sheet_range.pdbx_beg_PDB_ins_code 
_struct_sheet_range.end_label_comp_id 
_struct_sheet_range.end_label_asym_id 
_struct_sheet_range.end_label_seq_id 
_struct_sheet_range.pdbx_end_PDB_ins_code 
_struct_sheet_range.beg_auth_comp_id 
_struct_sheet_range.beg_auth_asym_id 
_struct_sheet_range.beg_auth_seq_id 
_struct_sheet_range.end_auth_comp_id 
_struct_sheet_range.end_auth_asym_id 
_struct_sheet_range.end_auth_seq_id 
A 1 GLY A 48  ? GLN A 51  ? GLY A 48  GLN A 51  
A 2 ILE A 29  ? TYR A 38  ? ILE A 29  TYR A 38  
A 3 ARG A 115 ? LEU A 123 ? ARG A 115 LEU A 123 
A 4 PRO A 100 ? GLN A 112 ? PRO A 100 GLN A 112 
A 5 SER A 83  ? ALA A 94  ? SER A 83  ALA A 94  
A 6 VAL A 67  ? LEU A 79  ? VAL A 67  LEU A 79  
# 
loop_
_pdbx_struct_sheet_hbond.sheet_id 
_pdbx_struct_sheet_hbond.range_id_1 
_pdbx_struct_sheet_hbond.range_id_2 
_pdbx_struct_sheet_hbond.range_1_label_atom_id 
_pdbx_struct_sheet_hbond.range_1_label_comp_id 
_pdbx_struct_sheet_hbond.range_1_label_asym_id 
_pdbx_struct_sheet_hbond.range_1_label_seq_id 
_pdbx_struct_sheet_hbond.range_1_PDB_ins_code 
_pdbx_struct_sheet_hbond.range_1_auth_atom_id 
_pdbx_struct_sheet_hbond.range_1_auth_comp_id 
_pdbx_struct_sheet_hbond.range_1_auth_asym_id 
_pdbx_struct_sheet_hbond.range_1_auth_seq_id 
_pdbx_struct_sheet_hbond.range_2_label_atom_id 
_pdbx_struct_sheet_hbond.range_2_label_comp_id 
_pdbx_struct_sheet_hbond.range_2_label_asym_id 
_pdbx_struct_sheet_hbond.range_2_label_seq_id 
_pdbx_struct_sheet_hbond.range_2_PDB_ins_code 
_pdbx_struct_sheet_hbond.range_2_auth_atom_id 
_pdbx_struct_sheet_hbond.range_2_auth_comp_id 
_pdbx_struct_sheet_hbond.range_2_auth_asym_id 
_pdbx_struct_sheet_hbond.range_2_auth_seq_id 
A 1 2 O GLY A 48  ? O GLY A 48  N ILE A 37  ? N ILE A 37  
A 2 3 N TYR A 38  ? N TYR A 38  O MET A 121 ? O MET A 121 
A 3 4 O VAL A 122 ? O VAL A 122 N ALA A 106 ? N ALA A 106 
A 4 5 O ILE A 101 ? O ILE A 101 N LEU A 92  ? N LEU A 92  
A 5 6 O ALA A 85  ? O ALA A 85  N MET A 78  ? N MET A 78  
# 
_struct_site.id                   AC1 
_struct_site.pdbx_evidence_code   Software 
_struct_site.pdbx_auth_asym_id    A 
_struct_site.pdbx_auth_comp_id    CE9 
_struct_site.pdbx_auth_seq_id     144 
_struct_site.pdbx_auth_ins_code   ? 
_struct_site.pdbx_num_residues    2 
_struct_site.details              'BINDING SITE FOR RESIDUE CE9 A 144' 
# 
loop_
_struct_site_gen.id 
_struct_site_gen.site_id 
_struct_site_gen.pdbx_num_res 
_struct_site_gen.label_comp_id 
_struct_site_gen.label_asym_id 
_struct_site_gen.label_seq_id 
_struct_site_gen.pdbx_auth_ins_code 
_struct_site_gen.auth_comp_id 
_struct_site_gen.auth_asym_id 
_struct_site_gen.auth_seq_id 
_struct_site_gen.label_atom_id 
_struct_site_gen.label_alt_id 
_struct_site_gen.symmetry 
_struct_site_gen.details 
1 AC1 2 ASP A 34 ? ASP A 34 . ? 1_555 ? 
2 AC1 2 GLN A 51 ? GLN A 51 . ? 1_555 ? 
# 
_pdbx_SG_project.id                    1 
_pdbx_SG_project.project_name          'PSI, Protein Structure Initiative' 
_pdbx_SG_project.full_name_of_center   'Midwest Center for Structural Genomics' 
_pdbx_SG_project.initial_of_center     MCSG 
# 
loop_
_pdbx_struct_special_symmetry.id 
_pdbx_struct_special_symmetry.PDB_model_num 
_pdbx_struct_special_symmetry.auth_asym_id 
_pdbx_struct_special_symmetry.auth_comp_id 
_pdbx_struct_special_symmetry.auth_seq_id 
_pdbx_struct_special_symmetry.PDB_ins_code 
_pdbx_struct_special_symmetry.label_asym_id 
_pdbx_struct_special_symmetry.label_comp_id 
_pdbx_struct_special_symmetry.label_seq_id 
1 1 A HOH 161 ? C HOH . 
2 1 A HOH 224 ? C HOH . 
# 
loop_
_pdbx_refine_tls.id 
_pdbx_refine_tls.details 
_pdbx_refine_tls.method 
_pdbx_refine_tls.origin_x 
_pdbx_refine_tls.origin_y 
_pdbx_refine_tls.origin_z 
_pdbx_refine_tls.T[1][1] 
_pdbx_refine_tls.T[2][2] 
_pdbx_refine_tls.T[3][3] 
_pdbx_refine_tls.T[1][2] 
_pdbx_refine_tls.T[1][3] 
_pdbx_refine_tls.T[2][3] 
_pdbx_refine_tls.L[1][1] 
_pdbx_refine_tls.L[2][2] 
_pdbx_refine_tls.L[3][3] 
_pdbx_refine_tls.L[1][2] 
_pdbx_refine_tls.L[1][3] 
_pdbx_refine_tls.L[2][3] 
_pdbx_refine_tls.S[1][1] 
_pdbx_refine_tls.S[1][2] 
_pdbx_refine_tls.S[1][3] 
_pdbx_refine_tls.S[2][1] 
_pdbx_refine_tls.S[2][2] 
_pdbx_refine_tls.S[2][3] 
_pdbx_refine_tls.S[3][1] 
_pdbx_refine_tls.S[3][2] 
_pdbx_refine_tls.S[3][3] 
_pdbx_refine_tls.pdbx_refine_id 
1 ? refined 4.1404   -3.2738 0.4830  -0.0135 0.0091 -0.0236 0.0036  0.0078 0.0115  1.8367  1.5397  1.5158  -0.1704 -0.2286 -0.2839 -0.0104 -0.0417 -0.1748 -0.1035 0.0407  0.1313  0.1080  -0.0899 -0.0302 'X-RAY DIFFRACTION' 
2 ? refined -10.6454 -1.4762 -4.8429 0.0530  0.0459 -0.0226 -0.0626 0.0285 -0.0225 1.8330  27.8512 11.6415 10.0552 1.9901  0.9856  -0.4517 0.8986  -0.2676 -0.9704 0.5445  -0.2872 -0.6539 0.3323  -0.0927 'X-RAY DIFFRACTION' 
3 ? refined -6.0276  3.4100  -1.7926 0.0914  0.0318 -0.0228 -0.0186 0.0492 0.0155  2.6544  2.9143  0.9714  1.2276  -0.2074 -1.5931 0.0242  -0.0086 0.0557  -0.2258 0.0094  0.1955  0.3596  0.0280  -0.0337 'X-RAY DIFFRACTION' 
4 ? refined 9.4029   5.1920  -5.2029 -0.0228 0.0294 -0.0467 0.0036  0.0422 0.0161  3.8627  4.6169  14.3555 -2.8210 -4.7688 0.2886  0.1970  0.2427  0.2482  -0.3060 -0.1199 -0.2137 -0.0026 -0.0551 -0.0769 'X-RAY DIFFRACTION' 
5 ? refined -11.1155 3.8681  12.0689 0.0663  0.0319 -0.0384 0.0474  0.0925 0.0601  11.1024 5.5352  4.2948  3.8491  -3.6960 -0.0837 -0.2737 -0.5170 -0.0013 0.1940  0.0595  0.2942  0.6306  -0.0001 0.2142  'X-RAY DIFFRACTION' 
# 
loop_
_pdbx_refine_tls_group.id 
_pdbx_refine_tls_group.refine_tls_id 
_pdbx_refine_tls_group.beg_auth_asym_id 
_pdbx_refine_tls_group.beg_auth_seq_id 
_pdbx_refine_tls_group.beg_label_asym_id 
_pdbx_refine_tls_group.beg_label_seq_id 
_pdbx_refine_tls_group.end_auth_asym_id 
_pdbx_refine_tls_group.end_auth_seq_id 
_pdbx_refine_tls_group.end_label_asym_id 
_pdbx_refine_tls_group.end_label_seq_id 
_pdbx_refine_tls_group.selection 
_pdbx_refine_tls_group.pdbx_refine_id 
_pdbx_refine_tls_group.selection_details 
1 1 A 3   A 3   A 68  A 68  ? 'X-RAY DIFFRACTION' ? 
2 2 A 69  A 69  A 74  A 74  ? 'X-RAY DIFFRACTION' ? 
3 3 A 75  A 75  A 108 A 108 ? 'X-RAY DIFFRACTION' ? 
4 4 A 109 A 109 A 121 A 121 ? 'X-RAY DIFFRACTION' ? 
5 5 A 122 A 122 A 135 A 135 ? 'X-RAY DIFFRACTION' ? 
# 
loop_
_pdbx_unobs_or_zero_occ_residues.id 
_pdbx_unobs_or_zero_occ_residues.PDB_model_num 
_pdbx_unobs_or_zero_occ_residues.polymer_flag 
_pdbx_unobs_or_zero_occ_residues.occupancy_flag 
_pdbx_unobs_or_zero_occ_residues.auth_asym_id 
_pdbx_unobs_or_zero_occ_residues.auth_comp_id 
_pdbx_unobs_or_zero_occ_residues.auth_seq_id 
_pdbx_unobs_or_zero_occ_residues.PDB_ins_code 
_pdbx_unobs_or_zero_occ_residues.label_asym_id 
_pdbx_unobs_or_zero_occ_residues.label_comp_id 
_pdbx_unobs_or_zero_occ_residues.label_seq_id 
1 1 Y 1 A PRO 136 ? A PRO 136 
2 1 Y 1 A ILE 137 ? A ILE 137 
3 1 Y 1 A HIS 138 ? A HIS 138 
4 1 Y 1 A LEU 139 ? A LEU 139 
5 1 Y 1 A PRO 140 ? A PRO 140 
6 1 Y 1 A LYS 141 ? A LYS 141 
7 1 Y 1 A ILE 142 ? A ILE 142 
8 1 Y 1 A ALA 143 ? A ALA 143 
# 
loop_
_chem_comp_atom.comp_id 
_chem_comp_atom.atom_id 
_chem_comp_atom.type_symbol 
_chem_comp_atom.pdbx_aromatic_flag 
_chem_comp_atom.pdbx_stereo_config 
_chem_comp_atom.pdbx_ordinal 
ALA N    N N N 1   
ALA CA   C N S 2   
ALA C    C N N 3   
ALA O    O N N 4   
ALA CB   C N N 5   
ALA OXT  O N N 6   
ALA H    H N N 7   
ALA H2   H N N 8   
ALA HA   H N N 9   
ALA HB1  H N N 10  
ALA HB2  H N N 11  
ALA HB3  H N N 12  
ALA HXT  H N N 13  
ARG N    N N N 14  
ARG CA   C N S 15  
ARG C    C N N 16  
ARG O    O N N 17  
ARG CB   C N N 18  
ARG CG   C N N 19  
ARG CD   C N N 20  
ARG NE   N N N 21  
ARG CZ   C N N 22  
ARG NH1  N N N 23  
ARG NH2  N N N 24  
ARG OXT  O N N 25  
ARG H    H N N 26  
ARG H2   H N N 27  
ARG HA   H N N 28  
ARG HB2  H N N 29  
ARG HB3  H N N 30  
ARG HG2  H N N 31  
ARG HG3  H N N 32  
ARG HD2  H N N 33  
ARG HD3  H N N 34  
ARG HE   H N N 35  
ARG HH11 H N N 36  
ARG HH12 H N N 37  
ARG HH21 H N N 38  
ARG HH22 H N N 39  
ARG HXT  H N N 40  
ASN N    N N N 41  
ASN CA   C N S 42  
ASN C    C N N 43  
ASN O    O N N 44  
ASN CB   C N N 45  
ASN CG   C N N 46  
ASN OD1  O N N 47  
ASN ND2  N N N 48  
ASN OXT  O N N 49  
ASN H    H N N 50  
ASN H2   H N N 51  
ASN HA   H N N 52  
ASN HB2  H N N 53  
ASN HB3  H N N 54  
ASN HD21 H N N 55  
ASN HD22 H N N 56  
ASN HXT  H N N 57  
ASP N    N N N 58  
ASP CA   C N S 59  
ASP C    C N N 60  
ASP O    O N N 61  
ASP CB   C N N 62  
ASP CG   C N N 63  
ASP OD1  O N N 64  
ASP OD2  O N N 65  
ASP OXT  O N N 66  
ASP H    H N N 67  
ASP H2   H N N 68  
ASP HA   H N N 69  
ASP HB2  H N N 70  
ASP HB3  H N N 71  
ASP HD2  H N N 72  
ASP HXT  H N N 73  
CE9 C1   C N N 74  
CE9 C2   C N N 75  
CE9 C3   C N N 76  
CE9 C4   C N N 77  
CE9 C5   C N N 78  
CE9 C6   C N N 79  
CE9 C7   C N N 80  
CE9 C8   C N N 81  
CE9 C9   C N N 82  
CE9 C10  C N N 83  
CE9 C11  C N N 84  
CE9 C12  C N N 85  
CE9 O13  O N N 86  
CE9 C14  C N N 87  
CE9 C15  C N N 88  
CE9 O16  O N N 89  
CE9 C17  C N N 90  
CE9 C18  C N N 91  
CE9 O19  O N N 92  
CE9 C20  C N N 93  
CE9 C21  C N N 94  
CE9 O22  O N N 95  
CE9 C23  C N N 96  
CE9 C24  C N N 97  
CE9 O25  O N N 98  
CE9 C26  C N N 99  
CE9 C27  C N N 100 
CE9 O28  O N N 101 
CE9 C29  C N N 102 
CE9 C30  C N N 103 
CE9 O31  O N N 104 
CE9 C32  C N N 105 
CE9 C33  C N N 106 
CE9 O34  O N N 107 
CE9 C35  C N N 108 
CE9 C36  C N N 109 
CE9 O37  O N N 110 
CE9 C38  C N N 111 
CE9 C39  C N N 112 
CE9 OXT  O N N 113 
CE9 H11  H N N 114 
CE9 H12  H N N 115 
CE9 H13  H N N 116 
CE9 H21  H N N 117 
CE9 H22  H N N 118 
CE9 H31  H N N 119 
CE9 H32  H N N 120 
CE9 H41  H N N 121 
CE9 H42  H N N 122 
CE9 H51  H N N 123 
CE9 H52  H N N 124 
CE9 H61  H N N 125 
CE9 H62  H N N 126 
CE9 H71  H N N 127 
CE9 H72  H N N 128 
CE9 H81  H N N 129 
CE9 H82  H N N 130 
CE9 H91  H N N 131 
CE9 H92  H N N 132 
CE9 H101 H N N 133 
CE9 H102 H N N 134 
CE9 H111 H N N 135 
CE9 H112 H N N 136 
CE9 H121 H N N 137 
CE9 H122 H N N 138 
CE9 H141 H N N 139 
CE9 H142 H N N 140 
CE9 H151 H N N 141 
CE9 H152 H N N 142 
CE9 H171 H N N 143 
CE9 H172 H N N 144 
CE9 H181 H N N 145 
CE9 H182 H N N 146 
CE9 H201 H N N 147 
CE9 H202 H N N 148 
CE9 H211 H N N 149 
CE9 H212 H N N 150 
CE9 H231 H N N 151 
CE9 H232 H N N 152 
CE9 H241 H N N 153 
CE9 H242 H N N 154 
CE9 H261 H N N 155 
CE9 H262 H N N 156 
CE9 H271 H N N 157 
CE9 H272 H N N 158 
CE9 H291 H N N 159 
CE9 H292 H N N 160 
CE9 H301 H N N 161 
CE9 H302 H N N 162 
CE9 H321 H N N 163 
CE9 H322 H N N 164 
CE9 H331 H N N 165 
CE9 H332 H N N 166 
CE9 H351 H N N 167 
CE9 H352 H N N 168 
CE9 H361 H N N 169 
CE9 H362 H N N 170 
CE9 H381 H N N 171 
CE9 H382 H N N 172 
CE9 H391 H N N 173 
CE9 H392 H N N 174 
CE9 HXT  H N N 175 
CYS N    N N N 176 
CYS CA   C N R 177 
CYS C    C N N 178 
CYS O    O N N 179 
CYS CB   C N N 180 
CYS SG   S N N 181 
CYS OXT  O N N 182 
CYS H    H N N 183 
CYS H2   H N N 184 
CYS HA   H N N 185 
CYS HB2  H N N 186 
CYS HB3  H N N 187 
CYS HG   H N N 188 
CYS HXT  H N N 189 
GLN N    N N N 190 
GLN CA   C N S 191 
GLN C    C N N 192 
GLN O    O N N 193 
GLN CB   C N N 194 
GLN CG   C N N 195 
GLN CD   C N N 196 
GLN OE1  O N N 197 
GLN NE2  N N N 198 
GLN OXT  O N N 199 
GLN H    H N N 200 
GLN H2   H N N 201 
GLN HA   H N N 202 
GLN HB2  H N N 203 
GLN HB3  H N N 204 
GLN HG2  H N N 205 
GLN HG3  H N N 206 
GLN HE21 H N N 207 
GLN HE22 H N N 208 
GLN HXT  H N N 209 
GLU N    N N N 210 
GLU CA   C N S 211 
GLU C    C N N 212 
GLU O    O N N 213 
GLU CB   C N N 214 
GLU CG   C N N 215 
GLU CD   C N N 216 
GLU OE1  O N N 217 
GLU OE2  O N N 218 
GLU OXT  O N N 219 
GLU H    H N N 220 
GLU H2   H N N 221 
GLU HA   H N N 222 
GLU HB2  H N N 223 
GLU HB3  H N N 224 
GLU HG2  H N N 225 
GLU HG3  H N N 226 
GLU HE2  H N N 227 
GLU HXT  H N N 228 
GLY N    N N N 229 
GLY CA   C N N 230 
GLY C    C N N 231 
GLY O    O N N 232 
GLY OXT  O N N 233 
GLY H    H N N 234 
GLY H2   H N N 235 
GLY HA2  H N N 236 
GLY HA3  H N N 237 
GLY HXT  H N N 238 
HIS N    N N N 239 
HIS CA   C N S 240 
HIS C    C N N 241 
HIS O    O N N 242 
HIS CB   C N N 243 
HIS CG   C Y N 244 
HIS ND1  N Y N 245 
HIS CD2  C Y N 246 
HIS CE1  C Y N 247 
HIS NE2  N Y N 248 
HIS OXT  O N N 249 
HIS H    H N N 250 
HIS H2   H N N 251 
HIS HA   H N N 252 
HIS HB2  H N N 253 
HIS HB3  H N N 254 
HIS HD1  H N N 255 
HIS HD2  H N N 256 
HIS HE1  H N N 257 
HIS HE2  H N N 258 
HIS HXT  H N N 259 
HOH O    O N N 260 
HOH H1   H N N 261 
HOH H2   H N N 262 
ILE N    N N N 263 
ILE CA   C N S 264 
ILE C    C N N 265 
ILE O    O N N 266 
ILE CB   C N S 267 
ILE CG1  C N N 268 
ILE CG2  C N N 269 
ILE CD1  C N N 270 
ILE OXT  O N N 271 
ILE H    H N N 272 
ILE H2   H N N 273 
ILE HA   H N N 274 
ILE HB   H N N 275 
ILE HG12 H N N 276 
ILE HG13 H N N 277 
ILE HG21 H N N 278 
ILE HG22 H N N 279 
ILE HG23 H N N 280 
ILE HD11 H N N 281 
ILE HD12 H N N 282 
ILE HD13 H N N 283 
ILE HXT  H N N 284 
LEU N    N N N 285 
LEU CA   C N S 286 
LEU C    C N N 287 
LEU O    O N N 288 
LEU CB   C N N 289 
LEU CG   C N N 290 
LEU CD1  C N N 291 
LEU CD2  C N N 292 
LEU OXT  O N N 293 
LEU H    H N N 294 
LEU H2   H N N 295 
LEU HA   H N N 296 
LEU HB2  H N N 297 
LEU HB3  H N N 298 
LEU HG   H N N 299 
LEU HD11 H N N 300 
LEU HD12 H N N 301 
LEU HD13 H N N 302 
LEU HD21 H N N 303 
LEU HD22 H N N 304 
LEU HD23 H N N 305 
LEU HXT  H N N 306 
LYS N    N N N 307 
LYS CA   C N S 308 
LYS C    C N N 309 
LYS O    O N N 310 
LYS CB   C N N 311 
LYS CG   C N N 312 
LYS CD   C N N 313 
LYS CE   C N N 314 
LYS NZ   N N N 315 
LYS OXT  O N N 316 
LYS H    H N N 317 
LYS H2   H N N 318 
LYS HA   H N N 319 
LYS HB2  H N N 320 
LYS HB3  H N N 321 
LYS HG2  H N N 322 
LYS HG3  H N N 323 
LYS HD2  H N N 324 
LYS HD3  H N N 325 
LYS HE2  H N N 326 
LYS HE3  H N N 327 
LYS HZ1  H N N 328 
LYS HZ2  H N N 329 
LYS HZ3  H N N 330 
LYS HXT  H N N 331 
MET N    N N N 332 
MET CA   C N S 333 
MET C    C N N 334 
MET O    O N N 335 
MET CB   C N N 336 
MET CG   C N N 337 
MET SD   S N N 338 
MET CE   C N N 339 
MET OXT  O N N 340 
MET H    H N N 341 
MET H2   H N N 342 
MET HA   H N N 343 
MET HB2  H N N 344 
MET HB3  H N N 345 
MET HG2  H N N 346 
MET HG3  H N N 347 
MET HE1  H N N 348 
MET HE2  H N N 349 
MET HE3  H N N 350 
MET HXT  H N N 351 
PHE N    N N N 352 
PHE CA   C N S 353 
PHE C    C N N 354 
PHE O    O N N 355 
PHE CB   C N N 356 
PHE CG   C Y N 357 
PHE CD1  C Y N 358 
PHE CD2  C Y N 359 
PHE CE1  C Y N 360 
PHE CE2  C Y N 361 
PHE CZ   C Y N 362 
PHE OXT  O N N 363 
PHE H    H N N 364 
PHE H2   H N N 365 
PHE HA   H N N 366 
PHE HB2  H N N 367 
PHE HB3  H N N 368 
PHE HD1  H N N 369 
PHE HD2  H N N 370 
PHE HE1  H N N 371 
PHE HE2  H N N 372 
PHE HZ   H N N 373 
PHE HXT  H N N 374 
PRO N    N N N 375 
PRO CA   C N S 376 
PRO C    C N N 377 
PRO O    O N N 378 
PRO CB   C N N 379 
PRO CG   C N N 380 
PRO CD   C N N 381 
PRO OXT  O N N 382 
PRO H    H N N 383 
PRO HA   H N N 384 
PRO HB2  H N N 385 
PRO HB3  H N N 386 
PRO HG2  H N N 387 
PRO HG3  H N N 388 
PRO HD2  H N N 389 
PRO HD3  H N N 390 
PRO HXT  H N N 391 
SER N    N N N 392 
SER CA   C N S 393 
SER C    C N N 394 
SER O    O N N 395 
SER CB   C N N 396 
SER OG   O N N 397 
SER OXT  O N N 398 
SER H    H N N 399 
SER H2   H N N 400 
SER HA   H N N 401 
SER HB2  H N N 402 
SER HB3  H N N 403 
SER HG   H N N 404 
SER HXT  H N N 405 
THR N    N N N 406 
THR CA   C N S 407 
THR C    C N N 408 
THR O    O N N 409 
THR CB   C N R 410 
THR OG1  O N N 411 
THR CG2  C N N 412 
THR OXT  O N N 413 
THR H    H N N 414 
THR H2   H N N 415 
THR HA   H N N 416 
THR HB   H N N 417 
THR HG1  H N N 418 
THR HG21 H N N 419 
THR HG22 H N N 420 
THR HG23 H N N 421 
THR HXT  H N N 422 
TRP N    N N N 423 
TRP CA   C N S 424 
TRP C    C N N 425 
TRP O    O N N 426 
TRP CB   C N N 427 
TRP CG   C Y N 428 
TRP CD1  C Y N 429 
TRP CD2  C Y N 430 
TRP NE1  N Y N 431 
TRP CE2  C Y N 432 
TRP CE3  C Y N 433 
TRP CZ2  C Y N 434 
TRP CZ3  C Y N 435 
TRP CH2  C Y N 436 
TRP OXT  O N N 437 
TRP H    H N N 438 
TRP H2   H N N 439 
TRP HA   H N N 440 
TRP HB2  H N N 441 
TRP HB3  H N N 442 
TRP HD1  H N N 443 
TRP HE1  H N N 444 
TRP HE3  H N N 445 
TRP HZ2  H N N 446 
TRP HZ3  H N N 447 
TRP HH2  H N N 448 
TRP HXT  H N N 449 
TYR N    N N N 450 
TYR CA   C N S 451 
TYR C    C N N 452 
TYR O    O N N 453 
TYR CB   C N N 454 
TYR CG   C Y N 455 
TYR CD1  C Y N 456 
TYR CD2  C Y N 457 
TYR CE1  C Y N 458 
TYR CE2  C Y N 459 
TYR CZ   C Y N 460 
TYR OH   O N N 461 
TYR OXT  O N N 462 
TYR H    H N N 463 
TYR H2   H N N 464 
TYR HA   H N N 465 
TYR HB2  H N N 466 
TYR HB3  H N N 467 
TYR HD1  H N N 468 
TYR HD2  H N N 469 
TYR HE1  H N N 470 
TYR HE2  H N N 471 
TYR HH   H N N 472 
TYR HXT  H N N 473 
VAL N    N N N 474 
VAL CA   C N S 475 
VAL C    C N N 476 
VAL O    O N N 477 
VAL CB   C N N 478 
VAL CG1  C N N 479 
VAL CG2  C N N 480 
VAL OXT  O N N 481 
VAL H    H N N 482 
VAL H2   H N N 483 
VAL HA   H N N 484 
VAL HB   H N N 485 
VAL HG11 H N N 486 
VAL HG12 H N N 487 
VAL HG13 H N N 488 
VAL HG21 H N N 489 
VAL HG22 H N N 490 
VAL HG23 H N N 491 
VAL HXT  H N N 492 
# 
loop_
_chem_comp_bond.comp_id 
_chem_comp_bond.atom_id_1 
_chem_comp_bond.atom_id_2 
_chem_comp_bond.value_order 
_chem_comp_bond.pdbx_aromatic_flag 
_chem_comp_bond.pdbx_stereo_config 
_chem_comp_bond.pdbx_ordinal 
ALA N   CA   sing N N 1   
ALA N   H    sing N N 2   
ALA N   H2   sing N N 3   
ALA CA  C    sing N N 4   
ALA CA  CB   sing N N 5   
ALA CA  HA   sing N N 6   
ALA C   O    doub N N 7   
ALA C   OXT  sing N N 8   
ALA CB  HB1  sing N N 9   
ALA CB  HB2  sing N N 10  
ALA CB  HB3  sing N N 11  
ALA OXT HXT  sing N N 12  
ARG N   CA   sing N N 13  
ARG N   H    sing N N 14  
ARG N   H2   sing N N 15  
ARG CA  C    sing N N 16  
ARG CA  CB   sing N N 17  
ARG CA  HA   sing N N 18  
ARG C   O    doub N N 19  
ARG C   OXT  sing N N 20  
ARG CB  CG   sing N N 21  
ARG CB  HB2  sing N N 22  
ARG CB  HB3  sing N N 23  
ARG CG  CD   sing N N 24  
ARG CG  HG2  sing N N 25  
ARG CG  HG3  sing N N 26  
ARG CD  NE   sing N N 27  
ARG CD  HD2  sing N N 28  
ARG CD  HD3  sing N N 29  
ARG NE  CZ   sing N N 30  
ARG NE  HE   sing N N 31  
ARG CZ  NH1  sing N N 32  
ARG CZ  NH2  doub N N 33  
ARG NH1 HH11 sing N N 34  
ARG NH1 HH12 sing N N 35  
ARG NH2 HH21 sing N N 36  
ARG NH2 HH22 sing N N 37  
ARG OXT HXT  sing N N 38  
ASN N   CA   sing N N 39  
ASN N   H    sing N N 40  
ASN N   H2   sing N N 41  
ASN CA  C    sing N N 42  
ASN CA  CB   sing N N 43  
ASN CA  HA   sing N N 44  
ASN C   O    doub N N 45  
ASN C   OXT  sing N N 46  
ASN CB  CG   sing N N 47  
ASN CB  HB2  sing N N 48  
ASN CB  HB3  sing N N 49  
ASN CG  OD1  doub N N 50  
ASN CG  ND2  sing N N 51  
ASN ND2 HD21 sing N N 52  
ASN ND2 HD22 sing N N 53  
ASN OXT HXT  sing N N 54  
ASP N   CA   sing N N 55  
ASP N   H    sing N N 56  
ASP N   H2   sing N N 57  
ASP CA  C    sing N N 58  
ASP CA  CB   sing N N 59  
ASP CA  HA   sing N N 60  
ASP C   O    doub N N 61  
ASP C   OXT  sing N N 62  
ASP CB  CG   sing N N 63  
ASP CB  HB2  sing N N 64  
ASP CB  HB3  sing N N 65  
ASP CG  OD1  doub N N 66  
ASP CG  OD2  sing N N 67  
ASP OD2 HD2  sing N N 68  
ASP OXT HXT  sing N N 69  
CE9 C1  C2   sing N N 70  
CE9 C1  H11  sing N N 71  
CE9 C1  H12  sing N N 72  
CE9 C1  H13  sing N N 73  
CE9 C2  C3   sing N N 74  
CE9 C2  H21  sing N N 75  
CE9 C2  H22  sing N N 76  
CE9 C3  C4   sing N N 77  
CE9 C3  H31  sing N N 78  
CE9 C3  H32  sing N N 79  
CE9 C4  C5   sing N N 80  
CE9 C4  H41  sing N N 81  
CE9 C4  H42  sing N N 82  
CE9 C5  C6   sing N N 83  
CE9 C5  H51  sing N N 84  
CE9 C5  H52  sing N N 85  
CE9 C6  C7   sing N N 86  
CE9 C6  H61  sing N N 87  
CE9 C6  H62  sing N N 88  
CE9 C7  C8   sing N N 89  
CE9 C7  H71  sing N N 90  
CE9 C7  H72  sing N N 91  
CE9 C8  C9   sing N N 92  
CE9 C8  H81  sing N N 93  
CE9 C8  H82  sing N N 94  
CE9 C9  C10  sing N N 95  
CE9 C9  H91  sing N N 96  
CE9 C9  H92  sing N N 97  
CE9 C10 C11  sing N N 98  
CE9 C10 H101 sing N N 99  
CE9 C10 H102 sing N N 100 
CE9 C11 C12  sing N N 101 
CE9 C11 H111 sing N N 102 
CE9 C11 H112 sing N N 103 
CE9 C12 O13  sing N N 104 
CE9 C12 H121 sing N N 105 
CE9 C12 H122 sing N N 106 
CE9 O13 C14  sing N N 107 
CE9 C14 C15  sing N N 108 
CE9 C14 H141 sing N N 109 
CE9 C14 H142 sing N N 110 
CE9 C15 O16  sing N N 111 
CE9 C15 H151 sing N N 112 
CE9 C15 H152 sing N N 113 
CE9 O16 C17  sing N N 114 
CE9 C17 C18  sing N N 115 
CE9 C17 H171 sing N N 116 
CE9 C17 H172 sing N N 117 
CE9 C18 O19  sing N N 118 
CE9 C18 H181 sing N N 119 
CE9 C18 H182 sing N N 120 
CE9 O19 C20  sing N N 121 
CE9 C20 C21  sing N N 122 
CE9 C20 H201 sing N N 123 
CE9 C20 H202 sing N N 124 
CE9 C21 O22  sing N N 125 
CE9 C21 H211 sing N N 126 
CE9 C21 H212 sing N N 127 
CE9 O22 C23  sing N N 128 
CE9 C23 C24  sing N N 129 
CE9 C23 H231 sing N N 130 
CE9 C23 H232 sing N N 131 
CE9 C24 O25  sing N N 132 
CE9 C24 H241 sing N N 133 
CE9 C24 H242 sing N N 134 
CE9 O25 C26  sing N N 135 
CE9 C26 C27  sing N N 136 
CE9 C26 H261 sing N N 137 
CE9 C26 H262 sing N N 138 
CE9 C27 O28  sing N N 139 
CE9 C27 H271 sing N N 140 
CE9 C27 H272 sing N N 141 
CE9 O28 C29  sing N N 142 
CE9 C29 C30  sing N N 143 
CE9 C29 H291 sing N N 144 
CE9 C29 H292 sing N N 145 
CE9 C30 O31  sing N N 146 
CE9 C30 H301 sing N N 147 
CE9 C30 H302 sing N N 148 
CE9 O31 C32  sing N N 149 
CE9 C32 C33  sing N N 150 
CE9 C32 H321 sing N N 151 
CE9 C32 H322 sing N N 152 
CE9 C33 O34  sing N N 153 
CE9 C33 H331 sing N N 154 
CE9 C33 H332 sing N N 155 
CE9 O34 C35  sing N N 156 
CE9 C35 C36  sing N N 157 
CE9 C35 H351 sing N N 158 
CE9 C35 H352 sing N N 159 
CE9 C36 O37  sing N N 160 
CE9 C36 H361 sing N N 161 
CE9 C36 H362 sing N N 162 
CE9 O37 C38  sing N N 163 
CE9 C38 C39  sing N N 164 
CE9 C38 H381 sing N N 165 
CE9 C38 H382 sing N N 166 
CE9 C39 OXT  sing N N 167 
CE9 C39 H391 sing N N 168 
CE9 C39 H392 sing N N 169 
CE9 OXT HXT  sing N N 170 
CYS N   CA   sing N N 171 
CYS N   H    sing N N 172 
CYS N   H2   sing N N 173 
CYS CA  C    sing N N 174 
CYS CA  CB   sing N N 175 
CYS CA  HA   sing N N 176 
CYS C   O    doub N N 177 
CYS C   OXT  sing N N 178 
CYS CB  SG   sing N N 179 
CYS CB  HB2  sing N N 180 
CYS CB  HB3  sing N N 181 
CYS SG  HG   sing N N 182 
CYS OXT HXT  sing N N 183 
GLN N   CA   sing N N 184 
GLN N   H    sing N N 185 
GLN N   H2   sing N N 186 
GLN CA  C    sing N N 187 
GLN CA  CB   sing N N 188 
GLN CA  HA   sing N N 189 
GLN C   O    doub N N 190 
GLN C   OXT  sing N N 191 
GLN CB  CG   sing N N 192 
GLN CB  HB2  sing N N 193 
GLN CB  HB3  sing N N 194 
GLN CG  CD   sing N N 195 
GLN CG  HG2  sing N N 196 
GLN CG  HG3  sing N N 197 
GLN CD  OE1  doub N N 198 
GLN CD  NE2  sing N N 199 
GLN NE2 HE21 sing N N 200 
GLN NE2 HE22 sing N N 201 
GLN OXT HXT  sing N N 202 
GLU N   CA   sing N N 203 
GLU N   H    sing N N 204 
GLU N   H2   sing N N 205 
GLU CA  C    sing N N 206 
GLU CA  CB   sing N N 207 
GLU CA  HA   sing N N 208 
GLU C   O    doub N N 209 
GLU C   OXT  sing N N 210 
GLU CB  CG   sing N N 211 
GLU CB  HB2  sing N N 212 
GLU CB  HB3  sing N N 213 
GLU CG  CD   sing N N 214 
GLU CG  HG2  sing N N 215 
GLU CG  HG3  sing N N 216 
GLU CD  OE1  doub N N 217 
GLU CD  OE2  sing N N 218 
GLU OE2 HE2  sing N N 219 
GLU OXT HXT  sing N N 220 
GLY N   CA   sing N N 221 
GLY N   H    sing N N 222 
GLY N   H2   sing N N 223 
GLY CA  C    sing N N 224 
GLY CA  HA2  sing N N 225 
GLY CA  HA3  sing N N 226 
GLY C   O    doub N N 227 
GLY C   OXT  sing N N 228 
GLY OXT HXT  sing N N 229 
HIS N   CA   sing N N 230 
HIS N   H    sing N N 231 
HIS N   H2   sing N N 232 
HIS CA  C    sing N N 233 
HIS CA  CB   sing N N 234 
HIS CA  HA   sing N N 235 
HIS C   O    doub N N 236 
HIS C   OXT  sing N N 237 
HIS CB  CG   sing N N 238 
HIS CB  HB2  sing N N 239 
HIS CB  HB3  sing N N 240 
HIS CG  ND1  sing Y N 241 
HIS CG  CD2  doub Y N 242 
HIS ND1 CE1  doub Y N 243 
HIS ND1 HD1  sing N N 244 
HIS CD2 NE2  sing Y N 245 
HIS CD2 HD2  sing N N 246 
HIS CE1 NE2  sing Y N 247 
HIS CE1 HE1  sing N N 248 
HIS NE2 HE2  sing N N 249 
HIS OXT HXT  sing N N 250 
HOH O   H1   sing N N 251 
HOH O   H2   sing N N 252 
ILE N   CA   sing N N 253 
ILE N   H    sing N N 254 
ILE N   H2   sing N N 255 
ILE CA  C    sing N N 256 
ILE CA  CB   sing N N 257 
ILE CA  HA   sing N N 258 
ILE C   O    doub N N 259 
ILE C   OXT  sing N N 260 
ILE CB  CG1  sing N N 261 
ILE CB  CG2  sing N N 262 
ILE CB  HB   sing N N 263 
ILE CG1 CD1  sing N N 264 
ILE CG1 HG12 sing N N 265 
ILE CG1 HG13 sing N N 266 
ILE CG2 HG21 sing N N 267 
ILE CG2 HG22 sing N N 268 
ILE CG2 HG23 sing N N 269 
ILE CD1 HD11 sing N N 270 
ILE CD1 HD12 sing N N 271 
ILE CD1 HD13 sing N N 272 
ILE OXT HXT  sing N N 273 
LEU N   CA   sing N N 274 
LEU N   H    sing N N 275 
LEU N   H2   sing N N 276 
LEU CA  C    sing N N 277 
LEU CA  CB   sing N N 278 
LEU CA  HA   sing N N 279 
LEU C   O    doub N N 280 
LEU C   OXT  sing N N 281 
LEU CB  CG   sing N N 282 
LEU CB  HB2  sing N N 283 
LEU CB  HB3  sing N N 284 
LEU CG  CD1  sing N N 285 
LEU CG  CD2  sing N N 286 
LEU CG  HG   sing N N 287 
LEU CD1 HD11 sing N N 288 
LEU CD1 HD12 sing N N 289 
LEU CD1 HD13 sing N N 290 
LEU CD2 HD21 sing N N 291 
LEU CD2 HD22 sing N N 292 
LEU CD2 HD23 sing N N 293 
LEU OXT HXT  sing N N 294 
LYS N   CA   sing N N 295 
LYS N   H    sing N N 296 
LYS N   H2   sing N N 297 
LYS CA  C    sing N N 298 
LYS CA  CB   sing N N 299 
LYS CA  HA   sing N N 300 
LYS C   O    doub N N 301 
LYS C   OXT  sing N N 302 
LYS CB  CG   sing N N 303 
LYS CB  HB2  sing N N 304 
LYS CB  HB3  sing N N 305 
LYS CG  CD   sing N N 306 
LYS CG  HG2  sing N N 307 
LYS CG  HG3  sing N N 308 
LYS CD  CE   sing N N 309 
LYS CD  HD2  sing N N 310 
LYS CD  HD3  sing N N 311 
LYS CE  NZ   sing N N 312 
LYS CE  HE2  sing N N 313 
LYS CE  HE3  sing N N 314 
LYS NZ  HZ1  sing N N 315 
LYS NZ  HZ2  sing N N 316 
LYS NZ  HZ3  sing N N 317 
LYS OXT HXT  sing N N 318 
MET N   CA   sing N N 319 
MET N   H    sing N N 320 
MET N   H2   sing N N 321 
MET CA  C    sing N N 322 
MET CA  CB   sing N N 323 
MET CA  HA   sing N N 324 
MET C   O    doub N N 325 
MET C   OXT  sing N N 326 
MET CB  CG   sing N N 327 
MET CB  HB2  sing N N 328 
MET CB  HB3  sing N N 329 
MET CG  SD   sing N N 330 
MET CG  HG2  sing N N 331 
MET CG  HG3  sing N N 332 
MET SD  CE   sing N N 333 
MET CE  HE1  sing N N 334 
MET CE  HE2  sing N N 335 
MET CE  HE3  sing N N 336 
MET OXT HXT  sing N N 337 
PHE N   CA   sing N N 338 
PHE N   H    sing N N 339 
PHE N   H2   sing N N 340 
PHE CA  C    sing N N 341 
PHE CA  CB   sing N N 342 
PHE CA  HA   sing N N 343 
PHE C   O    doub N N 344 
PHE C   OXT  sing N N 345 
PHE CB  CG   sing N N 346 
PHE CB  HB2  sing N N 347 
PHE CB  HB3  sing N N 348 
PHE CG  CD1  doub Y N 349 
PHE CG  CD2  sing Y N 350 
PHE CD1 CE1  sing Y N 351 
PHE CD1 HD1  sing N N 352 
PHE CD2 CE2  doub Y N 353 
PHE CD2 HD2  sing N N 354 
PHE CE1 CZ   doub Y N 355 
PHE CE1 HE1  sing N N 356 
PHE CE2 CZ   sing Y N 357 
PHE CE2 HE2  sing N N 358 
PHE CZ  HZ   sing N N 359 
PHE OXT HXT  sing N N 360 
PRO N   CA   sing N N 361 
PRO N   CD   sing N N 362 
PRO N   H    sing N N 363 
PRO CA  C    sing N N 364 
PRO CA  CB   sing N N 365 
PRO CA  HA   sing N N 366 
PRO C   O    doub N N 367 
PRO C   OXT  sing N N 368 
PRO CB  CG   sing N N 369 
PRO CB  HB2  sing N N 370 
PRO CB  HB3  sing N N 371 
PRO CG  CD   sing N N 372 
PRO CG  HG2  sing N N 373 
PRO CG  HG3  sing N N 374 
PRO CD  HD2  sing N N 375 
PRO CD  HD3  sing N N 376 
PRO OXT HXT  sing N N 377 
SER N   CA   sing N N 378 
SER N   H    sing N N 379 
SER N   H2   sing N N 380 
SER CA  C    sing N N 381 
SER CA  CB   sing N N 382 
SER CA  HA   sing N N 383 
SER C   O    doub N N 384 
SER C   OXT  sing N N 385 
SER CB  OG   sing N N 386 
SER CB  HB2  sing N N 387 
SER CB  HB3  sing N N 388 
SER OG  HG   sing N N 389 
SER OXT HXT  sing N N 390 
THR N   CA   sing N N 391 
THR N   H    sing N N 392 
THR N   H2   sing N N 393 
THR CA  C    sing N N 394 
THR CA  CB   sing N N 395 
THR CA  HA   sing N N 396 
THR C   O    doub N N 397 
THR C   OXT  sing N N 398 
THR CB  OG1  sing N N 399 
THR CB  CG2  sing N N 400 
THR CB  HB   sing N N 401 
THR OG1 HG1  sing N N 402 
THR CG2 HG21 sing N N 403 
THR CG2 HG22 sing N N 404 
THR CG2 HG23 sing N N 405 
THR OXT HXT  sing N N 406 
TRP N   CA   sing N N 407 
TRP N   H    sing N N 408 
TRP N   H2   sing N N 409 
TRP CA  C    sing N N 410 
TRP CA  CB   sing N N 411 
TRP CA  HA   sing N N 412 
TRP C   O    doub N N 413 
TRP C   OXT  sing N N 414 
TRP CB  CG   sing N N 415 
TRP CB  HB2  sing N N 416 
TRP CB  HB3  sing N N 417 
TRP CG  CD1  doub Y N 418 
TRP CG  CD2  sing Y N 419 
TRP CD1 NE1  sing Y N 420 
TRP CD1 HD1  sing N N 421 
TRP CD2 CE2  doub Y N 422 
TRP CD2 CE3  sing Y N 423 
TRP NE1 CE2  sing Y N 424 
TRP NE1 HE1  sing N N 425 
TRP CE2 CZ2  sing Y N 426 
TRP CE3 CZ3  doub Y N 427 
TRP CE3 HE3  sing N N 428 
TRP CZ2 CH2  doub Y N 429 
TRP CZ2 HZ2  sing N N 430 
TRP CZ3 CH2  sing Y N 431 
TRP CZ3 HZ3  sing N N 432 
TRP CH2 HH2  sing N N 433 
TRP OXT HXT  sing N N 434 
TYR N   CA   sing N N 435 
TYR N   H    sing N N 436 
TYR N   H2   sing N N 437 
TYR CA  C    sing N N 438 
TYR CA  CB   sing N N 439 
TYR CA  HA   sing N N 440 
TYR C   O    doub N N 441 
TYR C   OXT  sing N N 442 
TYR CB  CG   sing N N 443 
TYR CB  HB2  sing N N 444 
TYR CB  HB3  sing N N 445 
TYR CG  CD1  doub Y N 446 
TYR CG  CD2  sing Y N 447 
TYR CD1 CE1  sing Y N 448 
TYR CD1 HD1  sing N N 449 
TYR CD2 CE2  doub Y N 450 
TYR CD2 HD2  sing N N 451 
TYR CE1 CZ   doub Y N 452 
TYR CE1 HE1  sing N N 453 
TYR CE2 CZ   sing Y N 454 
TYR CE2 HE2  sing N N 455 
TYR CZ  OH   sing N N 456 
TYR OH  HH   sing N N 457 
TYR OXT HXT  sing N N 458 
VAL N   CA   sing N N 459 
VAL N   H    sing N N 460 
VAL N   H2   sing N N 461 
VAL CA  C    sing N N 462 
VAL CA  CB   sing N N 463 
VAL CA  HA   sing N N 464 
VAL C   O    doub N N 465 
VAL C   OXT  sing N N 466 
VAL CB  CG1  sing N N 467 
VAL CB  CG2  sing N N 468 
VAL CB  HB   sing N N 469 
VAL CG1 HG11 sing N N 470 
VAL CG1 HG12 sing N N 471 
VAL CG1 HG13 sing N N 472 
VAL CG2 HG21 sing N N 473 
VAL CG2 HG22 sing N N 474 
VAL CG2 HG23 sing N N 475 
VAL OXT HXT  sing N N 476 
# 
_atom_sites.entry_id                    3DM8 
_atom_sites.fract_transf_matrix[1][1]   -0.00864648 
_atom_sites.fract_transf_matrix[1][2]   -0.00631741 
_atom_sites.fract_transf_matrix[1][3]   0.02219140 
_atom_sites.fract_transf_matrix[2][1]   0.00327953 
_atom_sites.fract_transf_matrix[2][2]   0.01060187 
_atom_sites.fract_transf_matrix[2][3]   0.00429593 
_atom_sites.fract_transf_matrix[3][1]   -0.00920889 
_atom_sites.fract_transf_matrix[3][2]   0.00385756 
_atom_sites.fract_transf_matrix[3][3]   -0.00248991 
_atom_sites.fract_transf_vector[1]      0.054444 
_atom_sites.fract_transf_vector[2]      0.379328 
_atom_sites.fract_transf_vector[3]      0.427010 
# 
loop_
_atom_type.symbol 
C 
N 
O 
S 
# 
loop_
_atom_site.group_PDB 
_atom_site.id 
_atom_site.type_symbol 
_atom_site.label_atom_id 
_atom_site.label_alt_id 
_atom_site.label_comp_id 
_atom_site.label_asym_id 
_atom_site.label_entity_id 
_atom_site.label_seq_id 
_atom_site.pdbx_PDB_ins_code 
_atom_site.Cartn_x 
_atom_site.Cartn_y 
_atom_site.Cartn_z 
_atom_site.occupancy 
_atom_site.B_iso_or_equiv 
_atom_site.pdbx_formal_charge 
_atom_site.auth_seq_id 
_atom_site.auth_comp_id 
_atom_site.auth_asym_id 
_atom_site.auth_atom_id 
_atom_site.pdbx_PDB_model_num 
ATOM   1    N N   . MET A 1 1   ? 8.242   5.589   -23.524 1.00 47.73 ? 1   MET A N   1 
ATOM   2    C CA  . MET A 1 1   ? 7.817   4.645   -22.439 1.00 47.59 ? 1   MET A CA  1 
ATOM   3    C C   . MET A 1 1   ? 6.367   4.882   -22.069 1.00 45.64 ? 1   MET A C   1 
ATOM   4    O O   . MET A 1 1   ? 5.978   5.972   -21.645 1.00 45.46 ? 1   MET A O   1 
ATOM   5    C CB  . MET A 1 1   ? 8.700   4.802   -21.210 1.00 48.69 ? 1   MET A CB  1 
ATOM   6    C CG  . MET A 1 1   ? 8.322   3.886   -20.071 1.00 52.21 ? 1   MET A CG  1 
ATOM   7    S SD  . MET A 1 1   ? 7.472   4.804   -18.769 1.00 60.14 ? 1   MET A SD  1 
ATOM   8    C CE  . MET A 1 1   ? 8.642   6.165   -18.515 1.00 57.78 ? 1   MET A CE  1 
ATOM   9    N N   . THR A 1 2   ? 5.582   3.820   -22.186 1.00 43.38 ? 2   THR A N   1 
ATOM   10   C CA  . THR A 1 2   ? 4.136   3.967   -22.179 1.00 41.17 ? 2   THR A CA  1 
ATOM   11   C C   . THR A 1 2   ? 3.336   3.189   -21.111 1.00 39.05 ? 2   THR A C   1 
ATOM   12   O O   . THR A 1 2   ? 2.108   3.344   -21.107 1.00 39.87 ? 2   THR A O   1 
ATOM   13   C CB  . THR A 1 2   ? 3.568   3.657   -23.576 1.00 41.48 ? 2   THR A CB  1 
ATOM   14   O OG1 . THR A 1 2   ? 3.779   2.279   -23.861 1.00 41.27 ? 2   THR A OG1 1 
ATOM   15   C CG2 . THR A 1 2   ? 4.280   4.519   -24.649 1.00 41.46 ? 2   THR A CG2 1 
ATOM   16   N N   . GLU A 1 3   ? 3.975   2.397   -20.227 1.00 35.78 ? 3   GLU A N   1 
ATOM   17   C CA  . GLU A 1 3   ? 3.269   1.880   -19.010 1.00 33.35 ? 3   GLU A CA  1 
ATOM   18   C C   . GLU A 1 3   ? 3.917   2.296   -17.702 1.00 29.88 ? 3   GLU A C   1 
ATOM   19   O O   . GLU A 1 3   ? 4.951   1.782   -17.285 1.00 28.96 ? 3   GLU A O   1 
ATOM   20   C CB  . GLU A 1 3   ? 3.050   0.368   -18.920 1.00 33.79 ? 3   GLU A CB  1 
ATOM   21   C CG  . GLU A 1 3   ? 2.002   0.096   -17.775 1.00 35.30 ? 3   GLU A CG  1 
ATOM   22   C CD  . GLU A 1 3   ? 1.898   -1.338  -17.262 1.00 38.46 ? 3   GLU A CD  1 
ATOM   23   O OE1 . GLU A 1 3   ? 0.875   -1.658  -16.575 1.00 42.50 ? 3   GLU A OE1 1 
ATOM   24   O OE2 . GLU A 1 3   ? 2.832   -2.136  -17.493 1.00 41.31 ? 3   GLU A OE2 1 
ATOM   25   N N   . HIS A 1 4   ? 3.220   3.195   -17.037 1.00 26.19 ? 4   HIS A N   1 
ATOM   26   C CA  . HIS A 1 4   ? 3.752   3.843   -15.856 1.00 22.93 ? 4   HIS A CA  1 
ATOM   27   C C   . HIS A 1 4   ? 4.065   2.819   -14.757 1.00 20.80 ? 4   HIS A C   1 
ATOM   28   O O   . HIS A 1 4   ? 3.322   1.889   -14.519 1.00 18.73 ? 4   HIS A O   1 
ATOM   29   C CB  . HIS A 1 4   ? 2.787   4.918   -15.372 1.00 22.42 ? 4   HIS A CB  1 
ATOM   30   C CG  . HIS A 1 4   ? 3.431   5.942   -14.499 1.00 20.59 ? 4   HIS A CG  1 
ATOM   31   N ND1 . HIS A 1 4   ? 3.727   5.697   -13.186 1.00 16.76 ? 4   HIS A ND1 1 
ATOM   32   C CD2 . HIS A 1 4   ? 3.860   7.204   -14.754 1.00 18.95 ? 4   HIS A CD2 1 
ATOM   33   C CE1 . HIS A 1 4   ? 4.309   6.762   -12.659 1.00 17.23 ? 4   HIS A CE1 1 
ATOM   34   N NE2 . HIS A 1 4   ? 4.387   7.699   -13.591 1.00 18.06 ? 4   HIS A NE2 1 
ATOM   35   N N   . SER A 1 5   ? 5.187   3.060   -14.092 1.00 19.34 ? 5   SER A N   1 
ATOM   36   C CA  . SER A 1 5   ? 5.673   2.243   -12.975 1.00 18.72 ? 5   SER A CA  1 
ATOM   37   C C   . SER A 1 5   ? 4.669   2.138   -11.863 1.00 18.40 ? 5   SER A C   1 
ATOM   38   O O   . SER A 1 5   ? 4.686   1.166   -11.093 1.00 19.34 ? 5   SER A O   1 
ATOM   39   C CB  . SER A 1 5   ? 7.006   2.788   -12.436 1.00 18.85 ? 5   SER A CB  1 
ATOM   40   O OG  . SER A 1 5   ? 8.048   2.577   -13.402 1.00 22.15 ? 5   SER A OG  1 
ATOM   41   N N   . LEU A 1 6   ? 3.796   3.124   -11.764 1.00 16.52 ? 6   LEU A N   1 
ATOM   42   C CA  . LEU A 1 6   ? 2.768   3.081   -10.687 1.00 16.37 ? 6   LEU A CA  1 
ATOM   43   C C   . LEU A 1 6   ? 1.832   1.861   -10.896 1.00 16.43 ? 6   LEU A C   1 
ATOM   44   O O   . LEU A 1 6   ? 1.467   1.129   -9.961  1.00 15.97 ? 6   LEU A O   1 
ATOM   45   C CB  . LEU A 1 6   ? 1.955   4.362   -10.676 1.00 16.82 ? 6   LEU A CB  1 
ATOM   46   C CG  . LEU A 1 6   ? 0.789   4.389   -9.686  1.00 17.56 ? 6   LEU A CG  1 
ATOM   47   C CD1 . LEU A 1 6   ? 1.328   4.303   -8.246  1.00 18.17 ? 6   LEU A CD1 1 
ATOM   48   C CD2 . LEU A 1 6   ? -0.193  5.594   -9.910  1.00 18.74 ? 6   LEU A CD2 1 
ATOM   49   N N   . TRP A 1 7   ? 1.462   1.672   -12.149 1.00 16.31 ? 7   TRP A N   1 
ATOM   50   C CA  . TRP A 1 7   ? 0.560   0.562   -12.527 1.00 16.93 ? 7   TRP A CA  1 
ATOM   51   C C   . TRP A 1 7   ? 1.239   -0.803  -12.305 1.00 16.52 ? 7   TRP A C   1 
ATOM   52   O O   . TRP A 1 7   ? 0.604   -1.799  -11.877 1.00 16.42 ? 7   TRP A O   1 
ATOM   53   C CB  . TRP A 1 7   ? 0.011   0.725   -13.957 1.00 17.64 ? 7   TRP A CB  1 
ATOM   54   C CG  . TRP A 1 7   ? -0.562  2.125   -14.206 1.00 19.97 ? 7   TRP A CG  1 
ATOM   55   C CD1 . TRP A 1 7   ? -0.255  2.958   -15.223 1.00 24.25 ? 7   TRP A CD1 1 
ATOM   56   C CD2 . TRP A 1 7   ? -1.501  2.820   -13.388 1.00 22.85 ? 7   TRP A CD2 1 
ATOM   57   N NE1 . TRP A 1 7   ? -0.968  4.138   -15.108 1.00 23.26 ? 7   TRP A NE1 1 
ATOM   58   C CE2 . TRP A 1 7   ? -1.718  4.083   -13.972 1.00 23.47 ? 7   TRP A CE2 1 
ATOM   59   C CE3 . TRP A 1 7   ? -2.163  2.504   -12.205 1.00 26.52 ? 7   TRP A CE3 1 
ATOM   60   C CZ2 . TRP A 1 7   ? -2.590  5.020   -13.426 1.00 24.69 ? 7   TRP A CZ2 1 
ATOM   61   C CZ3 . TRP A 1 7   ? -3.048  3.436   -11.667 1.00 27.41 ? 7   TRP A CZ3 1 
ATOM   62   C CH2 . TRP A 1 7   ? -3.258  4.665   -12.278 1.00 26.19 ? 7   TRP A CH2 1 
ATOM   63   N N   . ARG A 1 8   ? 2.523   -0.846  -12.611 1.00 17.48 ? 8   ARG A N   1 
ATOM   64   C CA  . ARG A 1 8   ? 3.321   -2.075  -12.420 1.00 18.29 ? 8   ARG A CA  1 
ATOM   65   C C   . ARG A 1 8   ? 3.430   -2.418  -10.941 1.00 18.26 ? 8   ARG A C   1 
ATOM   66   O O   . ARG A 1 8   ? 3.314   -3.584  -10.521 1.00 18.28 ? 8   ARG A O   1 
ATOM   67   C CB  . ARG A 1 8   ? 4.695   -1.963  -13.064 1.00 18.62 ? 8   ARG A CB  1 
ATOM   68   C CG  . ARG A 1 8   ? 4.670   -1.781  -14.548 1.00 24.15 ? 8   ARG A CG  1 
ATOM   69   C CD  . ARG A 1 8   ? 6.067   -1.749  -15.112 1.00 31.08 ? 8   ARG A CD  1 
ATOM   70   N NE  . ARG A 1 8   ? 6.908   -0.798  -14.397 1.00 38.05 ? 8   ARG A NE  1 
ATOM   71   C CZ  . ARG A 1 8   ? 8.004   -1.126  -13.712 1.00 40.46 ? 8   ARG A CZ  1 
ATOM   72   N NH1 . ARG A 1 8   ? 8.415   -2.383  -13.666 1.00 42.10 ? 8   ARG A NH1 1 
ATOM   73   N NH2 . ARG A 1 8   ? 8.699   -0.187  -13.103 1.00 39.76 ? 8   ARG A NH2 1 
ATOM   74   N N   . PHE A 1 9   ? 3.630   -1.375  -10.144 1.00 17.17 ? 9   PHE A N   1 
ATOM   75   C CA  . PHE A 1 9   ? 3.711   -1.532  -8.694  1.00 16.98 ? 9   PHE A CA  1 
ATOM   76   C C   . PHE A 1 9   ? 2.373   -1.978  -8.143  1.00 16.60 ? 9   PHE A C   1 
ATOM   77   O O   . PHE A 1 9   ? 2.290   -2.855  -7.300  1.00 16.01 ? 9   PHE A O   1 
ATOM   78   C CB  . PHE A 1 9   ? 4.149   -0.218  -8.028  1.00 17.30 ? 9   PHE A CB  1 
ATOM   79   C CG  . PHE A 1 9   ? 3.977   -0.199  -6.560  1.00 17.07 ? 9   PHE A CG  1 
ATOM   80   C CD1 . PHE A 1 9   ? 4.723   -1.010  -5.744  1.00 18.56 ? 9   PHE A CD1 1 
ATOM   81   C CD2 . PHE A 1 9   ? 3.123   0.700   -5.982  1.00 18.90 ? 9   PHE A CD2 1 
ATOM   82   C CE1 . PHE A 1 9   ? 4.554   -0.998  -4.373  1.00 18.23 ? 9   PHE A CE1 1 
ATOM   83   C CE2 . PHE A 1 9   ? 2.980   0.734   -4.593  1.00 20.86 ? 9   PHE A CE2 1 
ATOM   84   C CZ  . PHE A 1 9   ? 3.681   -0.135  -3.804  1.00 18.89 ? 9   PHE A CZ  1 
ATOM   85   N N   . SER A 1 10  ? 1.304   -1.390  -8.659  1.00 17.39 ? 10  SER A N   1 
ATOM   86   C CA  . SER A 1 10  ? -0.024  -1.668  -8.156  1.00 16.41 ? 10  SER A CA  1 
ATOM   87   C C   . SER A 1 10  ? -0.349  -3.140  -8.436  1.00 16.09 ? 10  SER A C   1 
ATOM   88   O O   . SER A 1 10  ? -0.930  -3.834  -7.589  1.00 16.31 ? 10  SER A O   1 
ATOM   89   C CB  . SER A 1 10  ? -1.066  -0.724  -8.766  1.00 17.98 ? 10  SER A CB  1 
ATOM   90   O OG  . SER A 1 10  ? -2.343  -0.962  -8.156  1.00 22.71 ? 10  SER A OG  1 
ATOM   91   N N   . ARG A 1 11  ? 0.024   -3.604  -9.627  1.00 14.00 ? 11  ARG A N   1 
ATOM   92   C CA  . ARG A 1 11  ? -0.258  -5.011  -9.969  1.00 15.30 ? 11  ARG A CA  1 
ATOM   93   C C   . ARG A 1 11  ? 0.551   -5.981  -9.087  1.00 15.13 ? 11  ARG A C   1 
ATOM   94   O O   . ARG A 1 11  ? 0.034   -6.983  -8.570  1.00 13.96 ? 11  ARG A O   1 
ATOM   95   C CB  . ARG A 1 11  ? -0.008  -5.254  -11.431 1.00 15.65 ? 11  ARG A CB  1 
ATOM   96   C CG  . ARG A 1 11  ? -0.283  -6.599  -11.856 1.00 20.29 ? 11  ARG A CG  1 
ATOM   97   C CD  . ARG A 1 11  ? -0.345  -6.670  -13.375 1.00 25.32 ? 11  ARG A CD  1 
ATOM   98   N NE  . ARG A 1 11  ? 0.868   -6.138  -13.990 1.00 28.81 ? 11  ARG A NE  1 
ATOM   99   C CZ  . ARG A 1 11  ? 0.932   -4.958  -14.586 1.00 26.09 ? 11  ARG A CZ  1 
ATOM   100  N NH1 . ARG A 1 11  ? -0.125  -4.213  -14.665 1.00 26.22 ? 11  ARG A NH1 1 
ATOM   101  N NH2 . ARG A 1 11  ? 2.061   -4.552  -15.132 1.00 30.50 ? 11  ARG A NH2 1 
ATOM   102  N N   . ALA A 1 12  ? 1.819   -5.622  -8.897  1.00 14.03 ? 12  ALA A N   1 
ATOM   103  C CA  . ALA A 1 12  ? 2.759   -6.417  -8.115  1.00 14.19 ? 12  ALA A CA  1 
ATOM   104  C C   . ALA A 1 12  ? 2.284   -6.514  -6.672  1.00 14.46 ? 12  ALA A C   1 
ATOM   105  O O   . ALA A 1 12  ? 2.338   -7.564  -6.056  1.00 15.20 ? 12  ALA A O   1 
ATOM   106  C CB  . ALA A 1 12  ? 4.135   -5.770  -8.142  1.00 14.67 ? 12  ALA A CB  1 
ATOM   107  N N   . LEU A 1 13  ? 1.801   -5.402  -6.151  1.00 14.13 ? 13  LEU A N   1 
ATOM   108  C CA  . LEU A 1 13  ? 1.306   -5.368  -4.777  1.00 15.48 ? 13  LEU A CA  1 
ATOM   109  C C   . LEU A 1 13  ? 0.022   -6.213  -4.631  1.00 15.41 ? 13  LEU A C   1 
ATOM   110  O O   . LEU A 1 13  ? -0.226  -6.930  -3.623  1.00 16.97 ? 13  LEU A O   1 
ATOM   111  C CB  . LEU A 1 13  ? 1.052   -3.912  -4.386  1.00 15.51 ? 13  LEU A CB  1 
ATOM   112  C CG  . LEU A 1 13  ? 0.669   -3.754  -2.911  1.00 17.03 ? 13  LEU A CG  1 
ATOM   113  C CD1 . LEU A 1 13  ? 1.791   -4.257  -1.955  1.00 19.08 ? 13  LEU A CD1 1 
ATOM   114  C CD2 . LEU A 1 13  ? 0.275   -2.267  -2.704  1.00 22.16 ? 13  LEU A CD2 1 
ATOM   115  N N   . HIS A 1 14  ? -0.831  -6.147  -5.647  1.00 16.07 ? 14  HIS A N   1 
ATOM   116  C CA  . HIS A 1 14  ? -2.047  -6.978  -5.683  1.00 15.04 ? 14  HIS A CA  1 
ATOM   117  C C   . HIS A 1 14  ? -1.729  -8.457  -5.583  1.00 15.98 ? 14  HIS A C   1 
ATOM   118  O O   . HIS A 1 14  ? -2.330  -9.223  -4.793  1.00 15.95 ? 14  HIS A O   1 
ATOM   119  C CB  . HIS A 1 14  ? -2.802  -6.726  -6.999  1.00 16.29 ? 14  HIS A CB  1 
ATOM   120  C CG  . HIS A 1 14  ? -4.086  -7.476  -7.118  1.00 17.26 ? 14  HIS A CG  1 
ATOM   121  N ND1 . HIS A 1 14  ? -5.321  -6.860  -6.972  1.00 20.82 ? 14  HIS A ND1 1 
ATOM   122  C CD2 . HIS A 1 14  ? -4.342  -8.770  -7.420  1.00 16.08 ? 14  HIS A CD2 1 
ATOM   123  C CE1 . HIS A 1 14  ? -6.276  -7.755  -7.170  1.00 19.69 ? 14  HIS A CE1 1 
ATOM   124  N NE2 . HIS A 1 14  ? -5.708  -8.925  -7.407  1.00 18.92 ? 14  HIS A NE2 1 
ATOM   125  N N   . ARG A 1 15  ? -0.774  -8.870  -6.397  1.00 16.16 ? 15  ARG A N   1 
ATOM   126  C CA  . ARG A 1 15  ? -0.329  -10.273 -6.393  1.00 17.26 ? 15  ARG A CA  1 
ATOM   127  C C   . ARG A 1 15  ? 0.148   -10.677 -4.997  1.00 16.73 ? 15  ARG A C   1 
ATOM   128  O O   . ARG A 1 15  ? -0.132  -11.772 -4.518  1.00 14.68 ? 15  ARG A O   1 
ATOM   129  C CB  . ARG A 1 15  ? 0.797   -10.515 -7.413  1.00 18.74 ? 15  ARG A CB  1 
ATOM   130  C CG  . ARG A 1 15  ? 0.366   -10.276 -8.831  1.00 23.16 ? 15  ARG A CG  1 
ATOM   131  C CD  . ARG A 1 15  ? 1.291   -10.996 -9.758  1.00 28.13 ? 15  ARG A CD  1 
ATOM   132  N NE  . ARG A 1 15  ? 1.031   -10.707 -11.163 1.00 33.31 ? 15  ARG A NE  1 
ATOM   133  C CZ  . ARG A 1 15  ? 0.220   -11.424 -11.936 1.00 36.59 ? 15  ARG A CZ  1 
ATOM   134  N NH1 . ARG A 1 15  ? -0.447  -12.462 -11.437 1.00 38.12 ? 15  ARG A NH1 1 
ATOM   135  N NH2 . ARG A 1 15  ? 0.058   -11.087 -13.207 1.00 37.76 ? 15  ARG A NH2 1 
ATOM   136  N N   . ALA A 1 16  ? 0.858   -9.760  -4.335  1.00 15.62 ? 16  ALA A N   1 
ATOM   137  C CA  . ALA A 1 16  ? 1.490   -10.084 -3.070  1.00 16.15 ? 16  ALA A CA  1 
ATOM   138  C C   . ALA A 1 16  ? 0.394   -10.158 -2.019  1.00 17.10 ? 16  ALA A C   1 
ATOM   139  O O   . ALA A 1 16  ? 0.307   -11.132 -1.258  1.00 18.04 ? 16  ALA A O   1 
ATOM   140  C CB  . ALA A 1 16  ? 2.574   -9.091  -2.676  1.00 14.89 ? 16  ALA A CB  1 
ATOM   141  N N   . LEU A 1 17  ? -0.485  -9.168  -2.005  1.00 16.48 ? 17  LEU A N   1 
ATOM   142  C CA  . LEU A 1 17  ? -1.459  -9.083  -0.913  1.00 17.36 ? 17  LEU A CA  1 
ATOM   143  C C   . LEU A 1 17  ? -2.544  -10.120 -1.056  1.00 18.97 ? 17  LEU A C   1 
ATOM   144  O O   . LEU A 1 17  ? -3.045  -10.674 -0.061  1.00 19.35 ? 17  LEU A O   1 
ATOM   145  C CB  . LEU A 1 17  ? -2.094  -7.697  -0.833  1.00 18.76 ? 17  LEU A CB  1 
ATOM   146  C CG  . LEU A 1 17  ? -1.130  -6.561  -0.529  1.00 18.05 ? 17  LEU A CG  1 
ATOM   147  C CD1 . LEU A 1 17  ? -1.946  -5.275  -0.248  1.00 19.57 ? 17  LEU A CD1 1 
ATOM   148  C CD2 . LEU A 1 17  ? -0.116  -6.841  0.579   1.00 18.42 ? 17  LEU A CD2 1 
ATOM   149  N N   . ASN A 1 18  ? -2.935  -10.390 -2.298  1.00 19.00 ? 18  ASN A N   1 
ATOM   150  C CA  . ASN A 1 18  ? -4.096  -11.247 -2.499  1.00 20.39 ? 18  ASN A CA  1 
ATOM   151  C C   . ASN A 1 18  ? -3.713  -12.680 -2.727  1.00 20.00 ? 18  ASN A C   1 
ATOM   152  O O   . ASN A 1 18  ? -4.343  -13.618 -2.193  1.00 20.16 ? 18  ASN A O   1 
ATOM   153  C CB  . ASN A 1 18  ? -5.037  -10.707 -3.570  1.00 21.03 ? 18  ASN A CB  1 
ATOM   154  C CG  . ASN A 1 18  ? -6.145  -9.854  -2.948  1.00 23.54 ? 18  ASN A CG  1 
ATOM   155  O OD1 . ASN A 1 18  ? -5.920  -9.218  -1.912  1.00 24.62 ? 18  ASN A OD1 1 
ATOM   156  N ND2 . ASN A 1 18  ? -7.336  -9.875  -3.538  1.00 28.17 ? 18  ASN A ND2 1 
ATOM   157  N N   . ASP A 1 19  ? -2.636  -12.877 -3.471  1.00 19.89 ? 19  ASP A N   1 
ATOM   158  C CA  . ASP A 1 19  ? -2.258  -14.261 -3.869  1.00 19.72 ? 19  ASP A CA  1 
ATOM   159  C C   . ASP A 1 19  ? -1.027  -14.787 -3.151  1.00 19.62 ? 19  ASP A C   1 
ATOM   160  O O   . ASP A 1 19  ? -0.592  -15.917 -3.383  1.00 19.43 ? 19  ASP A O   1 
ATOM   161  C CB  . ASP A 1 19  ? -2.036  -14.359 -5.386  1.00 20.45 ? 19  ASP A CB  1 
ATOM   162  C CG  . ASP A 1 19  ? -3.285  -14.081 -6.173  1.00 23.91 ? 19  ASP A CG  1 
ATOM   163  O OD1 . ASP A 1 19  ? -3.312  -13.122 -6.966  1.00 29.41 ? 19  ASP A OD1 1 
ATOM   164  O OD2 . ASP A 1 19  ? -4.273  -14.801 -5.980  1.00 30.05 ? 19  ASP A OD2 1 
ATOM   165  N N   . ARG A 1 20  ? -0.475  -13.954 -2.288  1.00 18.87 ? 20  ARG A N   1 
ATOM   166  C CA  . ARG A 1 20  ? 0.780   -14.244 -1.582  1.00 18.50 ? 20  ARG A CA  1 
ATOM   167  C C   . ARG A 1 20  ? 1.919   -14.624 -2.513  1.00 18.25 ? 20  ARG A C   1 
ATOM   168  O O   . ARG A 1 20  ? 2.749   -15.469 -2.189  1.00 18.45 ? 20  ARG A O   1 
ATOM   169  C CB  . ARG A 1 20  ? 0.609   -15.339 -0.539  1.00 19.59 ? 20  ARG A CB  1 
ATOM   170  C CG  . ARG A 1 20  ? -0.655  -15.247 0.183   1.00 21.05 ? 20  ARG A CG  1 
ATOM   171  C CD  . ARG A 1 20  ? -0.805  -13.932 0.913   1.00 24.91 ? 20  ARG A CD  1 
ATOM   172  N NE  . ARG A 1 20  ? 0.299   -13.600 1.814   1.00 26.16 ? 20  ARG A NE  1 
ATOM   173  C CZ  . ARG A 1 20  ? 0.310   -13.849 3.129   1.00 27.32 ? 20  ARG A CZ  1 
ATOM   174  N NH1 . ARG A 1 20  ? 1.334   -13.453 3.869   1.00 27.69 ? 20  ARG A NH1 1 
ATOM   175  N NH2 . ARG A 1 20  ? -0.686  -14.495 3.699   1.00 26.74 ? 20  ARG A NH2 1 
ATOM   176  N N   . GLN A 1 21  ? 1.916   -14.021 -3.690  1.00 17.82 ? 21  GLN A N   1 
ATOM   177  C CA  . GLN A 1 21  ? 2.984   -14.186 -4.667  1.00 18.19 ? 21  GLN A CA  1 
ATOM   178  C C   . GLN A 1 21  ? 3.764   -12.885 -4.724  1.00 17.94 ? 21  GLN A C   1 
ATOM   179  O O   . GLN A 1 21  ? 3.279   -11.906 -5.258  1.00 17.17 ? 21  GLN A O   1 
ATOM   180  C CB  . GLN A 1 21  ? 2.402   -14.480 -6.051  1.00 18.75 ? 21  GLN A CB  1 
ATOM   181  C CG  . GLN A 1 21  ? 1.714   -15.814 -6.214  1.00 23.18 ? 21  GLN A CG  1 
ATOM   182  C CD  . GLN A 1 21  ? 0.743   -15.828 -7.404  1.00 29.84 ? 21  GLN A CD  1 
ATOM   183  O OE1 . GLN A 1 21  ? 0.655   -14.858 -8.188  1.00 35.57 ? 21  GLN A OE1 1 
ATOM   184  N NE2 . GLN A 1 21  ? -0.014  -16.906 -7.519  1.00 32.23 ? 21  GLN A NE2 1 
ATOM   185  N N   . THR A 1 22  ? 4.980   -12.911 -4.187  1.00 18.25 ? 22  THR A N   1 
ATOM   186  C CA  . THR A 1 22  ? 5.733   -11.684 -3.879  1.00 18.80 ? 22  THR A CA  1 
ATOM   187  C C   . THR A 1 22  ? 6.909   -11.408 -4.791  1.00 18.95 ? 22  THR A C   1 
ATOM   188  O O   . THR A 1 22  ? 7.605   -10.419 -4.650  1.00 18.98 ? 22  THR A O   1 
ATOM   189  C CB  . THR A 1 22  ? 6.237   -11.674 -2.420  1.00 19.95 ? 22  THR A CB  1 
ATOM   190  O OG1 . THR A 1 22  ? 7.232   -12.686 -2.238  1.00 19.16 ? 22  THR A OG1 1 
ATOM   191  C CG2 . THR A 1 22  ? 5.075   -11.856 -1.453  1.00 18.27 ? 22  THR A CG2 1 
ATOM   192  N N   . GLU A 1 23  ? 7.093   -12.250 -5.795  1.00 20.30 ? 23  GLU A N   1 
ATOM   193  C CA  . GLU A 1 23  ? 8.293   -12.112 -6.641  1.00 20.10 ? 23  GLU A CA  1 
ATOM   194  C C   . GLU A 1 23  ? 8.311   -10.795 -7.414  1.00 19.83 ? 23  GLU A C   1 
ATOM   195  O O   . GLU A 1 23  ? 9.361   -10.161 -7.519  1.00 17.89 ? 23  GLU A O   1 
ATOM   196  C CB  . GLU A 1 23  ? 8.457   -13.299 -7.586  1.00 22.36 ? 23  GLU A CB  1 
ATOM   197  C CG  . GLU A 1 23  ? 8.538   -14.646 -6.861  1.00 25.42 ? 23  GLU A CG  1 
ATOM   198  C CD  . GLU A 1 23  ? 7.200   -15.098 -6.181  1.00 30.01 ? 23  GLU A CD  1 
ATOM   199  O OE1 . GLU A 1 23  ? 6.083   -14.870 -6.716  1.00 29.87 ? 23  GLU A OE1 1 
ATOM   200  O OE2 . GLU A 1 23  ? 7.290   -15.720 -5.088  1.00 36.90 ? 23  GLU A OE2 1 
ATOM   201  N N   . GLU A 1 24  ? 7.167   -10.408 -7.964  1.00 19.37 ? 24  GLU A N   1 
ATOM   202  C CA  . GLU A 1 24  ? 7.080   -9.173  -8.778  1.00 19.55 ? 24  GLU A CA  1 
ATOM   203  C C   . GLU A 1 24  ? 7.255   -7.948  -7.923  1.00 17.88 ? 24  GLU A C   1 
ATOM   204  O O   . GLU A 1 24  ? 7.855   -6.981  -8.351  1.00 17.58 ? 24  GLU A O   1 
ATOM   205  C CB  . GLU A 1 24  ? 5.745   -9.026  -9.527  1.00 21.18 ? 24  GLU A CB  1 
ATOM   206  C CG  . GLU A 1 24  ? 5.589   -9.882  -10.761 1.00 24.68 ? 24  GLU A CG  1 
ATOM   207  C CD  . GLU A 1 24  ? 4.234   -9.665  -11.489 1.00 28.34 ? 24  GLU A CD  1 
ATOM   208  O OE1 . GLU A 1 24  ? 3.979   -10.438 -12.416 1.00 30.97 ? 24  GLU A OE1 1 
ATOM   209  O OE2 . GLU A 1 24  ? 3.451   -8.726  -11.154 1.00 30.38 ? 24  GLU A OE2 1 
ATOM   210  N N   . LEU A 1 25  ? 6.727   -8.008  -6.706  1.00 16.34 ? 25  LEU A N   1 
ATOM   211  C CA  . LEU A 1 25  ? 6.855   -6.910  -5.781  1.00 16.24 ? 25  LEU A CA  1 
ATOM   212  C C   . LEU A 1 25  ? 8.318   -6.737  -5.403  1.00 16.09 ? 25  LEU A C   1 
ATOM   213  O O   . LEU A 1 25  ? 8.797   -5.639  -5.290  1.00 16.63 ? 25  LEU A O   1 
ATOM   214  C CB  . LEU A 1 25  ? 6.012   -7.110  -4.538  1.00 15.69 ? 25  LEU A CB  1 
ATOM   215  C CG  . LEU A 1 25  ? 5.993   -6.032  -3.468  1.00 16.83 ? 25  LEU A CG  1 
ATOM   216  C CD1 . LEU A 1 25  ? 5.494   -4.742  -4.050  1.00 20.26 ? 25  LEU A CD1 1 
ATOM   217  C CD2 . LEU A 1 25  ? 5.082   -6.446  -2.316  1.00 16.70 ? 25  LEU A CD2 1 
ATOM   218  N N   . ALA A 1 26  ? 8.982   -7.834  -5.126  1.00 17.20 ? 26  ALA A N   1 
ATOM   219  C CA  . ALA A 1 26  ? 10.388  -7.782  -4.714  1.00 16.65 ? 26  ALA A CA  1 
ATOM   220  C C   . ALA A 1 26  ? 11.264  -7.189  -5.809  1.00 17.12 ? 26  ALA A C   1 
ATOM   221  O O   . ALA A 1 26  ? 12.278  -6.502  -5.513  1.00 18.18 ? 26  ALA A O   1 
ATOM   222  C CB  . ALA A 1 26  ? 10.887  -9.174  -4.289  1.00 16.47 ? 26  ALA A CB  1 
ATOM   223  N N   . THR A 1 27  ? 10.884  -7.418  -7.069  1.00 16.25 ? 27  THR A N   1 
ATOM   224  C CA  . THR A 1 27  ? 11.664  -6.896  -8.195  1.00 16.99 ? 27  THR A CA  1 
ATOM   225  C C   . THR A 1 27  ? 11.582  -5.382  -8.255  1.00 17.39 ? 27  THR A C   1 
ATOM   226  O O   . THR A 1 27  ? 12.544  -4.678  -8.577  1.00 17.78 ? 27  THR A O   1 
ATOM   227  C CB  . THR A 1 27  ? 11.188  -7.514  -9.520  1.00 18.22 ? 27  THR A CB  1 
ATOM   228  O OG1 . THR A 1 27  ? 11.481  -8.911  -9.454  1.00 20.52 ? 27  THR A OG1 1 
ATOM   229  C CG2 . THR A 1 27  ? 11.887  -6.928  -10.687 1.00 22.09 ? 27  THR A CG2 1 
ATOM   230  N N   . ILE A 1 28  ? 10.398  -4.900  -7.946  1.00 16.23 ? 28  ILE A N   1 
ATOM   231  C CA  . ILE A 1 28  ? 10.045  -3.488  -8.146  1.00 16.59 ? 28  ILE A CA  1 
ATOM   232  C C   . ILE A 1 28  ? 10.424  -2.597  -7.006  1.00 16.12 ? 28  ILE A C   1 
ATOM   233  O O   . ILE A 1 28  ? 10.627  -1.427  -7.206  1.00 16.76 ? 28  ILE A O   1 
ATOM   234  C CB  . ILE A 1 28  ? 8.552   -3.304  -8.518  1.00 17.28 ? 28  ILE A CB  1 
ATOM   235  C CG1 . ILE A 1 28  ? 8.321   -1.943  -9.201  1.00 23.50 ? 28  ILE A CG1 1 
ATOM   236  C CG2 . ILE A 1 28  ? 7.645   -3.411  -7.338  1.00 20.14 ? 28  ILE A CG2 1 
ATOM   237  C CD1 . ILE A 1 28  ? 6.948   -1.876  -10.016 1.00 25.00 ? 28  ILE A CD1 1 
ATOM   238  N N   . ILE A 1 29  ? 10.570  -3.160  -5.825  1.00 14.72 ? 29  ILE A N   1 
ATOM   239  C CA  . ILE A 1 29  ? 10.955  -2.359  -4.650  1.00 15.13 ? 29  ILE A CA  1 
ATOM   240  C C   . ILE A 1 29  ? 12.476  -2.125  -4.648  1.00 14.24 ? 29  ILE A C   1 
ATOM   241  O O   . ILE A 1 29  ? 13.259  -3.090  -4.748  1.00 15.27 ? 29  ILE A O   1 
ATOM   242  C CB  . ILE A 1 29  ? 10.540  -3.062  -3.347  1.00 15.65 ? 29  ILE A CB  1 
ATOM   243  C CG1 . ILE A 1 29  ? 9.002   -3.152  -3.217  1.00 19.13 ? 29  ILE A CG1 1 
ATOM   244  C CG2 . ILE A 1 29  ? 11.063  -2.286  -2.117  1.00 13.40 ? 29  ILE A CG2 1 
ATOM   245  C CD1 . ILE A 1 29  ? 8.320   -1.856  -3.461  1.00 25.39 ? 29  ILE A CD1 1 
ATOM   246  N N   . ASP A 1 30  ? 12.931  -0.863  -4.608  1.00 13.84 ? 30  ASP A N   1 
ATOM   247  C CA  . ASP A 1 30  ? 14.380  -0.572  -4.606  1.00 12.66 ? 30  ASP A CA  1 
ATOM   248  C C   . ASP A 1 30  ? 15.009  -1.084  -3.333  1.00 12.60 ? 30  ASP A C   1 
ATOM   249  O O   . ASP A 1 30  ? 14.404  -1.021  -2.281  1.00 12.60 ? 30  ASP A O   1 
ATOM   250  C CB  . ASP A 1 30  ? 14.646  0.933   -4.653  1.00 12.82 ? 30  ASP A CB  1 
ATOM   251  C CG  . ASP A 1 30  ? 16.109  1.282   -4.897  1.00 16.14 ? 30  ASP A CG  1 
ATOM   252  O OD1 . ASP A 1 30  ? 16.567  1.234   -6.070  1.00 15.99 ? 30  ASP A OD1 1 
ATOM   253  O OD2 . ASP A 1 30  ? 16.789  1.681   -3.932  1.00 15.15 ? 30  ASP A OD2 1 
ATOM   254  N N   . ASP A 1 31  ? 16.265  -1.522  -3.431  1.00 12.79 ? 31  ASP A N   1 
ATOM   255  C CA  . ASP A 1 31  ? 16.924  -2.087  -2.274  1.00 11.71 ? 31  ASP A CA  1 
ATOM   256  C C   . ASP A 1 31  ? 16.955  -1.097  -1.118  1.00 11.72 ? 31  ASP A C   1 
ATOM   257  O O   . ASP A 1 31  ? 16.943  -1.492  0.075   1.00 13.27 ? 31  ASP A O   1 
ATOM   258  C CB  . ASP A 1 31  ? 18.372  -2.496  -2.561  1.00 12.56 ? 31  ASP A CB  1 
ATOM   259  C CG  . ASP A 1 31  ? 18.515  -3.812  -3.343  1.00 13.69 ? 31  ASP A CG  1 
ATOM   260  O OD1 . ASP A 1 31  ? 17.507  -4.524  -3.563  1.00 16.20 ? 31  ASP A OD1 1 
ATOM   261  O OD2 . ASP A 1 31  ? 19.683  -4.127  -3.700  1.00 13.28 ? 31  ASP A OD2 1 
ATOM   262  N N   . ASN A 1 32  ? 16.976  0.194   -1.451  1.00 12.74 ? 32  ASN A N   1 
ATOM   263  C CA  . ASN A 1 32  ? 17.111  1.245   -0.430  1.00 12.52 ? 32  ASN A CA  1 
ATOM   264  C C   . ASN A 1 32  ? 15.914  2.126   -0.358  1.00 12.32 ? 32  ASN A C   1 
ATOM   265  O O   . ASN A 1 32  ? 16.005  3.291   -0.008  1.00 12.93 ? 32  ASN A O   1 
ATOM   266  C CB  . ASN A 1 32  ? 18.362  2.098   -0.655  1.00 12.28 ? 32  ASN A CB  1 
ATOM   267  C CG  . ASN A 1 32  ? 19.628  1.255   -0.674  1.00 13.37 ? 32  ASN A CG  1 
ATOM   268  O OD1 . ASN A 1 32  ? 20.348  1.134   -1.713  1.00 14.80 ? 32  ASN A OD1 1 
ATOM   269  N ND2 . ASN A 1 32  ? 19.853  0.585   0.411   1.00 12.85 ? 32  ASN A ND2 1 
ATOM   270  N N   . ILE A 1 33  ? 14.768  1.557   -0.678  1.00 13.26 ? 33  ILE A N   1 
ATOM   271  C CA  . ILE A 1 33  ? 13.515  2.310   -0.592  1.00 12.84 ? 33  ILE A CA  1 
ATOM   272  C C   . ILE A 1 33  ? 13.358  3.064   0.734   1.00 13.77 ? 33  ILE A C   1 
ATOM   273  O O   . ILE A 1 33  ? 13.665  2.565   1.838   1.00 13.42 ? 33  ILE A O   1 
ATOM   274  C CB  . ILE A 1 33  ? 12.289  1.413   -0.827  1.00 12.66 ? 33  ILE A CB  1 
ATOM   275  C CG1 . ILE A 1 33  ? 10.983  2.250   -0.897  1.00 13.56 ? 33  ILE A CG1 1 
ATOM   276  C CG2 . ILE A 1 33  ? 12.199  0.302   0.273   1.00 13.21 ? 33  ILE A CG2 1 
ATOM   277  C CD1 . ILE A 1 33  ? 9.817   1.514   -1.497  1.00 15.27 ? 33  ILE A CD1 1 
ATOM   278  N N   . ASP A 1 34  ? 12.825  4.284   0.599   1.00 14.30 ? 34  ASP A N   1 
ATOM   279  C CA  . ASP A 1 34  ? 12.483  5.157   1.732   1.00 14.41 ? 34  ASP A CA  1 
ATOM   280  C C   . ASP A 1 34  ? 10.979  5.235   1.831   1.00 13.51 ? 34  ASP A C   1 
ATOM   281  O O   . ASP A 1 34  ? 10.322  5.808   0.998   1.00 12.93 ? 34  ASP A O   1 
ATOM   282  C CB  . ASP A 1 34  ? 13.084  6.533   1.481   1.00 15.93 ? 34  ASP A CB  1 
ATOM   283  C CG  . ASP A 1 34  ? 12.852  7.523   2.585   1.00 17.52 ? 34  ASP A CG  1 
ATOM   284  O OD1 . ASP A 1 34  ? 11.853  7.457   3.326   1.00 16.14 ? 34  ASP A OD1 1 
ATOM   285  O OD2 . ASP A 1 34  ? 13.728  8.442   2.664   1.00 19.72 ? 34  ASP A OD2 1 
ATOM   286  N N   . TRP A 1 35  ? 10.437  4.557   2.849   1.00 13.98 ? 35  TRP A N   1 
ATOM   287  C CA  . TRP A 1 35  ? 8.999   4.257   2.950   1.00 13.67 ? 35  TRP A CA  1 
ATOM   288  C C   . TRP A 1 35  ? 8.360   4.755   4.226   1.00 13.33 ? 35  TRP A C   1 
ATOM   289  O O   . TRP A 1 35  ? 8.969   4.718   5.327   1.00 14.41 ? 35  TRP A O   1 
ATOM   290  C CB  . TRP A 1 35  ? 8.846   2.718   2.917   1.00 13.38 ? 35  TRP A CB  1 
ATOM   291  C CG  . TRP A 1 35  ? 7.520   2.054   3.217   1.00 12.34 ? 35  TRP A CG  1 
ATOM   292  C CD1 . TRP A 1 35  ? 6.954   1.823   4.452   1.00 13.44 ? 35  TRP A CD1 1 
ATOM   293  C CD2 . TRP A 1 35  ? 6.714   1.346   2.284   1.00 11.41 ? 35  TRP A CD2 1 
ATOM   294  N NE1 . TRP A 1 35  ? 5.805   1.093   4.313   1.00 13.85 ? 35  TRP A NE1 1 
ATOM   295  C CE2 . TRP A 1 35  ? 5.642   0.776   2.987   1.00 13.05 ? 35  TRP A CE2 1 
ATOM   296  C CE3 . TRP A 1 35  ? 6.787   1.144   0.918   1.00 14.23 ? 35  TRP A CE3 1 
ATOM   297  C CZ2 . TRP A 1 35  ? 4.676   0.020   2.359   1.00 13.71 ? 35  TRP A CZ2 1 
ATOM   298  C CZ3 . TRP A 1 35  ? 5.802   0.459   0.282   1.00 13.92 ? 35  TRP A CZ3 1 
ATOM   299  C CH2 . TRP A 1 35  ? 4.750   -0.102  0.974   1.00 15.00 ? 35  TRP A CH2 1 
ATOM   300  N N   . ALA A 1 36  ? 7.121   5.239   4.108   1.00 13.44 ? 36  ALA A N   1 
ATOM   301  C CA  . ALA A 1 36  ? 6.316   5.490   5.347   1.00 12.96 ? 36  ALA A CA  1 
ATOM   302  C C   . ALA A 1 36  ? 4.850   5.443   5.102   1.00 13.70 ? 36  ALA A C   1 
ATOM   303  O O   . ALA A 1 36  ? 4.323   6.021   4.149   1.00 12.30 ? 36  ALA A O   1 
ATOM   304  C CB  . ALA A 1 36  ? 6.713   6.860   6.052   1.00 13.53 ? 36  ALA A CB  1 
ATOM   305  N N   . ILE A 1 37  ? 4.153   4.777   6.014   1.00 13.05 ? 37  ILE A N   1 
ATOM   306  C CA  . ILE A 1 37  ? 2.702   4.846   6.034   1.00 13.87 ? 37  ILE A CA  1 
ATOM   307  C C   . ILE A 1 37  ? 2.317   5.409   7.363   1.00 14.38 ? 37  ILE A C   1 
ATOM   308  O O   . ILE A 1 37  ? 2.683   4.858   8.361   1.00 13.72 ? 37  ILE A O   1 
ATOM   309  C CB  . ILE A 1 37  ? 2.001   3.472   5.887   1.00 13.96 ? 37  ILE A CB  1 
ATOM   310  C CG1 . ILE A 1 37  ? 2.374   2.763   4.610   1.00 14.52 ? 37  ILE A CG1 1 
ATOM   311  C CG2 . ILE A 1 37  ? 0.446   3.646   5.954   1.00 16.23 ? 37  ILE A CG2 1 
ATOM   312  C CD1 . ILE A 1 37  ? 1.954   1.265   4.670   1.00 15.64 ? 37  ILE A CD1 1 
ATOM   313  N N   . TYR A 1 38  ? 1.603   6.526   7.363   1.00 14.76 ? 38  TYR A N   1 
ATOM   314  C CA  . TYR A 1 38  ? 1.323   7.226   8.615   1.00 15.59 ? 38  TYR A CA  1 
ATOM   315  C C   . TYR A 1 38  ? 0.061   6.670   9.243   1.00 15.59 ? 38  TYR A C   1 
ATOM   316  O O   . TYR A 1 38  ? -1.045  6.903   8.792   1.00 17.03 ? 38  TYR A O   1 
ATOM   317  C CB  . TYR A 1 38  ? 1.210   8.746   8.402   1.00 15.76 ? 38  TYR A CB  1 
ATOM   318  C CG  . TYR A 1 38  ? 2.519   9.316   7.904   1.00 16.99 ? 38  TYR A CG  1 
ATOM   319  C CD1 . TYR A 1 38  ? 2.676   9.662   6.571   1.00 18.07 ? 38  TYR A CD1 1 
ATOM   320  C CD2 . TYR A 1 38  ? 3.619   9.441   8.741   1.00 19.00 ? 38  TYR A CD2 1 
ATOM   321  C CE1 . TYR A 1 38  ? 3.840   10.139  6.087   1.00 17.93 ? 38  TYR A CE1 1 
ATOM   322  C CE2 . TYR A 1 38  ? 4.828   9.937   8.242   1.00 21.95 ? 38  TYR A CE2 1 
ATOM   323  C CZ  . TYR A 1 38  ? 4.915   10.271  6.896   1.00 19.93 ? 38  TYR A CZ  1 
ATOM   324  O OH  . TYR A 1 38  ? 6.063   10.775  6.317   1.00 24.18 ? 38  TYR A OH  1 
ATOM   325  N N   . GLY A 1 39  ? 0.243   5.974   10.358  1.00 15.09 ? 39  GLY A N   1 
ATOM   326  C CA  . GLY A 1 39  ? -0.906  5.482   11.098  1.00 14.49 ? 39  GLY A CA  1 
ATOM   327  C C   . GLY A 1 39  ? -0.493  4.846   12.409  1.00 15.06 ? 39  GLY A C   1 
ATOM   328  O O   . GLY A 1 39  ? 0.689   4.781   12.720  1.00 14.51 ? 39  GLY A O   1 
ATOM   329  N N   . PRO A 1 40  ? -1.466  4.396   13.186  1.00 15.90 ? 40  PRO A N   1 
ATOM   330  C CA  . PRO A 1 40  ? -1.209  4.066   14.584  1.00 16.51 ? 40  PRO A CA  1 
ATOM   331  C C   . PRO A 1 40  ? -0.622  2.693   14.741  1.00 16.47 ? 40  PRO A C   1 
ATOM   332  O O   . PRO A 1 40  ? -1.320  1.689   14.605  1.00 16.29 ? 40  PRO A O   1 
ATOM   333  C CB  . PRO A 1 40  ? -2.594  4.113   15.231  1.00 16.59 ? 40  PRO A CB  1 
ATOM   334  C CG  . PRO A 1 40  ? -3.551  3.988   14.194  1.00 15.29 ? 40  PRO A CG  1 
ATOM   335  C CD  . PRO A 1 40  ? -2.896  4.410   12.869  1.00 16.56 ? 40  PRO A CD  1 
ATOM   336  N N   . ILE A 1 41  ? 0.659   2.665   15.084  1.00 17.29 ? 41  ILE A N   1 
ATOM   337  C CA  . ILE A 1 41  ? 1.415   1.410   15.068  1.00 16.50 ? 41  ILE A CA  1 
ATOM   338  C C   . ILE A 1 41  ? 0.989   0.513   16.203  1.00 17.22 ? 41  ILE A C   1 
ATOM   339  O O   . ILE A 1 41  ? 1.279   -0.673  16.173  1.00 17.06 ? 41  ILE A O   1 
ATOM   340  C CB  . ILE A 1 41  ? 2.946   1.580   15.072  1.00 18.02 ? 41  ILE A CB  1 
ATOM   341  C CG1 . ILE A 1 41  ? 3.464   2.232   16.333  1.00 19.80 ? 41  ILE A CG1 1 
ATOM   342  C CG2 . ILE A 1 41  ? 3.438   2.307   13.812  1.00 17.59 ? 41  ILE A CG2 1 
ATOM   343  C CD1 . ILE A 1 41  ? 4.928   2.198   16.402  1.00 24.08 ? 41  ILE A CD1 1 
ATOM   344  N N   . ASP A 1 42  ? 0.302   1.073   17.203  1.00 17.27 ? 42  ASP A N   1 
ATOM   345  C CA  A ASP A 1 42  ? -0.155  0.263   18.348  0.50 17.85 ? 42  ASP A CA  1 
ATOM   346  C CA  B ASP A 1 42  ? -0.164  0.297   18.358  0.50 17.61 ? 42  ASP A CA  1 
ATOM   347  C C   . ASP A 1 42  ? -1.233  -0.700  17.914  1.00 17.07 ? 42  ASP A C   1 
ATOM   348  O O   . ASP A 1 42  ? -1.348  -1.814  18.441  1.00 18.16 ? 42  ASP A O   1 
ATOM   349  C CB  A ASP A 1 42  ? -0.694  1.119   19.498  0.50 18.32 ? 42  ASP A CB  1 
ATOM   350  C CB  B ASP A 1 42  ? -0.621  1.175   19.585  0.50 17.82 ? 42  ASP A CB  1 
ATOM   351  C CG  A ASP A 1 42  ? 0.374   1.923   20.171  0.50 20.52 ? 42  ASP A CG  1 
ATOM   352  C CG  B ASP A 1 42  ? -1.336  2.519   19.202  0.50 19.17 ? 42  ASP A CG  1 
ATOM   353  O OD1 A ASP A 1 42  ? 1.572   1.685   19.897  0.50 22.70 ? 42  ASP A OD1 1 
ATOM   354  O OD1 B ASP A 1 42  ? -2.043  3.087   20.086  0.50 20.66 ? 42  ASP A OD1 1 
ATOM   355  O OD2 A ASP A 1 42  ? -0.002  2.800   20.965  0.50 24.08 ? 42  ASP A OD2 1 
ATOM   356  O OD2 B ASP A 1 42  ? -1.171  3.046   18.067  0.50 19.66 ? 42  ASP A OD2 1 
ATOM   357  N N   . MET A 1 43  ? -2.031  -0.263  16.970  1.00 16.05 ? 43  MET A N   1 
ATOM   358  C CA  . MET A 1 43  ? -3.056  -1.108  16.395  1.00 16.33 ? 43  MET A CA  1 
ATOM   359  C C   . MET A 1 43  ? -2.558  -1.884  15.190  1.00 15.94 ? 43  MET A C   1 
ATOM   360  O O   . MET A 1 43  ? -2.873  -3.061  15.026  1.00 15.07 ? 43  MET A O   1 
ATOM   361  C CB  . MET A 1 43  ? -4.254  -0.315  15.947  1.00 17.84 ? 43  MET A CB  1 
ATOM   362  C CG  . MET A 1 43  ? -5.376  -1.264  15.690  1.00 20.73 ? 43  MET A CG  1 
ATOM   363  S SD  . MET A 1 43  ? -6.938  -0.463  15.675  1.00 28.33 ? 43  MET A SD  1 
ATOM   364  C CE  . MET A 1 43  ? -7.962  -1.670  14.821  1.00 30.65 ? 43  MET A CE  1 
ATOM   365  N N   . PHE A 1 44  ? -1.802  -1.189  14.342  1.00 13.91 ? 44  PHE A N   1 
ATOM   366  C CA  . PHE A 1 44  ? -1.291  -1.765  13.077  1.00 15.96 ? 44  PHE A CA  1 
ATOM   367  C C   . PHE A 1 44  ? 0.239   -1.719  13.027  1.00 15.54 ? 44  PHE A C   1 
ATOM   368  O O   . PHE A 1 44  ? 0.823   -0.733  12.577  1.00 16.82 ? 44  PHE A O   1 
ATOM   369  C CB  . PHE A 1 44  ? -1.872  -1.032  11.877  1.00 16.39 ? 44  PHE A CB  1 
ATOM   370  C CG  . PHE A 1 44  ? -3.358  -0.880  11.915  1.00 17.74 ? 44  PHE A CG  1 
ATOM   371  C CD1 . PHE A 1 44  ? -3.934  0.334   12.258  1.00 18.82 ? 44  PHE A CD1 1 
ATOM   372  C CD2 . PHE A 1 44  ? -4.175  -1.925  11.592  1.00 19.91 ? 44  PHE A CD2 1 
ATOM   373  C CE1 . PHE A 1 44  ? -5.325  0.474   12.279  1.00 20.89 ? 44  PHE A CE1 1 
ATOM   374  C CE2 . PHE A 1 44  ? -5.564  -1.794  11.637  1.00 21.79 ? 44  PHE A CE2 1 
ATOM   375  C CZ  . PHE A 1 44  ? -6.128  -0.609  11.964  1.00 18.44 ? 44  PHE A CZ  1 
ATOM   376  N N   . PRO A 1 45  ? 0.912   -2.795  13.489  1.00 15.82 ? 45  PRO A N   1 
ATOM   377  C CA  . PRO A 1 45  ? 2.344   -2.685  13.698  1.00 15.86 ? 45  PRO A CA  1 
ATOM   378  C C   . PRO A 1 45  ? 3.126   -2.520  12.399  1.00 15.78 ? 45  PRO A C   1 
ATOM   379  O O   . PRO A 1 45  ? 4.301   -2.120  12.406  1.00 15.25 ? 45  PRO A O   1 
ATOM   380  C CB  . PRO A 1 45  ? 2.722   -4.022  14.347  1.00 16.52 ? 45  PRO A CB  1 
ATOM   381  C CG  . PRO A 1 45  ? 1.484   -4.645  14.753  1.00 17.99 ? 45  PRO A CG  1 
ATOM   382  C CD  . PRO A 1 45  ? 0.341   -4.014  14.077  1.00 17.12 ? 45  PRO A CD  1 
ATOM   383  N N   . PHE A 1 46  ? 2.429   -2.807  11.316  1.00 14.85 ? 46  PHE A N   1 
ATOM   384  C CA  . PHE A 1 46  ? 3.003   -2.698  9.987   1.00 15.69 ? 46  PHE A CA  1 
ATOM   385  C C   . PHE A 1 46  ? 3.027   -1.269  9.430   1.00 14.48 ? 46  PHE A C   1 
ATOM   386  O O   . PHE A 1 46  ? 3.644   -1.001  8.384   1.00 14.58 ? 46  PHE A O   1 
ATOM   387  C CB  . PHE A 1 46  ? 2.348   -3.680  9.030   1.00 15.89 ? 46  PHE A CB  1 
ATOM   388  C CG  . PHE A 1 46  ? 0.866   -3.635  9.025   1.00 16.32 ? 46  PHE A CG  1 
ATOM   389  C CD1 . PHE A 1 46  ? 0.130   -4.644  9.630   1.00 21.04 ? 46  PHE A CD1 1 
ATOM   390  C CD2 . PHE A 1 46  ? 0.199   -2.607  8.432   1.00 16.41 ? 46  PHE A CD2 1 
ATOM   391  C CE1 . PHE A 1 46  ? -1.243  -4.604  9.642   1.00 20.42 ? 46  PHE A CE1 1 
ATOM   392  C CE2 . PHE A 1 46  ? -1.192  -2.595  8.399   1.00 17.69 ? 46  PHE A CE2 1 
ATOM   393  C CZ  . PHE A 1 46  ? -1.897  -3.605  9.023   1.00 18.69 ? 46  PHE A CZ  1 
ATOM   394  N N   . PHE A 1 47  ? 2.449   -0.342  10.186  1.00 14.40 ? 47  PHE A N   1 
ATOM   395  C CA  . PHE A 1 47  ? 2.564   1.087   9.855   1.00 15.02 ? 47  PHE A CA  1 
ATOM   396  C C   . PHE A 1 47  ? 3.918   1.658   10.285  1.00 14.90 ? 47  PHE A C   1 
ATOM   397  O O   . PHE A 1 47  ? 4.740   1.012   10.975  1.00 14.50 ? 47  PHE A O   1 
ATOM   398  C CB  . PHE A 1 47  ? 1.392   1.898   10.401  1.00 15.34 ? 47  PHE A CB  1 
ATOM   399  C CG  . PHE A 1 47  ? 0.068   1.659   9.666   1.00 16.41 ? 47  PHE A CG  1 
ATOM   400  C CD1 . PHE A 1 47  ? 0.033   1.095   8.418   1.00 20.37 ? 47  PHE A CD1 1 
ATOM   401  C CD2 . PHE A 1 47  ? -1.128  2.015   10.262  1.00 18.56 ? 47  PHE A CD2 1 
ATOM   402  C CE1 . PHE A 1 47  ? -1.183  0.873   7.778   1.00 22.34 ? 47  PHE A CE1 1 
ATOM   403  C CE2 . PHE A 1 47  ? -2.339  1.812   9.608   1.00 20.68 ? 47  PHE A CE2 1 
ATOM   404  C CZ  . PHE A 1 47  ? -2.349  1.268   8.370   1.00 21.54 ? 47  PHE A CZ  1 
ATOM   405  N N   . GLY A 1 48  ? 4.113   2.909   9.878   1.00 13.81 ? 48  GLY A N   1 
ATOM   406  C CA  . GLY A 1 48  ? 5.275   3.653   10.155  1.00 13.67 ? 48  GLY A CA  1 
ATOM   407  C C   . GLY A 1 48  ? 6.320   3.700   9.081   1.00 12.93 ? 48  GLY A C   1 
ATOM   408  O O   . GLY A 1 48  ? 6.126   3.239   7.956   1.00 13.81 ? 48  GLY A O   1 
ATOM   409  N N   . ALA A 1 49  ? 7.454   4.257   9.452   1.00 13.24 ? 49  ALA A N   1 
ATOM   410  C CA  . ALA A 1 49  ? 8.557   4.401   8.484   1.00 11.80 ? 49  ALA A CA  1 
ATOM   411  C C   . ALA A 1 49  ? 9.386   3.144   8.431   1.00 12.29 ? 49  ALA A C   1 
ATOM   412  O O   . ALA A 1 49  ? 9.609   2.474   9.448   1.00 12.93 ? 49  ALA A O   1 
ATOM   413  C CB  . ALA A 1 49  ? 9.456   5.612   8.891   1.00 13.30 ? 49  ALA A CB  1 
ATOM   414  N N   . ARG A 1 50  ? 9.874   2.849   7.240   1.00 12.81 ? 50  ARG A N   1 
ATOM   415  C CA  . ARG A 1 50  ? 10.825  1.770   7.020   1.00 13.22 ? 50  ARG A CA  1 
ATOM   416  C C   . ARG A 1 50  ? 11.883  2.202   5.979   1.00 13.03 ? 50  ARG A C   1 
ATOM   417  O O   . ARG A 1 50  ? 11.601  3.016   5.082   1.00 13.22 ? 50  ARG A O   1 
ATOM   418  C CB  . ARG A 1 50  ? 10.111  0.500   6.490   1.00 13.76 ? 50  ARG A CB  1 
ATOM   419  C CG  . ARG A 1 50  ? 9.008   -0.127  7.329   1.00 13.29 ? 50  ARG A CG  1 
ATOM   420  C CD  . ARG A 1 50  ? 9.510   -0.594  8.698   1.00 13.22 ? 50  ARG A CD  1 
ATOM   421  N NE  . ARG A 1 50  ? 8.426   -1.323  9.378   1.00 12.44 ? 50  ARG A NE  1 
ATOM   422  C CZ  . ARG A 1 50  ? 7.454   -0.743  10.060  1.00 14.67 ? 50  ARG A CZ  1 
ATOM   423  N NH1 . ARG A 1 50  ? 7.469   0.547   10.241  1.00 15.38 ? 50  ARG A NH1 1 
ATOM   424  N NH2 . ARG A 1 50  ? 6.505   -1.472  10.635  1.00 15.90 ? 50  ARG A NH2 1 
ATOM   425  N N   . GLN A 1 51  ? 13.061  1.635   6.117   1.00 13.35 ? 51  GLN A N   1 
ATOM   426  C CA  . GLN A 1 51  ? 14.116  1.790   5.126   1.00 13.77 ? 51  GLN A CA  1 
ATOM   427  C C   . GLN A 1 51  ? 14.514  0.415   4.617   1.00 13.87 ? 51  GLN A C   1 
ATOM   428  O O   . GLN A 1 51  ? 14.878  -0.474  5.398   1.00 13.61 ? 51  GLN A O   1 
ATOM   429  C CB  . GLN A 1 51  ? 15.366  2.442   5.716   1.00 14.08 ? 51  GLN A CB  1 
ATOM   430  C CG  . GLN A 1 51  ? 15.137  3.661   6.510   1.00 16.40 ? 51  GLN A CG  1 
ATOM   431  C CD  . GLN A 1 51  ? 14.302  4.685   5.800   1.00 20.53 ? 51  GLN A CD  1 
ATOM   432  O OE1 . GLN A 1 51  ? 14.506  4.999   4.604   1.00 20.92 ? 51  GLN A OE1 1 
ATOM   433  N NE2 . GLN A 1 51  ? 13.337  5.238   6.548   1.00 20.76 ? 51  GLN A NE2 1 
ATOM   434  N N   . GLY A 1 52  ? 14.612  0.324   3.286   1.00 12.48 ? 52  GLY A N   1 
ATOM   435  C CA  . GLY A 1 52  ? 15.106  -0.870  2.612   1.00 12.35 ? 52  GLY A CA  1 
ATOM   436  C C   . GLY A 1 52  ? 14.045  -1.847  2.202   1.00 12.48 ? 52  GLY A C   1 
ATOM   437  O O   . GLY A 1 52  ? 13.011  -1.998  2.856   1.00 12.99 ? 52  GLY A O   1 
ATOM   438  N N   . LYS A 1 53  ? 14.338  -2.573  1.124   1.00 12.12 ? 53  LYS A N   1 
ATOM   439  C CA  . LYS A 1 53  ? 13.444  -3.551  0.602   1.00 12.43 ? 53  LYS A CA  1 
ATOM   440  C C   . LYS A 1 53  ? 13.027  -4.619  1.566   1.00 12.28 ? 53  LYS A C   1 
ATOM   441  O O   . LYS A 1 53  ? 11.830  -5.008  1.622   1.00 14.03 ? 53  LYS A O   1 
ATOM   442  C CB  . LYS A 1 53  ? 14.018  -4.177  -0.704  1.00 12.81 ? 53  LYS A CB  1 
ATOM   443  C CG  . LYS A 1 53  ? 13.225  -5.403  -1.206  1.00 15.24 ? 53  LYS A CG  1 
ATOM   444  C CD  . LYS A 1 53  ? 13.585  -5.749  -2.632  1.00 20.25 ? 53  LYS A CD  1 
ATOM   445  C CE  . LYS A 1 53  ? 14.600  -6.744  -2.749  1.00 22.67 ? 53  LYS A CE  1 
ATOM   446  N NZ  . LYS A 1 53  ? 14.613  -7.454  -4.120  1.00 18.79 ? 53  LYS A NZ  1 
ATOM   447  N N   . ALA A 1 54  ? 13.967  -5.171  2.324   1.00 12.23 ? 54  ALA A N   1 
ATOM   448  C CA  . ALA A 1 54  ? 13.596  -6.288  3.259   1.00 11.31 ? 54  ALA A CA  1 
ATOM   449  C C   . ALA A 1 54  ? 12.530  -5.859  4.251   1.00 12.10 ? 54  ALA A C   1 
ATOM   450  O O   . ALA A 1 54  ? 11.544  -6.559  4.487   1.00 12.84 ? 54  ALA A O   1 
ATOM   451  C CB  . ALA A 1 54  ? 14.821  -6.821  4.017   1.00 11.88 ? 54  ALA A CB  1 
ATOM   452  N N   . ALA A 1 55  ? 12.696  -4.682  4.841   1.00 13.24 ? 55  ALA A N   1 
ATOM   453  C CA  . ALA A 1 55  ? 11.715  -4.186  5.828   1.00 13.74 ? 55  ALA A CA  1 
ATOM   454  C C   . ALA A 1 55  ? 10.377  -3.867  5.178   1.00 13.44 ? 55  ALA A C   1 
ATOM   455  O O   . ALA A 1 55  ? 9.317   -4.082  5.768   1.00 14.53 ? 55  ALA A O   1 
ATOM   456  C CB  . ALA A 1 55  ? 12.257  -2.935  6.561   1.00 13.61 ? 55  ALA A CB  1 
ATOM   457  N N   . VAL A 1 56  ? 10.389  -3.353  3.943   1.00 12.94 ? 56  VAL A N   1 
ATOM   458  C CA  . VAL A 1 56  ? 9.131   -3.063  3.245   1.00 12.77 ? 56  VAL A CA  1 
ATOM   459  C C   . VAL A 1 56  ? 8.416   -4.355  2.844   1.00 13.83 ? 56  VAL A C   1 
ATOM   460  O O   . VAL A 1 56  ? 7.203   -4.440  2.960   1.00 13.41 ? 56  VAL A O   1 
ATOM   461  C CB  . VAL A 1 56  ? 9.335   -2.104  2.043   1.00 13.57 ? 56  VAL A CB  1 
ATOM   462  C CG1 . VAL A 1 56  ? 8.092   -2.117  1.070   1.00 13.87 ? 56  VAL A CG1 1 
ATOM   463  C CG2 . VAL A 1 56  ? 9.775   -0.653  2.545   1.00 12.87 ? 56  VAL A CG2 1 
ATOM   464  N N   . LEU A 1 57  ? 9.153   -5.379  2.436   1.00 12.36 ? 57  LEU A N   1 
ATOM   465  C CA  . LEU A 1 57  ? 8.534   -6.668  2.126   1.00 13.73 ? 57  LEU A CA  1 
ATOM   466  C C   . LEU A 1 57  ? 7.903   -7.268  3.393   1.00 12.88 ? 57  LEU A C   1 
ATOM   467  O O   . LEU A 1 57  ? 6.851   -7.875  3.357   1.00 15.06 ? 57  LEU A O   1 
ATOM   468  C CB  . LEU A 1 57  ? 9.502   -7.639  1.471   1.00 14.45 ? 57  LEU A CB  1 
ATOM   469  C CG  . LEU A 1 57  ? 9.902   -7.299  0.039   1.00 15.76 ? 57  LEU A CG  1 
ATOM   470  C CD1 . LEU A 1 57  ? 10.989  -8.194  -0.529  1.00 16.45 ? 57  LEU A CD1 1 
ATOM   471  C CD2 . LEU A 1 57  ? 8.654   -7.316  -0.877  1.00 19.01 ? 57  LEU A CD2 1 
ATOM   472  N N   . GLU A 1 58  ? 8.516   -7.042  4.539   1.00 13.91 ? 58  GLU A N   1 
ATOM   473  C CA  . GLU A 1 58  ? 7.938   -7.513  5.794   1.00 14.09 ? 58  GLU A CA  1 
ATOM   474  C C   . GLU A 1 58  ? 6.617   -6.793  6.098   1.00 13.71 ? 58  GLU A C   1 
ATOM   475  O O   . GLU A 1 58  ? 5.634   -7.433  6.473   1.00 14.83 ? 58  GLU A O   1 
ATOM   476  C CB  . GLU A 1 58  ? 8.941   -7.411  6.936   1.00 14.69 ? 58  GLU A CB  1 
ATOM   477  C CG  . GLU A 1 58  ? 8.394   -7.742  8.292   1.00 16.10 ? 58  GLU A CG  1 
ATOM   478  C CD  . GLU A 1 58  ? 7.878   -9.184  8.465   1.00 23.07 ? 58  GLU A CD  1 
ATOM   479  O OE1 . GLU A 1 58  ? 8.195   -10.083 7.627   1.00 22.14 ? 58  GLU A OE1 1 
ATOM   480  O OE2 . GLU A 1 58  ? 7.199   -9.385  9.521   1.00 21.25 ? 58  GLU A OE2 1 
ATOM   481  N N   . VAL A 1 59  ? 6.582   -5.465  5.938   1.00 12.46 ? 59  VAL A N   1 
ATOM   482  C CA  . VAL A 1 59  ? 5.307   -4.727  6.030   1.00 12.25 ? 59  VAL A CA  1 
ATOM   483  C C   . VAL A 1 59  ? 4.241   -5.369  5.137   1.00 12.70 ? 59  VAL A C   1 
ATOM   484  O O   . VAL A 1 59  ? 3.112   -5.577  5.532   1.00 13.23 ? 59  VAL A O   1 
ATOM   485  C CB  . VAL A 1 59  ? 5.490   -3.235  5.705   1.00 13.00 ? 59  VAL A CB  1 
ATOM   486  C CG1 . VAL A 1 59  ? 4.162   -2.491  5.377   1.00 12.52 ? 59  VAL A CG1 1 
ATOM   487  C CG2 . VAL A 1 59  ? 6.270   -2.546  6.826   1.00 12.34 ? 59  VAL A CG2 1 
ATOM   488  N N   . CYS A 1 60  ? 4.615   -5.640  3.880   1.00 13.82 ? 60  CYS A N   1 
ATOM   489  C CA  . CYS A 1 60  ? 3.651   -6.108  2.919   1.00 14.23 ? 60  CYS A CA  1 
ATOM   490  C C   . CYS A 1 60  ? 3.188   -7.523  3.249   1.00 13.61 ? 60  CYS A C   1 
ATOM   491  O O   . CYS A 1 60  ? 2.035   -7.871  2.985   1.00 13.69 ? 60  CYS A O   1 
ATOM   492  C CB  . CYS A 1 60  ? 4.176   -6.017  1.480   1.00 14.13 ? 60  CYS A CB  1 
ATOM   493  S SG  . CYS A 1 60  ? 4.356   -4.291  0.938   1.00 16.23 ? 60  CYS A SG  1 
ATOM   494  N N   . ARG A 1 61  ? 4.068   -8.288  3.886   1.00 13.88 ? 61  ARG A N   1 
ATOM   495  C CA  . ARG A 1 61  ? 3.746   -9.673  4.323   1.00 12.39 ? 61  ARG A CA  1 
ATOM   496  C C   . ARG A 1 61  ? 2.699   -9.622  5.449   1.00 13.25 ? 61  ARG A C   1 
ATOM   497  O O   . ARG A 1 61  ? 1.727   -10.352 5.458   1.00 11.84 ? 61  ARG A O   1 
ATOM   498  C CB  . ARG A 1 61  ? 4.982   -10.435 4.806   1.00 13.34 ? 61  ARG A CB  1 
ATOM   499  C CG  . ARG A 1 61  ? 4.712   -11.854 5.269   1.00 16.54 ? 61  ARG A CG  1 
ATOM   500  C CD  . ARG A 1 61  ? 5.891   -12.449 6.103   1.00 22.03 ? 61  ARG A CD  1 
ATOM   501  N NE  . ARG A 1 61  ? 5.993   -11.808 7.404   1.00 22.33 ? 61  ARG A NE  1 
ATOM   502  C CZ  . ARG A 1 61  ? 5.074   -11.932 8.352   1.00 24.94 ? 61  ARG A CZ  1 
ATOM   503  N NH1 . ARG A 1 61  ? 4.027   -12.683 8.120   1.00 27.95 ? 61  ARG A NH1 1 
ATOM   504  N NH2 . ARG A 1 61  ? 5.193   -11.313 9.522   1.00 26.74 ? 61  ARG A NH2 1 
ATOM   505  N N   . GLN A 1 62  ? 2.940   -8.731  6.385   1.00 13.16 ? 62  GLN A N   1 
ATOM   506  C CA  . GLN A 1 62  ? 2.013   -8.526  7.495   1.00 14.02 ? 62  GLN A CA  1 
ATOM   507  C C   . GLN A 1 62  ? 0.644   -8.033  7.024   1.00 13.62 ? 62  GLN A C   1 
ATOM   508  O O   . GLN A 1 62  ? -0.400  -8.470  7.502   1.00 13.74 ? 62  GLN A O   1 
ATOM   509  C CB  . GLN A 1 62  ? 2.595   -7.531  8.468   1.00 14.51 ? 62  GLN A CB  1 
ATOM   510  C CG  . GLN A 1 62  ? 3.807   -8.023  9.175   1.00 16.30 ? 62  GLN A CG  1 
ATOM   511  C CD  . GLN A 1 62  ? 4.430   -6.912  10.012  1.00 22.04 ? 62  GLN A CD  1 
ATOM   512  O OE1 . GLN A 1 62  ? 4.918   -5.919  9.498   1.00 27.12 ? 62  GLN A OE1 1 
ATOM   513  N NE2 . GLN A 1 62  ? 4.391   -7.078  11.311  1.00 26.33 ? 62  GLN A NE2 1 
ATOM   514  N N   . ILE A 1 63  ? 0.643   -7.120  6.072   1.00 13.42 ? 63  ILE A N   1 
ATOM   515  C CA  . ILE A 1 63  ? -0.625  -6.631  5.503   1.00 13.62 ? 63  ILE A CA  1 
ATOM   516  C C   . ILE A 1 63  ? -1.343  -7.783  4.782   1.00 12.97 ? 63  ILE A C   1 
ATOM   517  O O   . ILE A 1 63  ? -2.537  -7.954  4.936   1.00 14.16 ? 63  ILE A O   1 
ATOM   518  C CB  . ILE A 1 63  ? -0.437  -5.434  4.500   1.00 12.48 ? 63  ILE A CB  1 
ATOM   519  C CG1 . ILE A 1 63  ? 0.082   -4.224  5.256   1.00 13.52 ? 63  ILE A CG1 1 
ATOM   520  C CG2 . ILE A 1 63  ? -1.759  -5.123  3.818   1.00 12.05 ? 63  ILE A CG2 1 
ATOM   521  C CD1 . ILE A 1 63  ? 0.608   -3.072  4.355   1.00 15.08 ? 63  ILE A CD1 1 
ATOM   522  N N   . ALA A 1 64  ? -0.608  -8.563  3.992   1.00 12.97 ? 64  ALA A N   1 
ATOM   523  C CA  . ALA A 1 64  ? -1.208  -9.678  3.231   1.00 14.21 ? 64  ALA A CA  1 
ATOM   524  C C   . ALA A 1 64  ? -1.893  -10.674 4.162   1.00 15.68 ? 64  ALA A C   1 
ATOM   525  O O   . ALA A 1 64  ? -2.915  -11.276 3.848   1.00 16.77 ? 64  ALA A O   1 
ATOM   526  C CB  . ALA A 1 64  ? -0.159  -10.402 2.408   1.00 13.28 ? 64  ALA A CB  1 
ATOM   527  N N   . ASP A 1 65  ? -1.230  -10.902 5.283   1.00 17.93 ? 65  ASP A N   1 
ATOM   528  C CA  . ASP A 1 65  ? -1.730  -11.806 6.336   1.00 18.86 ? 65  ASP A CA  1 
ATOM   529  C C   . ASP A 1 65  ? -3.022  -11.313 6.940   1.00 17.88 ? 65  ASP A C   1 
ATOM   530  O O   . ASP A 1 65  ? -3.884  -12.111 7.303   1.00 19.40 ? 65  ASP A O   1 
ATOM   531  C CB  . ASP A 1 65  ? -0.745  -11.916 7.494   1.00 19.38 ? 65  ASP A CB  1 
ATOM   532  C CG  . ASP A 1 65  ? 0.309   -12.940 7.264   1.00 26.12 ? 65  ASP A CG  1 
ATOM   533  O OD1 . ASP A 1 65  ? 0.280   -13.652 6.235   1.00 31.77 ? 65  ASP A OD1 1 
ATOM   534  O OD2 . ASP A 1 65  ? 1.181   -13.060 8.143   1.00 33.52 ? 65  ASP A OD2 1 
ATOM   535  N N   . SER A 1 66  ? -3.165  -9.992  7.010   1.00 17.79 ? 66  SER A N   1 
ATOM   536  C CA  . SER A 1 66  ? -4.222  -9.324  7.785   1.00 18.49 ? 66  SER A CA  1 
ATOM   537  C C   . SER A 1 66  ? -5.514  -9.041  7.018   1.00 17.94 ? 66  SER A C   1 
ATOM   538  O O   . SER A 1 66  ? -6.583  -8.901  7.635   1.00 16.97 ? 66  SER A O   1 
ATOM   539  C CB  . SER A 1 66  ? -3.738  -7.986  8.329   1.00 19.46 ? 66  SER A CB  1 
ATOM   540  O OG  . SER A 1 66  ? -2.682  -8.172  9.255   1.00 25.77 ? 66  SER A OG  1 
ATOM   541  N N   . VAL A 1 67  ? -5.388  -8.877  5.710   1.00 17.04 ? 67  VAL A N   1 
ATOM   542  C CA  . VAL A 1 67  ? -6.496  -8.425  4.867   1.00 18.51 ? 67  VAL A CA  1 
ATOM   543  C C   . VAL A 1 67  ? -6.557  -9.135  3.524   1.00 19.16 ? 67  VAL A C   1 
ATOM   544  O O   . VAL A 1 67  ? -5.576  -9.650  3.011   1.00 19.81 ? 67  VAL A O   1 
ATOM   545  C CB  . VAL A 1 67  ? -6.460  -6.896  4.605   1.00 18.67 ? 67  VAL A CB  1 
ATOM   546  C CG1 . VAL A 1 67  ? -6.502  -6.085  5.910   1.00 20.75 ? 67  VAL A CG1 1 
ATOM   547  C CG2 . VAL A 1 67  ? -5.259  -6.516  3.779   1.00 17.95 ? 67  VAL A CG2 1 
ATOM   548  N N   . ARG A 1 68  ? -7.759  -9.143  2.984   1.00 21.31 ? 68  ARG A N   1 
ATOM   549  C CA  . ARG A 1 68  ? -7.996  -9.413  1.580   1.00 22.82 ? 68  ARG A CA  1 
ATOM   550  C C   . ARG A 1 68  ? -8.838  -8.304  0.975   1.00 21.82 ? 68  ARG A C   1 
ATOM   551  O O   . ARG A 1 68  ? -9.914  -7.973  1.464   1.00 23.04 ? 68  ARG A O   1 
ATOM   552  C CB  . ARG A 1 68  ? -8.700  -10.758 1.415   1.00 24.13 ? 68  ARG A CB  1 
ATOM   553  C CG  . ARG A 1 68  ? -9.241  -11.011 0.036   1.00 28.94 ? 68  ARG A CG  1 
ATOM   554  C CD  . ARG A 1 68  ? -9.485  -12.495 -0.233  1.00 33.55 ? 68  ARG A CD  1 
ATOM   555  N NE  . ARG A 1 68  ? -9.214  -12.759 -1.648  1.00 38.90 ? 68  ARG A NE  1 
ATOM   556  C CZ  . ARG A 1 68  ? -8.180  -13.462 -2.106  1.00 40.93 ? 68  ARG A CZ  1 
ATOM   557  N NH1 . ARG A 1 68  ? -8.022  -13.620 -3.414  1.00 42.70 ? 68  ARG A NH1 1 
ATOM   558  N NH2 . ARG A 1 68  ? -7.321  -14.020 -1.263  1.00 41.51 ? 68  ARG A NH2 1 
ATOM   559  N N   . ILE A 1 69  ? -8.316  -7.774  -0.123  1.00 21.40 ? 69  ILE A N   1 
ATOM   560  C CA  . ILE A 1 69  ? -8.942  -6.691  -0.865  1.00 22.33 ? 69  ILE A CA  1 
ATOM   561  C C   . ILE A 1 69  ? -9.825  -7.261  -1.930  1.00 21.00 ? 69  ILE A C   1 
ATOM   562  O O   . ILE A 1 69  ? -9.403  -8.141  -2.717  1.00 21.73 ? 69  ILE A O   1 
ATOM   563  C CB  . ILE A 1 69  ? -7.885  -5.778  -1.530  1.00 22.79 ? 69  ILE A CB  1 
ATOM   564  C CG1 . ILE A 1 69  ? -6.960  -5.201  -0.467  1.00 25.57 ? 69  ILE A CG1 1 
ATOM   565  C CG2 . ILE A 1 69  ? -8.567  -4.671  -2.316  1.00 25.13 ? 69  ILE A CG2 1 
ATOM   566  C CD1 . ILE A 1 69  ? -5.466  -5.257  -0.849  1.00 24.31 ? 69  ILE A CD1 1 
ATOM   567  N N   . TYR A 1 70  ? -11.077 -6.806  -1.925  1.00 20.67 ? 70  TYR A N   1 
ATOM   568  C CA  . TYR A 1 70  ? -12.055 -7.286  -2.890  1.00 20.51 ? 70  TYR A CA  1 
ATOM   569  C C   . TYR A 1 70  ? -12.525 -6.227  -3.893  1.00 19.96 ? 70  TYR A C   1 
ATOM   570  O O   . TYR A 1 70  ? -13.077 -6.556  -4.951  1.00 19.97 ? 70  TYR A O   1 
ATOM   571  C CB  . TYR A 1 70  ? -13.230 -7.937  -2.192  1.00 21.26 ? 70  TYR A CB  1 
ATOM   572  C CG  . TYR A 1 70  ? -14.103 -7.049  -1.372  1.00 19.42 ? 70  TYR A CG  1 
ATOM   573  C CD1 . TYR A 1 70  ? -15.174 -6.373  -1.935  1.00 22.39 ? 70  TYR A CD1 1 
ATOM   574  C CD2 . TYR A 1 70  ? -13.898 -6.901  -0.012  1.00 18.43 ? 70  TYR A CD2 1 
ATOM   575  C CE1 . TYR A 1 70  ? -15.981 -5.572  -1.176  1.00 20.17 ? 70  TYR A CE1 1 
ATOM   576  C CE2 . TYR A 1 70  ? -14.698 -6.165  0.725   1.00 19.66 ? 70  TYR A CE2 1 
ATOM   577  C CZ  . TYR A 1 70  ? -15.744 -5.476  0.151   1.00 20.82 ? 70  TYR A CZ  1 
ATOM   578  O OH  . TYR A 1 70  ? -16.508 -4.668  0.931   1.00 21.64 ? 70  TYR A OH  1 
ATOM   579  N N   . ARG A 1 71  ? -12.222 -4.972  -3.592  1.00 19.02 ? 71  ARG A N   1 
ATOM   580  C CA  . ARG A 1 71  ? -12.545 -3.874  -4.505  1.00 19.32 ? 71  ARG A CA  1 
ATOM   581  C C   . ARG A 1 71  ? -11.593 -2.688  -4.375  1.00 19.06 ? 71  ARG A C   1 
ATOM   582  O O   . ARG A 1 71  ? -11.103 -2.389  -3.292  1.00 17.88 ? 71  ARG A O   1 
ATOM   583  C CB  . ARG A 1 71  ? -14.019 -3.454  -4.337  1.00 18.44 ? 71  ARG A CB  1 
ATOM   584  C CG  . ARG A 1 71  ? -14.606 -2.802  -5.556  1.00 21.01 ? 71  ARG A CG  1 
ATOM   585  C CD  . ARG A 1 71  ? -16.132 -2.930  -5.569  1.00 25.34 ? 71  ARG A CD  1 
ATOM   586  N N   . TYR A 1 72  ? -11.241 -2.120  -5.528  1.00 19.00 ? 72  TYR A N   1 
ATOM   587  C CA  . TYR A 1 72  ? -10.429 -0.909  -5.611  1.00 19.82 ? 72  TYR A CA  1 
ATOM   588  C C   . TYR A 1 72  ? -11.195 0.189   -6.290  1.00 19.11 ? 72  TYR A C   1 
ATOM   589  O O   . TYR A 1 72  ? -11.886 -0.077  -7.269  1.00 18.11 ? 72  TYR A O   1 
ATOM   590  C CB  . TYR A 1 72  ? -9.198  -1.161  -6.448  1.00 21.25 ? 72  TYR A CB  1 
ATOM   591  C CG  . TYR A 1 72  ? -8.272  -2.217  -5.905  1.00 24.51 ? 72  TYR A CG  1 
ATOM   592  C CD1 . TYR A 1 72  ? -8.617  -3.562  -5.939  1.00 27.05 ? 72  TYR A CD1 1 
ATOM   593  C CD2 . TYR A 1 72  ? -7.038  -1.862  -5.367  1.00 28.32 ? 72  TYR A CD2 1 
ATOM   594  C CE1 . TYR A 1 72  ? -7.743  -4.549  -5.442  1.00 28.71 ? 72  TYR A CE1 1 
ATOM   595  C CE2 . TYR A 1 72  ? -6.165  -2.830  -4.881  1.00 30.04 ? 72  TYR A CE2 1 
ATOM   596  C CZ  . TYR A 1 72  ? -6.518  -4.177  -4.922  1.00 29.43 ? 72  TYR A CZ  1 
ATOM   597  O OH  . TYR A 1 72  ? -5.629  -5.130  -4.418  1.00 27.04 ? 72  TYR A OH  1 
ATOM   598  N N   . HIS A 1 73  ? -11.071 1.403   -5.763  1.00 18.32 ? 73  HIS A N   1 
ATOM   599  C CA  . HIS A 1 73  ? -11.586 2.572   -6.442  1.00 20.90 ? 73  HIS A CA  1 
ATOM   600  C C   . HIS A 1 73  ? -10.567 3.699   -6.472  1.00 21.12 ? 73  HIS A C   1 
ATOM   601  O O   . HIS A 1 73  ? -10.156 4.209   -5.453  1.00 22.07 ? 73  HIS A O   1 
ATOM   602  C CB  . HIS A 1 73  ? -12.873 3.107   -5.855  1.00 21.04 ? 73  HIS A CB  1 
ATOM   603  C CG  . HIS A 1 73  ? -13.442 4.208   -6.684  1.00 25.08 ? 73  HIS A CG  1 
ATOM   604  N ND1 . HIS A 1 73  ? -13.542 5.507   -6.233  1.00 29.45 ? 73  HIS A ND1 1 
ATOM   605  C CD2 . HIS A 1 73  ? -13.841 4.229   -7.981  1.00 27.89 ? 73  HIS A CD2 1 
ATOM   606  C CE1 . HIS A 1 73  ? -14.022 6.270   -7.199  1.00 26.67 ? 73  HIS A CE1 1 
ATOM   607  N NE2 . HIS A 1 73  ? -14.210 5.521   -8.270  1.00 29.54 ? 73  HIS A NE2 1 
ATOM   608  N N   . ARG A 1 74  ? -10.222 4.079   -7.673  1.00 21.02 ? 74  ARG A N   1 
ATOM   609  C CA  . ARG A 1 74  ? -9.192  5.108   -7.905  1.00 21.77 ? 74  ARG A CA  1 
ATOM   610  C C   . ARG A 1 74  ? -9.882  6.444   -8.150  1.00 21.30 ? 74  ARG A C   1 
ATOM   611  O O   . ARG A 1 74  ? -10.562 6.622   -9.175  1.00 21.01 ? 74  ARG A O   1 
ATOM   612  C CB  . ARG A 1 74  ? -8.373  4.718   -9.136  1.00 22.94 ? 74  ARG A CB  1 
ATOM   613  C CG  . ARG A 1 74  ? -6.894  5.050   -9.075  1.00 27.29 ? 74  ARG A CG  1 
ATOM   614  C CD  . ARG A 1 74  ? -6.123  3.785   -8.635  1.00 31.91 ? 74  ARG A CD  1 
ATOM   615  N NE  . ARG A 1 74  ? -4.758  4.099   -8.213  1.00 35.71 ? 74  ARG A NE  1 
ATOM   616  C CZ  . ARG A 1 74  ? -3.860  3.190   -7.849  1.00 36.12 ? 74  ARG A CZ  1 
ATOM   617  N NH1 . ARG A 1 74  ? -4.190  1.902   -7.856  1.00 33.65 ? 74  ARG A NH1 1 
ATOM   618  N NH2 . ARG A 1 74  ? -2.639  3.576   -7.482  1.00 36.03 ? 74  ARG A NH2 1 
ATOM   619  N N   . GLU A 1 75  ? -9.662  7.390   -7.236  1.00 21.13 ? 75  GLU A N   1 
ATOM   620  C CA  . GLU A 1 75  ? -10.402 8.656   -7.204  1.00 20.60 ? 75  GLU A CA  1 
ATOM   621  C C   . GLU A 1 75  ? -9.706  9.791   -7.898  1.00 19.80 ? 75  GLU A C   1 
ATOM   622  O O   . GLU A 1 75  ? -10.337 10.606  -8.553  1.00 19.34 ? 75  GLU A O   1 
ATOM   623  C CB  . GLU A 1 75  ? -10.751 9.027   -5.765  1.00 21.62 ? 75  GLU A CB  1 
ATOM   624  C CG  . GLU A 1 75  ? -11.763 8.038   -5.162  1.00 24.43 ? 75  GLU A CG  1 
ATOM   625  C CD  . GLU A 1 75  ? -12.014 8.171   -3.620  1.00 30.71 ? 75  GLU A CD  1 
ATOM   626  O OE1 . GLU A 1 75  ? -11.236 8.821   -2.862  1.00 32.10 ? 75  GLU A OE1 1 
ATOM   627  O OE2 . GLU A 1 75  ? -12.997 7.570   -3.153  1.00 35.15 ? 75  GLU A OE2 1 
ATOM   628  N N   . SER A 1 76  ? -8.398  9.872   -7.735  1.00 17.61 ? 76  SER A N   1 
ATOM   629  C CA  A SER A 1 76  ? -7.587  10.907  -8.393  0.50 17.58 ? 76  SER A CA  1 
ATOM   630  C CA  B SER A 1 76  ? -7.608  10.871  -8.440  0.50 16.91 ? 76  SER A CA  1 
ATOM   631  C C   . SER A 1 76  ? -6.246  10.261  -8.681  1.00 17.20 ? 76  SER A C   1 
ATOM   632  O O   . SER A 1 76  ? -5.759  9.482   -7.877  1.00 16.69 ? 76  SER A O   1 
ATOM   633  C CB  A SER A 1 76  ? -7.293  12.124  -7.485  0.50 17.33 ? 76  SER A CB  1 
ATOM   634  C CB  B SER A 1 76  ? -7.427  12.129  -7.597  0.50 16.77 ? 76  SER A CB  1 
ATOM   635  O OG  A SER A 1 76  ? -8.375  12.525  -6.644  0.50 21.26 ? 76  SER A OG  1 
ATOM   636  O OG  B SER A 1 76  ? -6.828  13.166  -8.344  0.50 16.39 ? 76  SER A OG  1 
ATOM   637  N N   . VAL A 1 77  ? -5.667  10.625  -9.789  1.00 15.33 ? 77  VAL A N   1 
ATOM   638  C CA  . VAL A 1 77  ? -4.331  10.155  -10.160 1.00 15.65 ? 77  VAL A CA  1 
ATOM   639  C C   . VAL A 1 77  ? -3.597  11.256  -10.900 1.00 14.60 ? 77  VAL A C   1 
ATOM   640  O O   . VAL A 1 77  ? -4.100  11.822  -11.878 1.00 14.78 ? 77  VAL A O   1 
ATOM   641  C CB  . VAL A 1 77  ? -4.406  8.940   -11.095 1.00 16.30 ? 77  VAL A CB  1 
ATOM   642  C CG1 . VAL A 1 77  ? -3.009  8.475   -11.455 1.00 18.06 ? 77  VAL A CG1 1 
ATOM   643  C CG2 . VAL A 1 77  ? -5.220  7.804   -10.453 1.00 17.04 ? 77  VAL A CG2 1 
ATOM   644  N N   . MET A 1 78  ? -2.416  11.562  -10.403 1.00 13.83 ? 78  MET A N   1 
ATOM   645  C CA  . MET A 1 78  ? -1.530  12.577  -10.949 1.00 14.87 ? 78  MET A CA  1 
ATOM   646  C C   . MET A 1 78  ? -0.178  11.943  -11.265 1.00 13.20 ? 78  MET A C   1 
ATOM   647  O O   . MET A 1 78  ? 0.586   11.587  -10.389 1.00 13.68 ? 78  MET A O   1 
ATOM   648  C CB  . MET A 1 78  ? -1.456  13.749  -9.949  1.00 16.54 ? 78  MET A CB  1 
ATOM   649  C CG  . MET A 1 78  ? -2.886  14.291  -9.681  1.00 23.03 ? 78  MET A CG  1 
ATOM   650  S SD  . MET A 1 78  ? -3.078  15.921  -8.836  1.00 31.18 ? 78  MET A SD  1 
ATOM   651  C CE  . MET A 1 78  ? -4.877  16.166  -8.557  1.00 24.23 ? 78  MET A CE  1 
ATOM   652  N N   . LEU A 1 79  ? 0.054   11.761  -12.548 1.00 11.05 ? 79  LEU A N   1 
ATOM   653  C CA  . LEU A 1 79  ? 1.226   11.037  -13.037 1.00 10.75 ? 79  LEU A CA  1 
ATOM   654  C C   . LEU A 1 79  ? 2.280   11.967  -13.550 1.00 11.94 ? 79  LEU A C   1 
ATOM   655  O O   . LEU A 1 79  ? 2.012   12.859  -14.326 1.00 14.01 ? 79  LEU A O   1 
ATOM   656  C CB  . LEU A 1 79  ? 0.871   10.100  -14.163 1.00 10.19 ? 79  LEU A CB  1 
ATOM   657  C CG  . LEU A 1 79  ? -0.033  8.914   -13.948 1.00 10.98 ? 79  LEU A CG  1 
ATOM   658  C CD1 . LEU A 1 79  ? -0.050  8.132   -15.244 1.00 11.03 ? 79  LEU A CD1 1 
ATOM   659  C CD2 . LEU A 1 79  ? 0.422   8.071   -12.788 1.00 10.80 ? 79  LEU A CD2 1 
ATOM   660  N N   . GLY A 1 80  ? 3.506   11.724  -13.135 1.00 11.64 ? 80  GLY A N   1 
ATOM   661  C CA  . GLY A 1 80  ? 4.666   12.370  -13.738 1.00 10.90 ? 80  GLY A CA  1 
ATOM   662  C C   . GLY A 1 80  ? 5.614   11.306  -14.301 1.00 12.32 ? 80  GLY A C   1 
ATOM   663  O O   . GLY A 1 80  ? 5.304   10.122  -14.291 1.00 12.34 ? 80  GLY A O   1 
ATOM   664  N N   . ILE A 1 81  ? 6.773   11.720  -14.799 1.00 13.07 ? 81  ILE A N   1 
ATOM   665  C CA  . ILE A 1 81  ? 7.679   10.775  -15.442 1.00 13.74 ? 81  ILE A CA  1 
ATOM   666  C C   . ILE A 1 81  ? 8.151   9.702   -14.440 1.00 16.97 ? 81  ILE A C   1 
ATOM   667  O O   . ILE A 1 81  ? 8.062   8.474   -14.715 1.00 20.22 ? 81  ILE A O   1 
ATOM   668  C CB  . ILE A 1 81  ? 8.870   11.485  -16.117 1.00 12.49 ? 81  ILE A CB  1 
ATOM   669  C CG1 . ILE A 1 81  ? 8.315   12.324  -17.265 1.00 10.61 ? 81  ILE A CG1 1 
ATOM   670  C CG2 . ILE A 1 81  ? 9.884   10.430  -16.654 1.00 12.22 ? 81  ILE A CG2 1 
ATOM   671  C CD1 . ILE A 1 81  ? 9.329   13.166  -18.025 1.00 12.97 ? 81  ILE A CD1 1 
ATOM   672  N N   . ASP A 1 82  ? 8.681   10.134  -13.315 1.00 16.81 ? 82  ASP A N   1 
ATOM   673  C CA  . ASP A 1 82  ? 9.301   9.140   -12.378 1.00 17.10 ? 82  ASP A CA  1 
ATOM   674  C C   . ASP A 1 82  ? 8.618   9.288   -11.029 1.00 16.20 ? 82  ASP A C   1 
ATOM   675  O O   . ASP A 1 82  ? 9.215   9.142   -9.963  1.00 15.34 ? 82  ASP A O   1 
ATOM   676  C CB  . ASP A 1 82  ? 10.821  9.400   -12.253 1.00 17.67 ? 82  ASP A CB  1 
ATOM   677  C CG  . ASP A 1 82  ? 11.637  8.886   -13.444 1.00 22.20 ? 82  ASP A CG  1 
ATOM   678  O OD1 . ASP A 1 82  ? 11.389  7.737   -13.898 1.00 25.31 ? 82  ASP A OD1 1 
ATOM   679  O OD2 . ASP A 1 82  ? 12.575  9.620   -13.895 1.00 25.11 ? 82  ASP A OD2 1 
ATOM   680  N N   . SER A 1 83  ? 7.342   9.639   -11.092 1.00 14.85 ? 83  SER A N   1 
ATOM   681  C CA  . SER A 1 83  ? 6.617   9.989   -9.887  1.00 14.77 ? 83  SER A CA  1 
ATOM   682  C C   . SER A 1 83  ? 5.110   9.952   -10.061 1.00 13.61 ? 83  SER A C   1 
ATOM   683  O O   . SER A 1 83  ? 4.578   10.016  -11.146 1.00 12.75 ? 83  SER A O   1 
ATOM   684  C CB  . SER A 1 83  ? 7.069   11.366  -9.362  1.00 15.71 ? 83  SER A CB  1 
ATOM   685  O OG  . SER A 1 83  ? 6.831   12.432  -10.267 1.00 19.18 ? 83  SER A OG  1 
ATOM   686  N N   . ALA A 1 84  ? 4.408   9.808   -8.969  1.00 11.75 ? 84  ALA A N   1 
ATOM   687  C CA  . ALA A 1 84  ? 2.954   9.826   -9.059  1.00 12.12 ? 84  ALA A CA  1 
ATOM   688  C C   . ALA A 1 84  ? 2.347   10.149  -7.713  1.00 13.43 ? 84  ALA A C   1 
ATOM   689  O O   . ALA A 1 84  ? 2.960   9.892   -6.670  1.00 12.59 ? 84  ALA A O   1 
ATOM   690  C CB  . ALA A 1 84  ? 2.421   8.488   -9.579  1.00 12.49 ? 84  ALA A CB  1 
ATOM   691  N N   . ALA A 1 85  ? 1.140   10.705  -7.764  1.00 13.83 ? 85  ALA A N   1 
ATOM   692  C CA  . ALA A 1 85  ? 0.289   10.848  -6.560  1.00 14.53 ? 85  ALA A CA  1 
ATOM   693  C C   . ALA A 1 85  ? -1.095  10.337  -6.866  1.00 14.66 ? 85  ALA A C   1 
ATOM   694  O O   . ALA A 1 85  ? -1.623  10.502  -7.975  1.00 16.30 ? 85  ALA A O   1 
ATOM   695  C CB  . ALA A 1 85  ? 0.231   12.319  -6.098  1.00 15.39 ? 85  ALA A CB  1 
ATOM   696  N N   . SER A 1 86  ? -1.679  9.638   -5.912  1.00 14.30 ? 86  SER A N   1 
ATOM   697  C CA  A SER A 1 86  ? -3.036  9.223   -6.118  0.50 14.90 ? 86  SER A CA  1 
ATOM   698  C CA  B SER A 1 86  ? -2.995  9.063   -6.137  0.50 14.54 ? 86  SER A CA  1 
ATOM   699  C C   . SER A 1 86  ? -3.813  8.959   -4.883  1.00 15.10 ? 86  SER A C   1 
ATOM   700  O O   . SER A 1 86  ? -3.267  8.776   -3.803  1.00 14.97 ? 86  SER A O   1 
ATOM   701  C CB  A SER A 1 86  ? -3.073  8.021   -7.027  0.50 16.01 ? 86  SER A CB  1 
ATOM   702  C CB  B SER A 1 86  ? -2.848  7.680   -6.777  0.50 15.76 ? 86  SER A CB  1 
ATOM   703  O OG  A SER A 1 86  ? -2.436  6.898   -6.414  0.50 18.28 ? 86  SER A OG  1 
ATOM   704  O OG  B SER A 1 86  ? -4.111  7.028   -6.922  0.50 15.87 ? 86  SER A OG  1 
ATOM   705  N N   . MET A 1 87  ? -5.097  9.042   -5.089  1.00 13.90 ? 87  MET A N   1 
ATOM   706  C CA  . MET A 1 87  ? -6.079  8.806   -4.065  1.00 15.26 ? 87  MET A CA  1 
ATOM   707  C C   . MET A 1 87  ? -6.899  7.593   -4.438  1.00 16.84 ? 87  MET A C   1 
ATOM   708  O O   . MET A 1 87  ? -7.509  7.566   -5.497  1.00 16.65 ? 87  MET A O   1 
ATOM   709  C CB  . MET A 1 87  ? -7.016  9.961   -3.975  1.00 15.79 ? 87  MET A CB  1 
ATOM   710  C CG  . MET A 1 87  ? -8.013  9.610   -2.957  1.00 22.52 ? 87  MET A CG  1 
ATOM   711  S SD  . MET A 1 87  ? -7.571  10.641  -1.566  1.00 37.67 ? 87  MET A SD  1 
ATOM   712  C CE  . MET A 1 87  ? -8.741  11.819  -2.028  1.00 22.90 ? 87  MET A CE  1 
ATOM   713  N N   . VAL A 1 88  ? -6.916  6.596   -3.558  1.00 15.99 ? 88  VAL A N   1 
ATOM   714  C CA  A VAL A 1 88  ? -7.621  5.358   -3.829  0.50 16.85 ? 88  VAL A CA  1 
ATOM   715  C CA  B VAL A 1 88  ? -7.641  5.365   -3.840  0.50 16.95 ? 88  VAL A CA  1 
ATOM   716  C C   . VAL A 1 88  ? -8.306  4.834   -2.588  1.00 16.69 ? 88  VAL A C   1 
ATOM   717  O O   . VAL A 1 88  ? -7.844  5.053   -1.469  1.00 16.35 ? 88  VAL A O   1 
ATOM   718  C CB  A VAL A 1 88  ? -6.675  4.279   -4.402  0.50 16.73 ? 88  VAL A CB  1 
ATOM   719  C CB  B VAL A 1 88  ? -6.710  4.309   -4.512  0.50 16.90 ? 88  VAL A CB  1 
ATOM   720  C CG1 A VAL A 1 88  ? -5.744  4.881   -5.456  0.50 16.84 ? 88  VAL A CG1 1 
ATOM   721  C CG1 B VAL A 1 88  ? -5.383  4.219   -3.798  0.50 18.38 ? 88  VAL A CG1 1 
ATOM   722  C CG2 A VAL A 1 88  ? -5.867  3.567   -3.303  0.50 17.51 ? 88  VAL A CG2 1 
ATOM   723  C CG2 B VAL A 1 88  ? -7.368  2.903   -4.626  0.50 16.66 ? 88  VAL A CG2 1 
ATOM   724  N N   . ARG A 1 89  ? -9.412  4.163   -2.827  1.00 18.03 ? 89  ARG A N   1 
ATOM   725  C CA  . ARG A 1 89  ? -10.191 3.496   -1.781  1.00 18.73 ? 89  ARG A CA  1 
ATOM   726  C C   . ARG A 1 89  ? -10.141 1.979   -1.994  1.00 18.00 ? 89  ARG A C   1 
ATOM   727  O O   . ARG A 1 89  ? -10.304 1.470   -3.086  1.00 17.88 ? 89  ARG A O   1 
ATOM   728  C CB  . ARG A 1 89  ? -11.625 3.956   -1.795  1.00 21.07 ? 89  ARG A CB  1 
ATOM   729  C CG  . ARG A 1 89  ? -12.134 4.285   -0.425  1.00 27.31 ? 89  ARG A CG  1 
ATOM   730  C CD  . ARG A 1 89  ? -13.594 4.155   -0.319  1.00 33.17 ? 89  ARG A CD  1 
ATOM   731  N NE  . ARG A 1 89  ? -14.249 4.258   -1.607  1.00 37.86 ? 89  ARG A NE  1 
ATOM   732  C CZ  . ARG A 1 89  ? -15.268 3.475   -1.929  1.00 40.47 ? 89  ARG A CZ  1 
ATOM   733  N NH1 . ARG A 1 89  ? -15.680 2.572   -1.048  1.00 41.53 ? 89  ARG A NH1 1 
ATOM   734  N NH2 . ARG A 1 89  ? -15.870 3.594   -3.106  1.00 43.42 ? 89  ARG A NH2 1 
ATOM   735  N N   . TYR A 1 90  ? -9.801  1.309   -0.924  1.00 16.23 ? 90  TYR A N   1 
ATOM   736  C CA  . TYR A 1 90  ? -9.732  -0.164  -0.878  1.00 15.62 ? 90  TYR A CA  1 
ATOM   737  C C   . TYR A 1 90  ? -10.940 -0.634  -0.088  1.00 13.99 ? 90  TYR A C   1 
ATOM   738  O O   . TYR A 1 90  ? -11.179 -0.170  1.035   1.00 11.59 ? 90  TYR A O   1 
ATOM   739  C CB  . TYR A 1 90  ? -8.522  -0.645  -0.084  1.00 17.40 ? 90  TYR A CB  1 
ATOM   740  C CG  . TYR A 1 90  ? -7.180  -0.845  -0.756  1.00 21.45 ? 90  TYR A CG  1 
ATOM   741  C CD1 . TYR A 1 90  ? -6.156  -1.523  -0.070  1.00 26.35 ? 90  TYR A CD1 1 
ATOM   742  C CD2 . TYR A 1 90  ? -6.916  -0.360  -2.008  1.00 25.33 ? 90  TYR A CD2 1 
ATOM   743  C CE1 . TYR A 1 90  ? -4.897  -1.718  -0.652  1.00 29.86 ? 90  TYR A CE1 1 
ATOM   744  C CE2 . TYR A 1 90  ? -5.657  -0.546  -2.612  1.00 29.03 ? 90  TYR A CE2 1 
ATOM   745  C CZ  . TYR A 1 90  ? -4.659  -1.219  -1.925  1.00 29.64 ? 90  TYR A CZ  1 
ATOM   746  O OH  . TYR A 1 90  ? -3.432  -1.418  -2.518  1.00 33.60 ? 90  TYR A OH  1 
ATOM   747  N N   . SER A 1 91  ? -11.628 -1.646  -0.617  1.00 13.00 ? 91  SER A N   1 
ATOM   748  C CA  . SER A 1 91  ? -12.634 -2.372  0.166   1.00 13.19 ? 91  SER A CA  1 
ATOM   749  C C   . SER A 1 91  ? -12.053 -3.719  0.487   1.00 12.97 ? 91  SER A C   1 
ATOM   750  O O   . SER A 1 91  ? -11.674 -4.463  -0.397  1.00 14.29 ? 91  SER A O   1 
ATOM   751  C CB  . SER A 1 91  ? -13.959 -2.561  -0.578  1.00 11.74 ? 91  SER A CB  1 
ATOM   752  O OG  . SER A 1 91  ? -14.408 -1.329  -1.115  1.00 14.07 ? 91  SER A OG  1 
ATOM   753  N N   . LEU A 1 92  ? -11.955 -3.988  1.764   1.00 13.21 ? 92  LEU A N   1 
ATOM   754  C CA  . LEU A 1 92  ? -11.375 -5.239  2.201   1.00 14.18 ? 92  LEU A CA  1 
ATOM   755  C C   . LEU A 1 92  ? -12.085 -5.936  3.297   1.00 14.75 ? 92  LEU A C   1 
ATOM   756  O O   . LEU A 1 92  ? -12.978 -5.405  3.984   1.00 14.11 ? 92  LEU A O   1 
ATOM   757  C CB  . LEU A 1 92  ? -9.919  -5.064  2.558   1.00 14.52 ? 92  LEU A CB  1 
ATOM   758  C CG  . LEU A 1 92  ? -9.725  -4.103  3.721   1.00 14.90 ? 92  LEU A CG  1 
ATOM   759  C CD1 . LEU A 1 92  ? -9.846  -4.812  5.105   1.00 21.10 ? 92  LEU A CD1 1 
ATOM   760  C CD2 . LEU A 1 92  ? -8.382  -3.275  3.511   1.00 17.17 ? 92  LEU A CD2 1 
ATOM   761  N N   . THR A 1 93  ? -11.650 -7.169  3.475   1.00 15.47 ? 93  THR A N   1 
ATOM   762  C CA  . THR A 1 93  ? -12.083 -7.886  4.640   1.00 16.50 ? 93  THR A CA  1 
ATOM   763  C C   . THR A 1 93  ? -10.880 -8.424  5.416   1.00 15.99 ? 93  THR A C   1 
ATOM   764  O O   . THR A 1 93  ? -9.877  -8.938  4.870   1.00 15.35 ? 93  THR A O   1 
ATOM   765  C CB  . THR A 1 93  ? -13.210 -8.904  4.375   1.00 18.52 ? 93  THR A CB  1 
ATOM   766  O OG1 . THR A 1 93  ? -12.810 -10.246 4.722   1.00 24.71 ? 93  THR A OG1 1 
ATOM   767  C CG2 . THR A 1 93  ? -13.684 -8.844  2.890   1.00 15.90 ? 93  THR A CG2 1 
ATOM   768  N N   . ALA A 1 94  ? -11.029 -8.233  6.704   1.00 15.37 ? 94  ALA A N   1 
ATOM   769  C CA  . ALA A 1 94  ? -10.056 -8.647  7.697   1.00 14.85 ? 94  ALA A CA  1 
ATOM   770  C C   . ALA A 1 94  ? -10.016 -10.149 7.884   1.00 14.07 ? 94  ALA A C   1 
ATOM   771  O O   . ALA A 1 94  ? -11.049 -10.822 8.032   1.00 12.30 ? 94  ALA A O   1 
ATOM   772  C CB  . ALA A 1 94  ? -10.338 -7.956  8.991   1.00 14.13 ? 94  ALA A CB  1 
ATOM   773  N N   . ALA A 1 95  ? -8.795  -10.670 7.886   1.00 14.40 ? 95  ALA A N   1 
ATOM   774  C CA  . ALA A 1 95  ? -8.569  -12.087 8.136   1.00 14.69 ? 95  ALA A CA  1 
ATOM   775  C C   . ALA A 1 95  ? -9.175  -12.527 9.453   1.00 14.00 ? 95  ALA A C   1 
ATOM   776  O O   . ALA A 1 95  ? -9.084  -11.851 10.472  1.00 14.27 ? 95  ALA A O   1 
ATOM   777  C CB  . ALA A 1 95  ? -7.049  -12.438 8.109   1.00 15.20 ? 95  ALA A CB  1 
ATOM   778  N N   . GLY A 1 96  ? -9.749  -13.716 9.405   1.00 13.11 ? 96  GLY A N   1 
ATOM   779  C CA  . GLY A 1 96  ? -10.274 -14.399 10.582  1.00 13.75 ? 96  GLY A CA  1 
ATOM   780  C C   . GLY A 1 96  ? -11.620 -13.910 11.066  1.00 13.72 ? 96  GLY A C   1 
ATOM   781  O O   . GLY A 1 96  ? -12.557 -14.689 11.300  1.00 12.32 ? 96  GLY A O   1 
ATOM   782  N N   . THR A 1 97  ? -11.692 -12.611 11.261  1.00 14.17 ? 97  THR A N   1 
ATOM   783  C CA  . THR A 1 97  ? -12.892 -12.018 11.821  1.00 14.67 ? 97  THR A CA  1 
ATOM   784  C C   . THR A 1 97  ? -13.846 -11.692 10.708  1.00 15.40 ? 97  THR A C   1 
ATOM   785  O O   . THR A 1 97  ? -15.033 -11.546 10.934  1.00 14.95 ? 97  THR A O   1 
ATOM   786  C CB  . THR A 1 97  ? -12.618 -10.690 12.515  1.00 14.89 ? 97  THR A CB  1 
ATOM   787  O OG1 . THR A 1 97  ? -12.024 -9.799  11.592  1.00 14.77 ? 97  THR A OG1 1 
ATOM   788  C CG2 . THR A 1 97  ? -11.672 -10.890 13.743  1.00 17.49 ? 97  THR A CG2 1 
ATOM   789  N N   . ASN A 1 98  ? -13.278 -11.618 9.523   1.00 15.44 ? 98  ASN A N   1 
ATOM   790  C CA  . ASN A 1 98  ? -13.985 -11.250 8.287   1.00 16.75 ? 98  ASN A CA  1 
ATOM   791  C C   . ASN A 1 98  ? -14.690 -9.863  8.353   1.00 17.42 ? 98  ASN A C   1 
ATOM   792  O O   . ASN A 1 98  ? -15.678 -9.576  7.666   1.00 17.45 ? 98  ASN A O   1 
ATOM   793  C CB  . ASN A 1 98  ? -14.998 -12.347 7.929   1.00 16.43 ? 98  ASN A CB  1 
ATOM   794  C CG  . ASN A 1 98  ? -14.322 -13.584 7.294   1.00 19.68 ? 98  ASN A CG  1 
ATOM   795  O OD1 . ASN A 1 98  ? -13.088 -13.646 7.204   1.00 26.73 ? 98  ASN A OD1 1 
ATOM   796  N ND2 . ASN A 1 98  ? -15.113 -14.549 6.852   1.00 18.48 ? 98  ASN A ND2 1 
ATOM   797  N N   . ARG A 1 99  ? -14.180 -9.031  9.214   1.00 18.91 ? 99  ARG A N   1 
ATOM   798  C CA  . ARG A 1 99  ? -14.696 -7.658  9.334   1.00 20.30 ? 99  ARG A CA  1 
ATOM   799  C C   . ARG A 1 99  ? -14.537 -6.880  7.983   1.00 20.62 ? 99  ARG A C   1 
ATOM   800  O O   . ARG A 1 99  ? -13.447 -6.821  7.454   1.00 20.01 ? 99  ARG A O   1 
ATOM   801  C CB  . ARG A 1 99  ? -13.921 -6.961  10.469  1.00 21.99 ? 99  ARG A CB  1 
ATOM   802  C CG  . ARG A 1 99  ? -14.386 -5.550  10.763  1.00 26.88 ? 99  ARG A CG  1 
ATOM   803  C CD  . ARG A 1 99  ? -15.876 -5.574  10.996  1.00 31.55 ? 99  ARG A CD  1 
ATOM   804  N NE  . ARG A 1 99  ? -16.365 -4.289  11.488  1.00 37.07 ? 99  ARG A NE  1 
ATOM   805  C CZ  . ARG A 1 99  ? -17.604 -4.097  11.932  1.00 39.90 ? 99  ARG A CZ  1 
ATOM   806  N NH1 . ARG A 1 99  ? -18.459 -5.103  11.941  1.00 40.72 ? 99  ARG A NH1 1 
ATOM   807  N NH2 . ARG A 1 99  ? -17.987 -2.903  12.364  1.00 42.71 ? 99  ARG A NH2 1 
ATOM   808  N N   . PRO A 1 100 ? -15.617 -6.307  7.414   1.00 20.36 ? 100 PRO A N   1 
ATOM   809  C CA  . PRO A 1 100 ? -15.384 -5.429  6.286   1.00 20.59 ? 100 PRO A CA  1 
ATOM   810  C C   . PRO A 1 100 ? -14.894 -4.067  6.640   1.00 19.78 ? 100 PRO A C   1 
ATOM   811  O O   . PRO A 1 100 ? -15.401 -3.396  7.543   1.00 18.58 ? 100 PRO A O   1 
ATOM   812  C CB  . PRO A 1 100 ? -16.760 -5.277  5.628   1.00 21.35 ? 100 PRO A CB  1 
ATOM   813  C CG  . PRO A 1 100 ? -17.665 -6.120  6.346   1.00 21.29 ? 100 PRO A CG  1 
ATOM   814  C CD  . PRO A 1 100 ? -17.051 -6.539  7.630   1.00 22.37 ? 100 PRO A CD  1 
ATOM   815  N N   . ILE A 1 101 ? -13.925 -3.635  5.867   1.00 18.13 ? 101 ILE A N   1 
ATOM   816  C CA  . ILE A 1 101 ? -13.316 -2.376  6.145   1.00 18.55 ? 101 ILE A CA  1 
ATOM   817  C C   . ILE A 1 101 ? -13.062 -1.663  4.831   1.00 17.65 ? 101 ILE A C   1 
ATOM   818  O O   . ILE A 1 101 ? -12.643 -2.269  3.887   1.00 16.69 ? 101 ILE A O   1 
ATOM   819  C CB  . ILE A 1 101 ? -11.998 -2.552  6.923   1.00 18.48 ? 101 ILE A CB  1 
ATOM   820  C CG1 . ILE A 1 101 ? -12.256 -3.208  8.290   1.00 22.62 ? 101 ILE A CG1 1 
ATOM   821  C CG2 . ILE A 1 101 ? -11.255 -1.176  7.020   1.00 20.40 ? 101 ILE A CG2 1 
ATOM   822  C CD1 . ILE A 1 101 ? -10.980 -3.619  8.998   1.00 24.03 ? 101 ILE A CD1 1 
ATOM   823  N N   . SER A 1 102 ? -13.401 -0.389  4.800   1.00 18.04 ? 102 SER A N   1 
ATOM   824  C CA  . SER A 1 102 ? -13.070 0.489   3.641   1.00 17.79 ? 102 SER A CA  1 
ATOM   825  C C   . SER A 1 102 ? -11.995 1.461   4.077   1.00 18.42 ? 102 SER A C   1 
ATOM   826  O O   . SER A 1 102 ? -12.084 2.046   5.167   1.00 20.09 ? 102 SER A O   1 
ATOM   827  C CB  . SER A 1 102 ? -14.355 1.181   3.160   1.00 18.83 ? 102 SER A CB  1 
ATOM   828  O OG  . SER A 1 102 ? -14.114 2.231   2.242   1.00 21.73 ? 102 SER A OG  1 
ATOM   829  N N   . VAL A 1 103 ? -10.962 1.613   3.258   1.00 17.02 ? 103 VAL A N   1 
ATOM   830  C CA  . VAL A 1 103 ? -9.799  2.451   3.579   1.00 18.75 ? 103 VAL A CA  1 
ATOM   831  C C   . VAL A 1 103 ? -9.567  3.449   2.465   1.00 17.36 ? 103 VAL A C   1 
ATOM   832  O O   . VAL A 1 103 ? -9.416  3.051   1.323   1.00 15.88 ? 103 VAL A O   1 
ATOM   833  C CB  . VAL A 1 103 ? -8.540  1.584   3.732   1.00 19.49 ? 103 VAL A CB  1 
ATOM   834  C CG1 . VAL A 1 103 ? -7.364  2.421   4.186   1.00 23.15 ? 103 VAL A CG1 1 
ATOM   835  C CG2 . VAL A 1 103 ? -8.790  0.460   4.750   1.00 23.41 ? 103 VAL A CG2 1 
ATOM   836  N N   . ARG A 1 104 ? -9.554  4.742   2.803   1.00 15.75 ? 104 ARG A N   1 
ATOM   837  C CA  . ARG A 1 104 ? -9.246  5.749   1.824   1.00 16.40 ? 104 ARG A CA  1 
ATOM   838  C C   . ARG A 1 104 ? -7.822  6.266   2.049   1.00 14.82 ? 104 ARG A C   1 
ATOM   839  O O   . ARG A 1 104 ? -7.458  6.660   3.163   1.00 13.54 ? 104 ARG A O   1 
ATOM   840  C CB  . ARG A 1 104 ? -10.205 6.922   1.926   1.00 17.69 ? 104 ARG A CB  1 
ATOM   841  C CG  . ARG A 1 104 ? -9.902  7.890   0.878   1.00 18.96 ? 104 ARG A CG  1 
ATOM   842  C CD  . ARG A 1 104 ? -10.837 9.053   0.889   1.00 25.76 ? 104 ARG A CD  1 
ATOM   843  N NE  . ARG A 1 104 ? -11.943 8.838   -0.058  1.00 26.64 ? 104 ARG A NE  1 
ATOM   844  C CZ  . ARG A 1 104 ? -13.189 8.567   0.294   1.00 25.14 ? 104 ARG A CZ  1 
ATOM   845  N NH1 . ARG A 1 104 ? -13.538 8.383   1.561   1.00 27.34 ? 104 ARG A NH1 1 
ATOM   846  N NH2 . ARG A 1 104 ? -14.089 8.404   -0.650  1.00 29.23 ? 104 ARG A NH2 1 
ATOM   847  N N   . MET A 1 105 ? -7.018  6.221   0.998   1.00 13.71 ? 105 MET A N   1 
ATOM   848  C CA  . MET A 1 105 ? -5.586  6.497   1.127   1.00 13.86 ? 105 MET A CA  1 
ATOM   849  C C   . MET A 1 105 ? -5.141  7.488   0.052   1.00 13.49 ? 105 MET A C   1 
ATOM   850  O O   . MET A 1 105 ? -5.701  7.526   -1.026  1.00 15.15 ? 105 MET A O   1 
ATOM   851  C CB  . MET A 1 105 ? -4.761  5.218   1.000   1.00 16.74 ? 105 MET A CB  1 
ATOM   852  C CG  . MET A 1 105 ? -5.199  4.058   1.853   1.00 21.87 ? 105 MET A CG  1 
ATOM   853  S SD  . MET A 1 105 ? -4.394  2.494   1.295   1.00 30.22 ? 105 MET A SD  1 
ATOM   854  C CE  . MET A 1 105 ? -5.200  2.231   -0.270  1.00 30.23 ? 105 MET A CE  1 
ATOM   855  N N   . ALA A 1 106 ? -4.122  8.264   0.395   1.00 12.21 ? 106 ALA A N   1 
ATOM   856  C CA  . ALA A 1 106 ? -3.412  9.130   -0.535  1.00 11.68 ? 106 ALA A CA  1 
ATOM   857  C C   . ALA A 1 106 ? -1.955  8.696   -0.549  1.00 13.65 ? 106 ALA A C   1 
ATOM   858  O O   . ALA A 1 106 ? -1.311  8.599   0.505   1.00 12.89 ? 106 ALA A O   1 
ATOM   859  C CB  . ALA A 1 106 ? -3.527  10.588  -0.097  1.00 13.09 ? 106 ALA A CB  1 
ATOM   860  N N   . LEU A 1 107 ? -1.473  8.408   -1.748  1.00 13.07 ? 107 LEU A N   1 
ATOM   861  C CA  . LEU A 1 107 ? -0.170  7.773   -2.005  1.00 15.21 ? 107 LEU A CA  1 
ATOM   862  C C   . LEU A 1 107 ? 0.695   8.696   -2.878  1.00 14.23 ? 107 LEU A C   1 
ATOM   863  O O   . LEU A 1 107 ? 0.257   9.160   -3.913  1.00 15.11 ? 107 LEU A O   1 
ATOM   864  C CB  . LEU A 1 107 ? -0.467  6.444   -2.753  1.00 16.84 ? 107 LEU A CB  1 
ATOM   865  C CG  . LEU A 1 107 ? 0.678   5.594   -3.217  1.00 22.08 ? 107 LEU A CG  1 
ATOM   866  C CD1 . LEU A 1 107 ? 1.293   4.969   -1.963  1.00 27.47 ? 107 LEU A CD1 1 
ATOM   867  C CD2 . LEU A 1 107 ? 0.158   4.527   -4.180  1.00 25.71 ? 107 LEU A CD2 1 
ATOM   868  N N   . PHE A 1 108 ? 1.912   8.974   -2.425  1.00 14.61 ? 108 PHE A N   1 
ATOM   869  C CA  . PHE A 1 108 ? 2.918   9.657   -3.201  1.00 12.94 ? 108 PHE A CA  1 
ATOM   870  C C   . PHE A 1 108 ? 4.097   8.770   -3.406  1.00 12.86 ? 108 PHE A C   1 
ATOM   871  O O   . PHE A 1 108 ? 4.667   8.255   -2.430  1.00 13.43 ? 108 PHE A O   1 
ATOM   872  C CB  . PHE A 1 108 ? 3.374   10.951  -2.507  1.00 14.74 ? 108 PHE A CB  1 
ATOM   873  C CG  . PHE A 1 108 ? 2.260   11.969  -2.318  1.00 15.31 ? 108 PHE A CG  1 
ATOM   874  C CD1 . PHE A 1 108 ? 1.262   11.767  -1.381  1.00 18.39 ? 108 PHE A CD1 1 
ATOM   875  C CD2 . PHE A 1 108 ? 2.237   13.096  -3.087  1.00 16.17 ? 108 PHE A CD2 1 
ATOM   876  C CE1 . PHE A 1 108 ? 0.247   12.704  -1.237  1.00 19.03 ? 108 PHE A CE1 1 
ATOM   877  C CE2 . PHE A 1 108 ? 1.208   14.021  -2.955  1.00 19.69 ? 108 PHE A CE2 1 
ATOM   878  C CZ  . PHE A 1 108 ? 0.228   13.795  -1.999  1.00 18.38 ? 108 PHE A CZ  1 
ATOM   879  N N   . THR A 1 109 ? 4.463   8.567   -4.682  1.00 11.52 ? 109 THR A N   1 
ATOM   880  C CA  . THR A 1 109 ? 5.523   7.640   -5.028  1.00 12.21 ? 109 THR A CA  1 
ATOM   881  C C   . THR A 1 109 ? 6.571   8.275   -5.945  1.00 12.30 ? 109 THR A C   1 
ATOM   882  O O   . THR A 1 109 ? 6.283   9.139   -6.750  1.00 11.94 ? 109 THR A O   1 
ATOM   883  C CB  . THR A 1 109 ? 4.945   6.402   -5.778  1.00 13.08 ? 109 THR A CB  1 
ATOM   884  O OG1 . THR A 1 109 ? 4.121   6.850   -6.816  1.00 13.23 ? 109 THR A OG1 1 
ATOM   885  C CG2 . THR A 1 109 ? 4.056   5.579   -4.884  1.00 13.34 ? 109 THR A CG2 1 
ATOM   886  N N   . GLN A 1 110 ? 7.787   7.829   -5.755  1.00 12.59 ? 110 GLN A N   1 
ATOM   887  C CA  . GLN A 1 110 ? 8.892   8.179   -6.606  1.00 13.70 ? 110 GLN A CA  1 
ATOM   888  C C   . GLN A 1 110 ? 9.541   6.889   -7.112  1.00 13.67 ? 110 GLN A C   1 
ATOM   889  O O   . GLN A 1 110 ? 9.606   5.887   -6.390  1.00 13.22 ? 110 GLN A O   1 
ATOM   890  C CB  . GLN A 1 110 ? 9.941   9.014   -5.817  1.00 15.69 ? 110 GLN A CB  1 
ATOM   891  C CG  . GLN A 1 110 ? 9.452   10.362  -5.238  1.00 18.22 ? 110 GLN A CG  1 
ATOM   892  C CD  . GLN A 1 110 ? 9.284   11.497  -6.237  1.00 25.50 ? 110 GLN A CD  1 
ATOM   893  O OE1 . GLN A 1 110 ? 9.922   11.540  -7.321  1.00 30.62 ? 110 GLN A OE1 1 
ATOM   894  N NE2 . GLN A 1 110 ? 8.443   12.467  -5.861  1.00 28.16 ? 110 GLN A NE2 1 
ATOM   895  N N   . PHE A 1 111 ? 10.028  6.937   -8.348  1.00 13.76 ? 111 PHE A N   1 
ATOM   896  C CA  . PHE A 1 111 ? 10.664  5.802   -8.985  1.00 13.34 ? 111 PHE A CA  1 
ATOM   897  C C   . PHE A 1 111 ? 11.977  6.198   -9.640  1.00 15.10 ? 111 PHE A C   1 
ATOM   898  O O   . PHE A 1 111 ? 12.184  7.349   -10.052 1.00 13.50 ? 111 PHE A O   1 
ATOM   899  C CB  . PHE A 1 111 ? 9.771   5.197   -10.065 1.00 15.16 ? 111 PHE A CB  1 
ATOM   900  C CG  . PHE A 1 111 ? 8.421   4.798   -9.598  1.00 12.11 ? 111 PHE A CG  1 
ATOM   901  C CD1 . PHE A 1 111 ? 7.374   5.717   -9.561  1.00 14.61 ? 111 PHE A CD1 1 
ATOM   902  C CD2 . PHE A 1 111 ? 8.173   3.478   -9.245  1.00 14.23 ? 111 PHE A CD2 1 
ATOM   903  C CE1 . PHE A 1 111 ? 6.116   5.350   -9.128  1.00 15.59 ? 111 PHE A CE1 1 
ATOM   904  C CE2 . PHE A 1 111 ? 6.896   3.107   -8.779  1.00 16.44 ? 111 PHE A CE2 1 
ATOM   905  C CZ  . PHE A 1 111 ? 5.899   4.026   -8.707  1.00 14.64 ? 111 PHE A CZ  1 
ATOM   906  N N   . GLN A 1 112 ? 12.846  5.206   -9.730  1.00 15.54 ? 112 GLN A N   1 
ATOM   907  C CA  . GLN A 1 112 ? 14.093  5.351   -10.437 1.00 17.57 ? 112 GLN A CA  1 
ATOM   908  C C   . GLN A 1 112 ? 14.414  4.031   -11.071 1.00 17.63 ? 112 GLN A C   1 
ATOM   909  O O   . GLN A 1 112 ? 14.421  2.985   -10.421 1.00 16.96 ? 112 GLN A O   1 
ATOM   910  C CB  . GLN A 1 112 ? 15.199  5.777   -9.493  1.00 18.07 ? 112 GLN A CB  1 
ATOM   911  C CG  . GLN A 1 112 ? 15.015  7.150   -8.931  1.00 20.69 ? 112 GLN A CG  1 
ATOM   912  N N   . ASN A 1 113 ? 14.613  4.096   -12.365 1.00 19.34 ? 113 ASN A N   1 
ATOM   913  C CA  . ASN A 1 113 ? 15.054  2.950   -13.107 1.00 20.76 ? 113 ASN A CA  1 
ATOM   914  C C   . ASN A 1 113 ? 14.050  1.845   -12.931 1.00 19.46 ? 113 ASN A C   1 
ATOM   915  O O   . ASN A 1 113 ? 14.385  0.664   -12.926 1.00 19.92 ? 113 ASN A O   1 
ATOM   916  C CB  . ASN A 1 113 ? 16.405  2.499   -12.605 1.00 20.58 ? 113 ASN A CB  1 
ATOM   917  C CG  . ASN A 1 113 ? 17.513  3.407   -13.057 1.00 23.52 ? 113 ASN A CG  1 
ATOM   918  O OD1 . ASN A 1 113 ? 17.579  3.810   -14.227 1.00 27.08 ? 113 ASN A OD1 1 
ATOM   919  N ND2 . ASN A 1 113 ? 18.407  3.730   -12.133 1.00 24.20 ? 113 ASN A ND2 1 
ATOM   920  N N   . GLY A 1 114 ? 12.826  2.284   -12.770 1.00 20.15 ? 114 GLY A N   1 
ATOM   921  C CA  . GLY A 1 114 ? 11.640  1.429   -12.823 1.00 20.02 ? 114 GLY A CA  1 
ATOM   922  C C   . GLY A 1 114 ? 11.388  0.781   -11.494 1.00 18.76 ? 114 GLY A C   1 
ATOM   923  O O   . GLY A 1 114 ? 10.564  -0.135  -11.353 1.00 21.65 ? 114 GLY A O   1 
ATOM   924  N N   . ARG A 1 115 ? 12.118  1.243   -10.497 1.00 15.88 ? 115 ARG A N   1 
ATOM   925  C CA  . ARG A 1 115 ? 11.941  0.707   -9.141  1.00 14.44 ? 115 ARG A CA  1 
ATOM   926  C C   . ARG A 1 115 ? 11.381  1.792   -8.240  1.00 13.85 ? 115 ARG A C   1 
ATOM   927  O O   . ARG A 1 115 ? 11.738  2.957   -8.356  1.00 15.52 ? 115 ARG A O   1 
ATOM   928  C CB  . ARG A 1 115 ? 13.271  0.209   -8.584  1.00 14.08 ? 115 ARG A CB  1 
ATOM   929  C CG  . ARG A 1 115 ? 13.854  -0.970  -9.344  1.00 14.88 ? 115 ARG A CG  1 
ATOM   930  C CD  . ARG A 1 115 ? 15.031  -1.573  -8.569  1.00 18.85 ? 115 ARG A CD  1 
ATOM   931  N NE  . ARG A 1 115 ? 16.154  -0.692  -8.771  1.00 24.81 ? 115 ARG A NE  1 
ATOM   932  C CZ  . ARG A 1 115 ? 16.906  -0.736  -9.866  1.00 32.50 ? 115 ARG A CZ  1 
ATOM   933  N NH1 . ARG A 1 115 ? 16.642  -1.635  -10.809 1.00 35.93 ? 115 ARG A NH1 1 
ATOM   934  N NH2 . ARG A 1 115 ? 17.900  0.123   -10.033 1.00 34.28 ? 115 ARG A NH2 1 
ATOM   935  N N   . LEU A 1 116 ? 10.559  1.364   -7.305  1.00 15.05 ? 116 LEU A N   1 
ATOM   936  C CA  . LEU A 1 116 ? 9.981   2.256   -6.263  1.00 13.54 ? 116 LEU A CA  1 
ATOM   937  C C   . LEU A 1 116 ? 11.048  2.601   -5.244  1.00 14.82 ? 116 LEU A C   1 
ATOM   938  O O   . LEU A 1 116 ? 11.557  1.738   -4.540  1.00 14.36 ? 116 LEU A O   1 
ATOM   939  C CB  . LEU A 1 116 ? 8.797   1.593   -5.571  1.00 14.01 ? 116 LEU A CB  1 
ATOM   940  C CG  . LEU A 1 116 ? 8.041   2.419   -4.523  1.00 15.10 ? 116 LEU A CG  1 
ATOM   941  C CD1 . LEU A 1 116 ? 7.315   3.582   -5.269  1.00 14.32 ? 116 LEU A CD1 1 
ATOM   942  C CD2 . LEU A 1 116 ? 7.103   1.564   -3.738  1.00 13.36 ? 116 LEU A CD2 1 
ATOM   943  N N   . THR A 1 117 ? 11.358  3.888   -5.150  1.00 14.61 ? 117 THR A N   1 
ATOM   944  C CA  . THR A 1 117 ? 12.434  4.408   -4.284  1.00 13.73 ? 117 THR A CA  1 
ATOM   945  C C   . THR A 1 117 ? 11.936  5.204   -3.090  1.00 15.05 ? 117 THR A C   1 
ATOM   946  O O   . THR A 1 117 ? 12.606  5.348   -2.085  1.00 14.42 ? 117 THR A O   1 
ATOM   947  C CB  . THR A 1 117 ? 13.439  5.260   -5.077  1.00 15.48 ? 117 THR A CB  1 
ATOM   948  O OG1 . THR A 1 117 ? 12.753  6.352   -5.719  1.00 12.77 ? 117 THR A OG1 1 
ATOM   949  C CG2 . THR A 1 117 ? 14.201  4.380   -6.080  1.00 12.92 ? 117 THR A CG2 1 
ATOM   950  N N   . ASN A 1 118 ? 10.734  5.702   -3.210  1.00 14.67 ? 118 ASN A N   1 
ATOM   951  C CA  . ASN A 1 118 ? 10.110  6.497   -2.152  1.00 14.35 ? 118 ASN A CA  1 
ATOM   952  C C   . ASN A 1 118 ? 8.586   6.319   -2.186  1.00 14.14 ? 118 ASN A C   1 
ATOM   953  O O   . ASN A 1 118 ? 7.940   6.446   -3.239  1.00 14.78 ? 118 ASN A O   1 
ATOM   954  C CB  . ASN A 1 118 ? 10.512  7.975   -2.280  1.00 15.43 ? 118 ASN A CB  1 
ATOM   955  C CG  . ASN A 1 118 ? 10.241  8.773   -1.002  1.00 15.15 ? 118 ASN A CG  1 
ATOM   956  O OD1 . ASN A 1 118 ? 9.091   8.968   -0.610  1.00 16.58 ? 118 ASN A OD1 1 
ATOM   957  N ND2 . ASN A 1 118 ? 11.302  9.167   -0.324  1.00 16.99 ? 118 ASN A ND2 1 
ATOM   958  N N   . LEU A 1 119 ? 8.024   6.033   -1.004  1.00 13.70 ? 119 LEU A N   1 
ATOM   959  C CA  . LEU A 1 119 ? 6.594   5.991   -0.814  1.00 12.96 ? 119 LEU A CA  1 
ATOM   960  C C   . LEU A 1 119 ? 6.174   6.642   0.472   1.00 13.59 ? 119 LEU A C   1 
ATOM   961  O O   . LEU A 1 119 ? 6.816   6.460   1.537   1.00 12.68 ? 119 LEU A O   1 
ATOM   962  C CB  . LEU A 1 119 ? 6.099   4.525   -0.869  1.00 13.93 ? 119 LEU A CB  1 
ATOM   963  C CG  . LEU A 1 119 ? 4.610   4.280   -0.684  1.00 14.44 ? 119 LEU A CG  1 
ATOM   964  C CD1 . LEU A 1 119 ? 4.152   3.058   -1.524  1.00 13.11 ? 119 LEU A CD1 1 
ATOM   965  C CD2 . LEU A 1 119 ? 4.133   4.081   0.826   1.00 13.12 ? 119 LEU A CD2 1 
ATOM   966  N N   . ARG A 1 120 ? 5.112   7.433   0.362   1.00 13.57 ? 120 ARG A N   1 
ATOM   967  C CA  . ARG A 1 120 ? 4.474   8.060   1.510   1.00 13.27 ? 120 ARG A CA  1 
ATOM   968  C C   . ARG A 1 120 ? 2.979   7.898   1.358   1.00 14.18 ? 120 ARG A C   1 
ATOM   969  O O   . ARG A 1 120 ? 2.408   8.140   0.281   1.00 13.97 ? 120 ARG A O   1 
ATOM   970  C CB  . ARG A 1 120 ? 4.807   9.550   1.598   1.00 15.41 ? 120 ARG A CB  1 
ATOM   971  C CG  . ARG A 1 120 ? 6.255   9.897   1.927   1.00 14.74 ? 120 ARG A CG  1 
ATOM   972  C CD  . ARG A 1 120 ? 6.639   9.397   3.302   1.00 18.58 ? 120 ARG A CD  1 
ATOM   973  N NE  . ARG A 1 120 ? 7.953   9.860   3.718   1.00 16.32 ? 120 ARG A NE  1 
ATOM   974  C CZ  . ARG A 1 120 ? 9.079   9.202   3.459   1.00 16.62 ? 120 ARG A CZ  1 
ATOM   975  N NH1 . ARG A 1 120 ? 10.226  9.653   3.874   1.00 18.29 ? 120 ARG A NH1 1 
ATOM   976  N NH2 . ARG A 1 120 ? 9.027   8.072   2.818   1.00 14.87 ? 120 ARG A NH2 1 
ATOM   977  N N   . MET A 1 121 ? 2.375   7.382   2.399   1.00 13.20 ? 121 MET A N   1 
ATOM   978  C CA  . MET A 1 121 ? 0.940   7.178   2.438   1.00 13.46 ? 121 MET A CA  1 
ATOM   979  C C   . MET A 1 121 ? 0.307   7.798   3.650   1.00 12.95 ? 121 MET A C   1 
ATOM   980  O O   . MET A 1 121 ? 0.741   7.588   4.744   1.00 11.17 ? 121 MET A O   1 
ATOM   981  C CB  . MET A 1 121 ? 0.599   5.695   2.409   1.00 14.71 ? 121 MET A CB  1 
ATOM   982  C CG  . MET A 1 121 ? -0.869  5.488   2.537   1.00 19.17 ? 121 MET A CG  1 
ATOM   983  S SD  . MET A 1 121 ? -1.395  3.788   2.625   1.00 29.28 ? 121 MET A SD  1 
ATOM   984  C CE  . MET A 1 121 ? -0.990  3.522   0.906   1.00 27.73 ? 121 MET A CE  1 
ATOM   985  N N   . VAL A 1 122 ? -0.734  8.567   3.396   1.00 12.37 ? 122 VAL A N   1 
ATOM   986  C CA  . VAL A 1 122 ? -1.654  9.129   4.405   1.00 13.83 ? 122 VAL A CA  1 
ATOM   987  C C   . VAL A 1 122 ? -3.002  8.499   4.200   1.00 14.45 ? 122 VAL A C   1 
ATOM   988  O O   . VAL A 1 122 ? -3.536  8.472   3.101   1.00 15.69 ? 122 VAL A O   1 
ATOM   989  C CB  . VAL A 1 122 ? -1.831  10.667  4.207   1.00 14.95 ? 122 VAL A CB  1 
ATOM   990  C CG1 . VAL A 1 122 ? -2.611  11.283  5.387   1.00 20.30 ? 122 VAL A CG1 1 
ATOM   991  C CG2 . VAL A 1 122 ? -0.494  11.286  4.097   1.00 20.44 ? 122 VAL A CG2 1 
ATOM   992  N N   . LEU A 1 123 ? -3.605  8.029   5.277   1.00 15.04 ? 123 LEU A N   1 
ATOM   993  C CA  . LEU A 1 123 ? -4.983  7.587   5.202   1.00 16.52 ? 123 LEU A CA  1 
ATOM   994  C C   . LEU A 1 123 ? -5.852  8.023   6.350   1.00 16.36 ? 123 LEU A C   1 
ATOM   995  O O   . LEU A 1 123 ? -5.388  8.645   7.305   1.00 16.04 ? 123 LEU A O   1 
ATOM   996  C CB  . LEU A 1 123 ? -5.029  6.073   5.153   1.00 17.99 ? 123 LEU A CB  1 
ATOM   997  C CG  . LEU A 1 123 ? -4.455  5.415   6.381   1.00 19.00 ? 123 LEU A CG  1 
ATOM   998  C CD1 . LEU A 1 123 ? -5.247  4.197   6.640   1.00 27.66 ? 123 LEU A CD1 1 
ATOM   999  C CD2 . LEU A 1 123 ? -2.988  5.089   6.147   1.00 23.85 ? 123 LEU A CD2 1 
ATOM   1000 N N   . ASP A 1 124 ? -7.144  7.829   6.138   1.00 15.62 ? 124 ASP A N   1 
ATOM   1001 C CA  . ASP A 1 124 ? -8.182  8.254   7.128   1.00 15.63 ? 124 ASP A CA  1 
ATOM   1002 C C   . ASP A 1 124 ? -8.165  7.214   8.241   1.00 17.06 ? 124 ASP A C   1 
ATOM   1003 O O   . ASP A 1 124 ? -8.911  6.230   8.275   1.00 17.10 ? 124 ASP A O   1 
ATOM   1004 C CB  . ASP A 1 124 ? -9.558  8.497   6.451   1.00 15.91 ? 124 ASP A CB  1 
ATOM   1005 C CG  . ASP A 1 124 ? -10.606 9.079   7.431   1.00 17.96 ? 124 ASP A CG  1 
ATOM   1006 O OD1 . ASP A 1 124 ? -10.345 9.104   8.662   1.00 20.22 ? 124 ASP A OD1 1 
ATOM   1007 O OD2 . ASP A 1 124 ? -11.740 9.393   7.003   1.00 18.02 ? 124 ASP A OD2 1 
ATOM   1008 N N   . THR A 1 125 ? -7.238  7.476   9.147   1.00 16.66 ? 125 THR A N   1 
ATOM   1009 C CA  . THR A 1 125 ? -6.852  6.560   10.199  1.00 17.00 ? 125 THR A CA  1 
ATOM   1010 C C   . THR A 1 125 ? -7.918  6.474   11.297  1.00 16.59 ? 125 THR A C   1 
ATOM   1011 O O   . THR A 1 125 ? -8.099  5.431   11.874  1.00 17.48 ? 125 THR A O   1 
ATOM   1012 C CB  . THR A 1 125 ? -5.486  6.909   10.803  1.00 15.65 ? 125 THR A CB  1 
ATOM   1013 O OG1 . THR A 1 125 ? -5.444  8.324   11.033  1.00 14.74 ? 125 THR A OG1 1 
ATOM   1014 C CG2 . THR A 1 125 ? -4.342  6.436   9.837   1.00 17.26 ? 125 THR A CG2 1 
ATOM   1015 N N   . PHE A 1 126 ? -8.639  7.557   11.557  1.00 16.56 ? 126 PHE A N   1 
ATOM   1016 C CA  . PHE A 1 126 ? -9.697  7.490   12.557  1.00 15.36 ? 126 PHE A CA  1 
ATOM   1017 C C   . PHE A 1 126 ? -10.821 6.598   12.051  1.00 16.64 ? 126 PHE A C   1 
ATOM   1018 O O   . PHE A 1 126 ? -11.339 5.706   12.769  1.00 17.34 ? 126 PHE A O   1 
ATOM   1019 C CB  . PHE A 1 126 ? -10.188 8.898   12.969  1.00 15.50 ? 126 PHE A CB  1 
ATOM   1020 C CG  . PHE A 1 126 ? -11.215 8.885   14.086  1.00 15.76 ? 126 PHE A CG  1 
ATOM   1021 C CD1 . PHE A 1 126 ? -10.807 8.876   15.397  1.00 18.37 ? 126 PHE A CD1 1 
ATOM   1022 C CD2 . PHE A 1 126 ? -12.560 8.881   13.810  1.00 14.70 ? 126 PHE A CD2 1 
ATOM   1023 C CE1 . PHE A 1 126 ? -11.728 8.838   16.415  1.00 18.12 ? 126 PHE A CE1 1 
ATOM   1024 C CE2 . PHE A 1 126 ? -13.502 8.859   14.813  1.00 16.26 ? 126 PHE A CE2 1 
ATOM   1025 C CZ  . PHE A 1 126 ? -13.093 8.844   16.116  1.00 17.10 ? 126 PHE A CZ  1 
ATOM   1026 N N   . ASP A 1 127 ? -11.201 6.803   10.815  1.00 17.92 ? 127 ASP A N   1 
ATOM   1027 C CA  . ASP A 1 127 ? -12.281 6.015   10.220  1.00 18.70 ? 127 ASP A CA  1 
ATOM   1028 C C   . ASP A 1 127 ? -11.868 4.557   10.194  1.00 17.46 ? 127 ASP A C   1 
ATOM   1029 O O   . ASP A 1 127 ? -12.664 3.653   10.523  1.00 18.92 ? 127 ASP A O   1 
ATOM   1030 C CB  . ASP A 1 127 ? -12.613 6.492   8.819   1.00 18.49 ? 127 ASP A CB  1 
ATOM   1031 C CG  . ASP A 1 127 ? -13.856 5.871   8.290   1.00 21.07 ? 127 ASP A CG  1 
ATOM   1032 O OD1 . ASP A 1 127 ? -13.815 5.363   7.172   1.00 29.42 ? 127 ASP A OD1 1 
ATOM   1033 O OD2 . ASP A 1 127 ? -14.878 5.899   8.985   1.00 28.25 ? 127 ASP A OD2 1 
ATOM   1034 N N   . LEU A 1 128 ? -10.585 4.327   9.918   1.00 17.51 ? 128 LEU A N   1 
ATOM   1035 C CA  . LEU A 1 128 ? -10.059 2.936   9.850   1.00 16.95 ? 128 LEU A CA  1 
ATOM   1036 C C   . LEU A 1 128 ? -10.182 2.290   11.223  1.00 16.93 ? 128 LEU A C   1 
ATOM   1037 O O   . LEU A 1 128 ? -10.685 1.165   11.372  1.00 18.08 ? 128 LEU A O   1 
ATOM   1038 C CB  . LEU A 1 128 ? -8.584  2.874   9.382   1.00 16.77 ? 128 LEU A CB  1 
ATOM   1039 C CG  . LEU A 1 128 ? -7.776  1.584   9.480   1.00 15.61 ? 128 LEU A CG  1 
ATOM   1040 C CD1 . LEU A 1 128 ? -8.446  0.362   8.816   1.00 17.55 ? 128 LEU A CD1 1 
ATOM   1041 C CD2 . LEU A 1 128 ? -6.298  1.742   8.947   1.00 16.87 ? 128 LEU A CD2 1 
ATOM   1042 N N   . VAL A 1 129 ? -9.739  3.007   12.247  1.00 17.75 ? 129 VAL A N   1 
ATOM   1043 C CA  . VAL A 1 129 ? -9.702  2.449   13.626  1.00 18.02 ? 129 VAL A CA  1 
ATOM   1044 C C   . VAL A 1 129 ? -11.130 2.189   14.068  1.00 19.52 ? 129 VAL A C   1 
ATOM   1045 O O   . VAL A 1 129 ? -11.426 1.172   14.687  1.00 19.75 ? 129 VAL A O   1 
ATOM   1046 C CB  . VAL A 1 129 ? -8.950  3.353   14.679  1.00 17.31 ? 129 VAL A CB  1 
ATOM   1047 C CG1 . VAL A 1 129 ? -9.341  2.945   16.119  1.00 18.04 ? 129 VAL A CG1 1 
ATOM   1048 C CG2 . VAL A 1 129 ? -7.426  3.305   14.490  1.00 17.67 ? 129 VAL A CG2 1 
ATOM   1049 N N   . GLU A 1 130 ? -12.023 3.125   13.765  1.00 20.63 ? 130 GLU A N   1 
ATOM   1050 C CA  . GLU A 1 130 ? -13.417 2.960   14.160  1.00 22.06 ? 130 GLU A CA  1 
ATOM   1051 C C   . GLU A 1 130 ? -14.041 1.729   13.553  1.00 22.18 ? 130 GLU A C   1 
ATOM   1052 O O   . GLU A 1 130 ? -14.776 0.950   14.223  1.00 21.29 ? 130 GLU A O   1 
ATOM   1053 C CB  . GLU A 1 130 ? -14.261 4.168   13.808  1.00 24.21 ? 130 GLU A CB  1 
ATOM   1054 C CG  . GLU A 1 130 ? -13.988 5.335   14.733  1.00 27.64 ? 130 GLU A CG  1 
ATOM   1055 C CD  . GLU A 1 130 ? -15.246 6.037   15.224  1.00 31.57 ? 130 GLU A CD  1 
ATOM   1056 O OE1 . GLU A 1 130 ? -16.207 6.205   14.426  1.00 33.47 ? 130 GLU A OE1 1 
ATOM   1057 O OE2 . GLU A 1 130 ? -15.253 6.456   16.413  1.00 30.26 ? 130 GLU A OE2 1 
ATOM   1058 N N   . GLN A 1 131 ? -13.767 1.549   12.271  1.00 20.36 ? 131 GLN A N   1 
ATOM   1059 C CA  . GLN A 1 131 ? -14.324 0.393   11.548  1.00 20.18 ? 131 GLN A CA  1 
ATOM   1060 C C   . GLN A 1 131 ? -13.766 -0.909  12.076  1.00 20.32 ? 131 GLN A C   1 
ATOM   1061 O O   . GLN A 1 131 ? -14.501 -1.909  12.218  1.00 20.69 ? 131 GLN A O   1 
ATOM   1062 C CB  . GLN A 1 131 ? -14.027 0.484   10.058  1.00 20.42 ? 131 GLN A CB  1 
ATOM   1063 C CG  . GLN A 1 131 ? -14.809 1.491   9.298   1.00 20.69 ? 131 GLN A CG  1 
ATOM   1064 C CD  . GLN A 1 131 ? -14.384 1.459   7.841   1.00 21.22 ? 131 GLN A CD  1 
ATOM   1065 O OE1 . GLN A 1 131 ? -14.790 0.569   7.077   1.00 18.35 ? 131 GLN A OE1 1 
ATOM   1066 N NE2 . GLN A 1 131 ? -13.539 2.407   7.454   1.00 19.36 ? 131 GLN A NE2 1 
ATOM   1067 N N   . ALA A 1 132 ? -12.480 -0.898  12.413  1.00 19.72 ? 132 ALA A N   1 
ATOM   1068 C CA  . ALA A 1 132 ? -11.807 -2.121  12.904  1.00 20.99 ? 132 ALA A CA  1 
ATOM   1069 C C   . ALA A 1 132 ? -12.323 -2.527  14.299  1.00 21.93 ? 132 ALA A C   1 
ATOM   1070 O O   . ALA A 1 132 ? -12.464 -3.732  14.608  1.00 23.21 ? 132 ALA A O   1 
ATOM   1071 C CB  . ALA A 1 132 ? -10.266 -1.944  12.911  1.00 20.27 ? 132 ALA A CB  1 
ATOM   1072 N N   . LEU A 1 133 ? -12.639 -1.534  15.136  1.00 22.49 ? 133 LEU A N   1 
ATOM   1073 C CA  . LEU A 1 133 ? -13.022 -1.780  16.551  1.00 22.91 ? 133 LEU A CA  1 
ATOM   1074 C C   . LEU A 1 133 ? -14.515 -2.037  16.597  1.00 23.44 ? 133 LEU A C   1 
ATOM   1075 O O   . LEU A 1 133 ? -15.029 -2.780  17.455  1.00 24.07 ? 133 LEU A O   1 
ATOM   1076 C CB  . LEU A 1 133 ? -12.751 -0.578  17.465  1.00 22.84 ? 133 LEU A CB  1 
ATOM   1077 C CG  . LEU A 1 133 ? -11.337 -0.119  17.846  1.00 24.38 ? 133 LEU A CG  1 
ATOM   1078 C CD1 . LEU A 1 133 ? -11.386 1.201   18.633  1.00 24.17 ? 133 LEU A CD1 1 
ATOM   1079 C CD2 . LEU A 1 133 ? -10.585 -1.154  18.607  1.00 24.79 ? 133 LEU A CD2 1 
ATOM   1080 N N   . GLY A 1 134 ? -15.190 -1.387  15.662  1.00 23.80 ? 134 GLY A N   1 
ATOM   1081 C CA  . GLY A 1 134 ? -16.600 -1.613  15.346  1.00 24.91 ? 134 GLY A CA  1 
ATOM   1082 C C   . GLY A 1 134 ? -17.410 -0.838  16.344  1.00 25.69 ? 134 GLY A C   1 
ATOM   1083 O O   . GLY A 1 134 ? -18.624 -1.044  16.503  1.00 26.57 ? 134 GLY A O   1 
ATOM   1084 N N   . ARG A 1 135 ? -16.677 0.022   17.048  1.00 25.61 ? 135 ARG A N   1 
ATOM   1085 C CA  . ARG A 1 135 ? -17.205 0.914   18.089  1.00 25.77 ? 135 ARG A CA  1 
ATOM   1086 C C   . ARG A 1 135 ? -16.436 2.239   18.114  1.00 25.91 ? 135 ARG A C   1 
ATOM   1087 O O   . ARG A 1 135 ? -15.378 2.361   17.466  1.00 26.45 ? 135 ARG A O   1 
ATOM   1088 C CB  . ARG A 1 135 ? -17.080 0.263   19.468  1.00 25.79 ? 135 ARG A CB  1 
ATOM   1089 C CG  . ARG A 1 135 ? -17.917 -0.970  19.645  1.00 27.70 ? 135 ARG A CG  1 
ATOM   1090 C CD  . ARG A 1 135 ? -18.227 -1.185  21.103  1.00 30.83 ? 135 ARG A CD  1 
ATOM   1091 N NE  . ARG A 1 135 ? -19.094 -0.122  21.620  1.00 34.59 ? 135 ARG A NE  1 
ATOM   1092 C CZ  . ARG A 1 135 ? -20.400 -0.257  21.808  1.00 36.76 ? 135 ARG A CZ  1 
ATOM   1093 N NH1 . ARG A 1 135 ? -21.116 0.757   22.272  1.00 39.85 ? 135 ARG A NH1 1 
ATOM   1094 N NH2 . ARG A 1 135 ? -20.990 -1.410  21.542  1.00 37.92 ? 135 ARG A NH2 1 
HETATM 1095 C C29 . CE9 B 2 .   ? 17.084  9.214   10.256  1.00 52.09 ? 144 CE9 A C29 1 
HETATM 1096 C C30 . CE9 B 2 .   ? 15.834  8.532   9.702   1.00 52.34 ? 144 CE9 A C30 1 
HETATM 1097 O O31 . CE9 B 2 .   ? 15.879  8.572   8.277   1.00 52.63 ? 144 CE9 A O31 1 
HETATM 1098 C C32 . CE9 B 2 .   ? 14.758  7.952   7.656   1.00 50.50 ? 144 CE9 A C32 1 
HETATM 1099 C C33 . CE9 B 2 .   ? 14.888  8.125   6.155   1.00 50.36 ? 144 CE9 A C33 1 
HETATM 1100 O O34 . CE9 B 2 .   ? 16.054  7.437   5.722   1.00 49.24 ? 144 CE9 A O34 1 
HETATM 1101 C C35 . CE9 B 2 .   ? 16.846  8.248   4.871   1.00 51.26 ? 144 CE9 A C35 1 
HETATM 1102 C C36 . CE9 B 2 .   ? 17.620  7.366   3.915   1.00 51.68 ? 144 CE9 A C36 1 
HETATM 1103 O O37 . CE9 B 2 .   ? 18.933  7.203   4.436   1.00 52.89 ? 144 CE9 A O37 1 
HETATM 1104 C C38 . CE9 B 2 .   ? 19.661  8.423   4.444   1.00 54.40 ? 144 CE9 A C38 1 
HETATM 1105 C C39 . CE9 B 2 .   ? 20.287  8.628   5.813   1.00 54.87 ? 144 CE9 A C39 1 
HETATM 1106 O OXT . CE9 B 2 .   ? 21.675  8.909   5.615   1.00 55.49 ? 144 CE9 A OXT 1 
HETATM 1107 O O   . HOH C 3 .   ? 9.155   -4.096  8.557   1.00 12.03 ? 145 HOH A O   1 
HETATM 1108 O O   . HOH C 3 .   ? 11.625  -9.224  4.282   1.00 15.82 ? 146 HOH A O   1 
HETATM 1109 O O   . HOH C 3 .   ? 18.767  -2.833  1.539   1.00 11.89 ? 147 HOH A O   1 
HETATM 1110 O O   . HOH C 3 .   ? 4.652   1.091   6.920   1.00 13.29 ? 148 HOH A O   1 
HETATM 1111 O O   . HOH C 3 .   ? 10.923  6.590   5.764   1.00 16.44 ? 149 HOH A O   1 
HETATM 1112 O O   . HOH C 3 .   ? 16.100  4.303   2.801   1.00 16.55 ? 150 HOH A O   1 
HETATM 1113 O O   . HOH C 3 .   ? -17.337 -9.374  5.667   1.00 35.56 ? 151 HOH A O   1 
HETATM 1114 O O   . HOH C 3 .   ? 4.227   -9.591  -6.211  1.00 20.41 ? 152 HOH A O   1 
HETATM 1115 O O   . HOH C 3 .   ? 17.705  -1.875  -6.036  1.00 16.44 ? 153 HOH A O   1 
HETATM 1116 O O   . HOH C 3 .   ? 22.664  0.080   0.607   1.00 14.40 ? 154 HOH A O   1 
HETATM 1117 O O   . HOH C 3 .   ? 17.829  -0.520  5.951   1.00 21.45 ? 155 HOH A O   1 
HETATM 1118 O O   . HOH C 3 .   ? 5.937   -15.691 -3.336  1.00 35.70 ? 156 HOH A O   1 
HETATM 1119 O O   . HOH C 3 .   ? 6.012   -9.234  1.028   1.00 17.00 ? 157 HOH A O   1 
HETATM 1120 O O   . HOH C 3 .   ? 15.246  -4.470  -5.481  1.00 24.34 ? 158 HOH A O   1 
HETATM 1121 O O   . HOH C 3 .   ? 7.078   9.679   -2.242  1.00 20.48 ? 159 HOH A O   1 
HETATM 1122 O O   . HOH C 3 .   ? 15.378  5.969   -1.716  1.00 21.50 ? 160 HOH A O   1 
HETATM 1123 O O   . HOH C 3 .   ? 16.698  -4.150  2.871   0.50 9.49  ? 161 HOH A O   1 
HETATM 1124 O O   . HOH C 3 .   ? 3.228   -9.803  0.802   1.00 18.23 ? 162 HOH A O   1 
HETATM 1125 O O   . HOH C 3 .   ? 14.157  -9.689  -2.551  1.00 33.42 ? 163 HOH A O   1 
HETATM 1126 O O   . HOH C 3 .   ? -13.244 0.313   -2.982  1.00 30.69 ? 164 HOH A O   1 
HETATM 1127 O O   . HOH C 3 .   ? 13.220  4.386   9.603   1.00 32.08 ? 165 HOH A O   1 
HETATM 1128 O O   . HOH C 3 .   ? 1.121   7.404   -6.222  1.00 23.86 ? 166 HOH A O   1 
HETATM 1129 O O   . HOH C 3 .   ? 7.382   14.389  -14.480 1.00 27.58 ? 167 HOH A O   1 
HETATM 1130 O O   . HOH C 3 .   ? -9.817  4.962   6.011   1.00 25.63 ? 168 HOH A O   1 
HETATM 1131 O O   . HOH C 3 .   ? 14.152  -9.468  -6.169  1.00 36.50 ? 169 HOH A O   1 
HETATM 1132 O O   . HOH C 3 .   ? 15.838  8.781   1.218   1.00 25.63 ? 170 HOH A O   1 
HETATM 1133 O O   . HOH C 3 .   ? 1.800   5.427   16.123  1.00 29.77 ? 171 HOH A O   1 
HETATM 1134 O O   . HOH C 3 .   ? -2.738  -3.116  -5.782  1.00 28.25 ? 172 HOH A O   1 
HETATM 1135 O O   . HOH C 3 .   ? 7.669   5.790   11.951  1.00 21.24 ? 173 HOH A O   1 
HETATM 1136 O O   . HOH C 3 .   ? -8.350  15.580  -8.181  1.00 33.54 ? 174 HOH A O   1 
HETATM 1137 O O   . HOH C 3 .   ? -14.308 -10.730 15.613  1.00 39.05 ? 175 HOH A O   1 
HETATM 1138 O O   . HOH C 3 .   ? 8.230   9.785   7.999   1.00 31.62 ? 176 HOH A O   1 
HETATM 1139 O O   . HOH C 3 .   ? -4.238  -11.522 2.078   1.00 18.56 ? 177 HOH A O   1 
HETATM 1140 O O   . HOH C 3 .   ? -4.281  -2.080  -16.541 1.00 40.70 ? 178 HOH A O   1 
HETATM 1141 O O   . HOH C 3 .   ? -7.330  12.460  -11.401 1.00 31.55 ? 179 HOH A O   1 
HETATM 1142 O O   . HOH C 3 .   ? 13.517  10.694  3.949   1.00 30.09 ? 180 HOH A O   1 
HETATM 1143 O O   . HOH C 3 .   ? -16.370 -11.113 13.285  1.00 29.28 ? 181 HOH A O   1 
HETATM 1144 O O   . HOH C 3 .   ? -13.322 4.633   3.110   1.00 33.15 ? 182 HOH A O   1 
HETATM 1145 O O   . HOH C 3 .   ? 12.479  9.801   -8.601  1.00 31.53 ? 183 HOH A O   1 
HETATM 1146 O O   . HOH C 3 .   ? -12.185 5.641   5.216   1.00 30.22 ? 184 HOH A O   1 
HETATM 1147 O O   . HOH C 3 .   ? 19.493  2.095   -4.235  1.00 31.87 ? 185 HOH A O   1 
HETATM 1148 O O   . HOH C 3 .   ? -5.603  -12.644 3.748   1.00 29.93 ? 186 HOH A O   1 
HETATM 1149 O O   . HOH C 3 .   ? -16.338 5.385   12.018  1.00 44.19 ? 187 HOH A O   1 
HETATM 1150 O O   . HOH C 3 .   ? 3.014   7.077   11.735  1.00 36.42 ? 188 HOH A O   1 
HETATM 1151 O O   . HOH C 3 .   ? 16.871  6.239   0.798   1.00 23.07 ? 189 HOH A O   1 
HETATM 1152 O O   . HOH C 3 .   ? 15.071  -5.162  -8.177  1.00 42.27 ? 190 HOH A O   1 
HETATM 1153 O O   . HOH C 3 .   ? 12.029  11.545  1.709   1.00 49.64 ? 191 HOH A O   1 
HETATM 1154 O O   . HOH C 3 .   ? -3.112  -4.241  -3.594  1.00 27.96 ? 192 HOH A O   1 
HETATM 1155 O O   . HOH C 3 .   ? 9.497   11.670  0.928   1.00 30.33 ? 193 HOH A O   1 
HETATM 1156 O O   . HOH C 3 .   ? 14.036  9.149   -1.311  1.00 37.06 ? 194 HOH A O   1 
HETATM 1157 O O   . HOH C 3 .   ? 9.772   2.777   12.114  1.00 29.75 ? 195 HOH A O   1 
HETATM 1158 O O   . HOH C 3 .   ? -16.415 8.473   17.621  1.00 26.81 ? 196 HOH A O   1 
HETATM 1159 O O   . HOH C 3 .   ? -15.765 -4.691  18.745  1.00 37.08 ? 197 HOH A O   1 
HETATM 1160 O O   . HOH C 3 .   ? 0.398   3.650   -18.354 1.00 36.75 ? 198 HOH A O   1 
HETATM 1161 O O   . HOH C 3 .   ? 6.868   -4.443  10.052  1.00 18.96 ? 199 HOH A O   1 
HETATM 1162 O O   . HOH C 3 .   ? -2.502  8.812   7.790   1.00 17.49 ? 200 HOH A O   1 
HETATM 1163 O O   . HOH C 3 .   ? 21.972  -2.732  -3.639  1.00 16.30 ? 201 HOH A O   1 
HETATM 1164 O O   . HOH C 3 .   ? 17.515  -6.982  -4.241  1.00 17.36 ? 202 HOH A O   1 
HETATM 1165 O O   . HOH C 3 .   ? -14.895 4.209   20.463  1.00 22.64 ? 203 HOH A O   1 
HETATM 1166 O O   . HOH C 3 .   ? 22.772  -0.552  -2.024  1.00 15.55 ? 204 HOH A O   1 
HETATM 1167 O O   . HOH C 3 .   ? 7.908   -11.354 1.620   1.00 26.71 ? 205 HOH A O   1 
HETATM 1168 O O   . HOH C 3 .   ? 4.899   15.727  -14.071 1.00 24.67 ? 206 HOH A O   1 
HETATM 1169 O O   . HOH C 3 .   ? 2.903   -12.476 1.511   1.00 27.30 ? 207 HOH A O   1 
HETATM 1170 O O   . HOH C 3 .   ? 22.871  2.829   0.936   1.00 23.69 ? 208 HOH A O   1 
HETATM 1171 O O   . HOH C 3 .   ? 18.464  3.130   3.441   1.00 21.46 ? 209 HOH A O   1 
HETATM 1172 O O   . HOH C 3 .   ? 5.002   14.467  -10.387 1.00 40.39 ? 210 HOH A O   1 
HETATM 1173 O O   . HOH C 3 .   ? 16.728  -10.022 -1.369  1.00 26.49 ? 211 HOH A O   1 
HETATM 1174 O O   . HOH C 3 .   ? 19.702  -5.434  -6.016  1.00 24.18 ? 212 HOH A O   1 
HETATM 1175 O O   . HOH C 3 .   ? 20.731  4.079   2.017   1.00 23.64 ? 213 HOH A O   1 
HETATM 1176 O O   . HOH C 3 .   ? 18.855  3.773   6.200   0.50 17.20 ? 214 HOH A O   1 
HETATM 1177 O O   . HOH C 3 .   ? 19.437  5.929   0.014   1.00 30.67 ? 215 HOH A O   1 
HETATM 1178 O O   . HOH C 3 .   ? 12.290  10.773  6.555   1.00 28.32 ? 216 HOH A O   1 
HETATM 1179 O O   . HOH C 3 .   ? 10.796  8.677   7.409   1.00 23.28 ? 217 HOH A O   1 
HETATM 1180 O O   . HOH C 3 .   ? 11.601  8.332   9.957   1.00 32.59 ? 218 HOH A O   1 
HETATM 1181 O O   . HOH C 3 .   ? -11.802 5.576   17.667  1.00 41.05 ? 219 HOH A O   1 
HETATM 1182 O O   . HOH C 3 .   ? 18.294  -7.118  -6.489  1.00 25.77 ? 220 HOH A O   1 
HETATM 1183 O O   . HOH C 3 .   ? 21.771  -3.853  -7.621  1.00 32.98 ? 221 HOH A O   1 
HETATM 1184 O O   . HOH C 3 .   ? -4.154  -0.945  4.960   1.00 50.98 ? 222 HOH A O   1 
HETATM 1185 O O   . HOH C 3 .   ? -5.454  -1.985  7.060   1.00 38.59 ? 223 HOH A O   1 
HETATM 1186 O O   . HOH C 3 .   ? 13.734  -13.693 -0.988  0.50 34.97 ? 224 HOH A O   1 
HETATM 1187 O O   . HOH C 3 .   ? -16.841 -1.793  4.126   1.00 35.10 ? 225 HOH A O   1 
HETATM 1188 O O   . HOH C 3 .   ? 8.969   -4.499  -12.241 1.00 40.03 ? 226 HOH A O   1 
HETATM 1189 O O   . HOH C 3 .   ? 16.970  4.325   -3.624  1.00 29.28 ? 227 HOH A O   1 
HETATM 1190 O O   . HOH C 3 .   ? -8.726  8.602   -11.739 1.00 44.18 ? 228 HOH A O   1 
HETATM 1191 O O   . HOH C 3 .   ? 8.666   12.693  -12.256 1.00 30.59 ? 229 HOH A O   1 
HETATM 1192 O O   . HOH C 3 .   ? 16.468  4.839   9.898   1.00 31.53 ? 230 HOH A O   1 
HETATM 1193 O O   . HOH C 3 .   ? 18.016  6.008   7.670   1.00 40.21 ? 231 HOH A O   1 
HETATM 1194 O O   . HOH C 3 .   ? 15.639  -9.146  1.190   0.50 7.34  ? 232 HOH A O   1 
HETATM 1195 O O   . HOH C 3 .   ? 10.457  4.707   -24.317 1.00 42.04 ? 233 HOH A O   1 
HETATM 1196 O O   . HOH C 3 .   ? -2.604  7.732   13.123  1.00 27.34 ? 234 HOH A O   1 
HETATM 1197 O O   . HOH C 3 .   ? 0.851   8.718   12.725  1.00 31.94 ? 235 HOH A O   1 
HETATM 1198 O O   . HOH C 3 .   ? 0.936   11.700  10.855  1.00 30.29 ? 236 HOH A O   1 
HETATM 1199 O O   . HOH C 3 .   ? 0.645   -7.530  11.823  1.00 36.36 ? 237 HOH A O   1 
HETATM 1200 O O   . HOH C 3 .   ? 5.439   -1.650  16.557  1.00 48.68 ? 238 HOH A O   1 
HETATM 1201 O O   . HOH C 3 .   ? 3.024   -14.815 6.339   1.00 35.73 ? 239 HOH A O   1 
HETATM 1202 O O   . HOH C 3 .   ? -2.921  -2.213  -14.669 1.00 41.56 ? 240 HOH A O   1 
HETATM 1203 O O   . HOH C 3 .   ? -12.647 -14.417 -1.185  1.00 37.47 ? 241 HOH A O   1 
HETATM 1204 O O   . HOH C 3 .   ? -12.245 11.811  -5.373  1.00 47.62 ? 242 HOH A O   1 
HETATM 1205 O O   . HOH C 3 .   ? -1.057  1.418   -3.543  1.00 51.73 ? 243 HOH A O   1 
HETATM 1206 O O   . HOH C 3 .   ? -16.048 2.520   22.118  1.00 20.23 ? 244 HOH A O   1 
HETATM 1207 O O   . HOH C 3 .   ? -13.966 5.109   18.611  1.00 40.28 ? 245 HOH A O   1 
HETATM 1208 O O   . HOH C 3 .   ? 2.263   15.334  -12.148 0.50 15.91 ? 246 HOH A O   1 
HETATM 1209 O O   . HOH C 3 .   ? -2.508  -1.921  -12.151 1.00 46.01 ? 247 HOH A O   1 
HETATM 1210 O O   . HOH C 3 .   ? 9.305   -10.637 4.581   1.00 27.72 ? 248 HOH A O   1 
HETATM 1211 O O   . HOH C 3 .   ? -2.910  -0.704  -4.768  1.00 43.39 ? 249 HOH A O   1 
HETATM 1212 O O   . HOH C 3 .   ? 7.379   2.321   13.226  1.00 30.35 ? 250 HOH A O   1 
HETATM 1213 O O   . HOH C 3 .   ? 10.846  -1.347  12.161  1.00 27.83 ? 251 HOH A O   1 
HETATM 1214 O O   . HOH C 3 .   ? 8.927   -1.859  13.488  1.00 36.10 ? 252 HOH A O   1 
HETATM 1215 O O   . HOH C 3 .   ? 19.733  5.045   -2.631  1.00 33.43 ? 253 HOH A O   1 
HETATM 1216 O O   . HOH C 3 .   ? 7.823   -8.299  11.867  1.00 38.69 ? 254 HOH A O   1 
HETATM 1217 O O   . HOH C 3 .   ? 14.745  6.501   -13.814 1.00 39.66 ? 255 HOH A O   1 
HETATM 1218 O O   . HOH C 3 .   ? 11.514  5.028   -13.247 1.00 38.28 ? 256 HOH A O   1 
HETATM 1219 O O   . HOH C 3 .   ? 9.610   -10.080 -11.531 1.00 45.87 ? 257 HOH A O   1 
HETATM 1220 O O   . HOH C 3 .   ? 4.013   -5.756  -11.911 1.00 32.04 ? 258 HOH A O   1 
HETATM 1221 O O   . HOH C 3 .   ? 6.386   -0.242  13.776  1.00 45.11 ? 259 HOH A O   1 
HETATM 1222 O O   . HOH C 3 .   ? -18.136 -3.717  -3.754  1.00 46.49 ? 260 HOH A O   1 
HETATM 1223 O O   . HOH C 3 .   ? 11.146  13.240  -11.390 1.00 36.51 ? 261 HOH A O   1 
HETATM 1224 O O   . HOH C 3 .   ? -15.169 -3.357  2.930   1.00 42.77 ? 262 HOH A O   1 
HETATM 1225 O O   . HOH C 3 .   ? 15.901  -7.855  -7.515  1.00 44.41 ? 263 HOH A O   1 
HETATM 1226 O O   . HOH C 3 .   ? 11.750  -12.584 -4.768  1.00 35.52 ? 264 HOH A O   1 
HETATM 1227 O O   . HOH C 3 .   ? -18.095 -13.359 6.901   1.00 40.50 ? 265 HOH A O   1 
HETATM 1228 O O   . HOH C 3 .   ? -16.816 4.537   21.578  1.00 35.24 ? 266 HOH A O   1 
HETATM 1229 O O   . HOH C 3 .   ? -14.870 8.101   11.213  1.00 46.62 ? 267 HOH A O   1 
HETATM 1230 O O   . HOH C 3 .   ? -18.334 3.117   15.862  1.00 46.01 ? 268 HOH A O   1 
HETATM 1231 O O   . HOH C 3 .   ? 6.065   1.150   -21.590 1.00 56.79 ? 269 HOH A O   1 
HETATM 1232 O O   . HOH C 3 .   ? 4.681   -12.002 -8.309  1.00 31.63 ? 270 HOH A O   1 
HETATM 1233 O O   . HOH C 3 .   ? 9.879   -13.179 5.293   1.00 47.21 ? 271 HOH A O   1 
HETATM 1234 O O   . HOH C 3 .   ? 19.226  -0.174  -6.227  1.00 50.41 ? 272 HOH A O   1 
HETATM 1235 O O   . HOH C 3 .   ? -0.913  7.388   14.651  1.00 37.34 ? 273 HOH A O   1 
HETATM 1236 O O   . HOH C 3 .   ? -15.136 0.979   -4.601  1.00 49.14 ? 274 HOH A O   1 
HETATM 1237 O O   . HOH C 3 .   ? -12.997 10.672  -8.960  1.00 38.64 ? 275 HOH A O   1 
HETATM 1238 O O   . HOH C 3 .   ? -18.816 5.935   15.071  1.00 48.95 ? 276 HOH A O   1 
HETATM 1239 O O   . HOH C 3 .   ? -16.906 -0.718  6.635   1.00 46.10 ? 277 HOH A O   1 
HETATM 1240 O O   . HOH C 3 .   ? 13.300  8.796   -4.403  1.00 40.57 ? 278 HOH A O   1 
HETATM 1241 O O   . HOH C 3 .   ? -11.520 3.022   -9.874  1.00 35.30 ? 279 HOH A O   1 
HETATM 1242 O O   . HOH C 3 .   ? 11.920  -11.289 -7.162  1.00 37.43 ? 280 HOH A O   1 
HETATM 1243 O O   . HOH C 3 .   ? -9.670  -12.075 4.335   1.00 44.55 ? 281 HOH A O   1 
HETATM 1244 O O   . HOH C 3 .   ? 6.061   -6.135  13.733  1.00 56.68 ? 282 HOH A O   1 
HETATM 1245 O O   . HOH C 3 .   ? 10.900  6.954   -16.575 1.00 41.08 ? 283 HOH A O   1 
HETATM 1246 O O   . HOH C 3 .   ? -0.352  -9.313  10.146  1.00 32.06 ? 284 HOH A O   1 
HETATM 1247 O O   . HOH C 3 .   ? 16.491  2.384   -8.407  1.00 43.76 ? 285 HOH A O   1 
HETATM 1248 O O   . HOH C 3 .   ? -14.544 -17.005 5.624   1.00 41.47 ? 286 HOH A O   1 
HETATM 1249 O O   . HOH C 3 .   ? -2.681  1.339   -5.587  1.00 50.23 ? 287 HOH A O   1 
HETATM 1250 O O   . HOH C 3 .   ? 8.896   5.514   -13.361 1.00 43.14 ? 288 HOH A O   1 
HETATM 1251 O O   . HOH C 3 .   ? -7.550  -14.242 4.097   1.00 45.69 ? 289 HOH A O   1 
HETATM 1252 O O   . HOH C 3 .   ? -18.446 3.668   19.067  1.00 47.80 ? 290 HOH A O   1 
HETATM 1253 O O   . HOH C 3 .   ? -19.121 3.139   22.542  1.00 36.68 ? 291 HOH A O   1 
HETATM 1254 O O   . HOH C 3 .   ? -19.434 5.629   23.119  1.00 32.21 ? 292 HOH A O   1 
HETATM 1255 O O   . HOH C 3 .   ? -17.306 -11.546 4.913   1.00 50.82 ? 293 HOH A O   1 
HETATM 1256 O O   . HOH C 3 .   ? -18.413 -3.301  -0.030  1.00 39.85 ? 294 HOH A O   1 
HETATM 1257 O O   . HOH C 3 .   ? -14.809 -5.282  14.074  1.00 58.10 ? 295 HOH A O   1 
HETATM 1258 O O   . HOH C 3 .   ? 7.070   5.160   -15.345 1.00 38.96 ? 296 HOH A O   1 
HETATM 1259 O O   . HOH C 3 .   ? -20.094 -5.075  -1.811  1.00 44.26 ? 297 HOH A O   1 
HETATM 1260 O O   . HOH C 3 .   ? 7.787   2.395   -16.704 1.00 57.57 ? 298 HOH A O   1 
HETATM 1261 O O   . HOH C 3 .   ? -11.958 11.348  -3.005  1.00 34.62 ? 299 HOH A O   1 
HETATM 1262 O O   . HOH C 3 .   ? 7.510   -6.043  -10.893 1.00 37.85 ? 300 HOH A O   1 
HETATM 1263 O O   . HOH C 3 .   ? -8.295  -10.703 -6.698  1.00 61.76 ? 301 HOH A O   1 
HETATM 1264 O O   . HOH C 3 .   ? 18.950  -0.555  -13.247 1.00 55.81 ? 302 HOH A O   1 
HETATM 1265 O O   . HOH C 3 .   ? 3.338   -1.937  17.417  1.00 42.07 ? 303 HOH A O   1 
HETATM 1266 O O   . HOH C 3 .   ? 11.429  -2.934  -11.742 1.00 46.06 ? 304 HOH A O   1 
HETATM 1267 O O   . HOH C 3 .   ? -15.466 -6.188  -6.169  1.00 46.27 ? 305 HOH A O   1 
HETATM 1268 O O   . HOH C 3 .   ? -19.744 -3.239  18.014  1.00 55.54 ? 306 HOH A O   1 
HETATM 1269 O O   . HOH C 3 .   ? 2.632   -13.931 -9.792  1.00 54.68 ? 307 HOH A O   1 
HETATM 1270 O O   . HOH C 3 .   ? 5.920   4.820   13.726  1.00 36.22 ? 308 HOH A O   1 
HETATM 1271 O O   . HOH C 3 .   ? 8.423   -4.453  12.467  1.00 39.86 ? 309 HOH A O   1 
HETATM 1272 O O   . HOH C 3 .   ? 12.634  6.231   11.168  1.00 38.06 ? 310 HOH A O   1 
HETATM 1273 O O   . HOH C 3 .   ? 3.380   -10.191 12.424  1.00 46.79 ? 311 HOH A O   1 
HETATM 1274 O O   . HOH C 3 .   ? 6.197   -13.664 1.997   1.00 44.05 ? 312 HOH A O   1 
HETATM 1275 O O   . HOH C 3 .   ? 9.925   -12.906 -3.413  1.00 39.74 ? 313 HOH A O   1 
HETATM 1276 O O   . HOH C 3 .   ? 22.718  -1.809  -6.068  1.00 35.73 ? 314 HOH A O   1 
HETATM 1277 O O   . HOH C 3 .   ? 5.373   9.627   12.122  1.00 37.26 ? 315 HOH A O   1 
HETATM 1278 O O   . HOH C 3 .   ? 3.142   11.035  12.384  1.00 42.68 ? 316 HOH A O   1 
HETATM 1279 O O   . HOH C 3 .   ? 10.132  5.779   12.720  1.00 44.30 ? 317 HOH A O   1 
HETATM 1280 O O   . HOH C 3 .   ? 23.256  4.121   -1.241  1.00 43.70 ? 318 HOH A O   1 
# 
